data_7SHF
#
_entry.id   7SHF
#
_cell.length_a   1.00
_cell.length_b   1.00
_cell.length_c   1.00
_cell.angle_alpha   90.00
_cell.angle_beta   90.00
_cell.angle_gamma   90.00
#
_symmetry.space_group_name_H-M   'P 1'
#
loop_
_entity.id
_entity.type
_entity.pdbx_description
1 polymer 'Isoform 2 of Regulator of G-protein signaling 7'
2 polymer 'Guanine nucleotide-binding protein subunit beta-5'
3 polymer 'G-protein coupled receptor 158'
4 non-polymer CHOLESTEROL
5 non-polymer '(2S)-1-{[(S)-hydroxy{[(1s,2R,3R,4R,5S,6S)-2,3,4,5,6-pentahydroxycyclohexyl]oxy}phosphoryl]oxy}-3-(octadecanoyloxy)propan-2-yl (5E,8E,11E,14E)-icosa-5,8,11,14-tetraenoate'
6 non-polymer 1,2-dioleoyl-sn-glycero-3-phosphoethanolamine
#
loop_
_entity_poly.entity_id
_entity_poly.type
_entity_poly.pdbx_seq_one_letter_code
_entity_poly.pdbx_strand_id
1 'polypeptide(L)'
;MAQGNNYGQTSNGVADESPNMLVYRKMEDVIARMQDEKNGIPIRTVKSFLSKIPSVFSGSDIVQWLIKNLTIEDPVEALH
LGTLMAAHGYFFPISDHVLTLKDDGTFYRFQTPYFWPSNCWEPENTDYAVYLCKRTMQNKARLELADYEAESLARLQRAF
ARKWEFIFMQAEAQAKVDKKRDKIERKILDSQERAFWDVHRPVPGCVNTTEVDIKKSSRMRNPHKTRKSVYGLQNDIRSH
SPTHTPTPETKPPTEDELQQQIKYWQIQLDRHRLKMSKVADSLLSYTEQYLEYDPFLLPPDPSNPWLSDDTTFWELEASK
EPSQQRVKRWGFGMDEALKDPVGREQFLKFLESEFSSENLRFWLAVEDLKKRPIKEVPSRVQEIWQEFLAPGAPSAINLD
SKSYDKTTQNVKEPGRYTFEDAQEHIYKLMKSDSYPRFIRSSAYQELLQAKKKGKSLTSKRLTSLAQSY
;
C
2 'polypeptide(L)'
;MATDGLHENETLASLKSEAESLKGKLEEERAKLHDVELHQVAERVEALGQFVMKTRRTLKGHGNKVLCMDWCKDKRRIVS
SSQDGKVIVWDSFTTNKEHAVTMPCTWVMACAYAPSGCAIACGGLDNKCSVYPLTFDKNENMAAKKKSVAMHTNYLSACS
FTNSDMQILTASGDGTCALWDVESGQLLQSFHGHGADVLCLDLAPSETGNTFVSGGCDKKAMVWDMRSGQCVQAFETHES
DVNSVRYYPSGDAFASGSDDATCRLYDLRADREVAIYSKESIIFGASSVDFSLSGRLLFAGYNDYTINVWDVLKGSRVSI
LFGHENRVSTLRVSPDGTAFCSGSWDHTLRVWA
;
D
3 'polypeptide(L)'
;MGAMAYPLLLCLLLAQLGLGAVGASRDPQGRPDSPRERTPKGKPHAQQPGRASASDSSAPWSRSTDGTILAQKLAEEVPM
DVASYLYTGDSHQLKRANCSGRYELAGLPGKWPALASAHPSLHRALDTLTHATNFLNVMLQSNKSREQNLQDDLDWYQAL
VWSLLEGEPSISRAAITFSTDSLSAPAPQVFLQATREESRILLQDLSSSAPHLANATLETEWFHGLRRKWRPHLHRRGPN
QGPRGLGHSWRRKDGLGGDKSHFKWSPPYLECENGSYKPGWLVTLSSAIYGLQPNLVPEFRGVMKVDINLQKVDIDQCSS
DGWFSGTHKCHLNNSECMPIKGLGFVLGAYECICKAGFYHPGVLPVNNFRRRGPDQHISGSTKDVSEEAYVCLPCREGCP
FCADDSPCFVQEDKYLRLAIISFQALCMLLDFVSMLVVYHFRKAKSIRASGLILLETILFGSLLLYFPVVILYFEPSTFR
CILLRWARLLGFATVYGTVTLKLHRVLKVFLSRTAQRIPYMTGGRVMRMLAVILLVVFWFLIGWTSSVCQNLEKQISLIG
QGKTSDHLIFNMCLIDRWDYMTAVAEFLFLLWGVYLCYAVRTVPSAFHEPRYMAVAVHNELIISAIFHTIRFVLASRLQS
DWMLMLYFAHTHLTVTVTIGLLLIPKFSHSSNNPRDDIATEAYEDELDMGRSGSYLNSSINSAWSEHSLDPEDIRDELKK
LYAQLEIYKRKKMITNNPHLQKKRCSKKGLGRSIMRRITEIPETVSRQCSKEDKELEVLFQ
;
B,A
#
loop_
_chem_comp.id
_chem_comp.type
_chem_comp.name
_chem_comp.formula
CLR non-polymer CHOLESTEROL 'C27 H46 O'
EIJ non-polymer '(2S)-1-{[(S)-hydroxy{[(1s,2R,3R,4R,5S,6S)-2,3,4,5,6-pentahydroxycyclohexyl]oxy}phosphoryl]oxy}-3-(octadecanoyloxy)propan-2-yl (5E,8E,11E,14E)-icosa-5,8,11,14-tetraenoate' 'C47 H83 O13 P'
PEE non-polymer 1,2-dioleoyl-sn-glycero-3-phosphoethanolamine 'C41 H78 N O8 P'
#
# COMPACT_ATOMS: atom_id res chain seq x y z
N SER A 18 -26.26 -8.32 -5.08
CA SER A 18 -26.02 -6.93 -4.71
C SER A 18 -25.85 -6.79 -3.20
N PRO A 19 -24.71 -7.26 -2.67
CA PRO A 19 -24.50 -7.23 -1.22
C PRO A 19 -24.33 -5.82 -0.67
N ASN A 20 -23.42 -5.07 -1.26
CA ASN A 20 -23.05 -3.73 -0.78
C ASN A 20 -23.79 -2.63 -1.52
N MET A 21 -24.72 -2.97 -2.40
CA MET A 21 -25.30 -1.96 -3.27
C MET A 21 -26.08 -0.89 -2.49
N LEU A 22 -26.55 -1.22 -1.28
CA LEU A 22 -27.26 -0.23 -0.50
C LEU A 22 -26.34 0.90 -0.04
N VAL A 23 -25.14 0.56 0.40
CA VAL A 23 -24.22 1.61 0.84
C VAL A 23 -23.52 2.26 -0.34
N TYR A 24 -23.40 1.56 -1.47
CA TYR A 24 -22.82 2.18 -2.66
C TYR A 24 -23.76 3.21 -3.26
N ARG A 25 -25.06 3.09 -3.03
CA ARG A 25 -26.04 4.03 -3.54
C ARG A 25 -26.23 5.21 -2.61
N LYS A 26 -25.54 5.24 -1.47
CA LYS A 26 -25.58 6.37 -0.55
C LYS A 26 -24.25 7.11 -0.44
N MET A 27 -23.14 6.48 -0.85
CA MET A 27 -21.93 7.25 -1.08
C MET A 27 -21.98 8.00 -2.40
N GLU A 28 -22.68 7.43 -3.39
CA GLU A 28 -22.81 8.11 -4.68
C GLU A 28 -23.71 9.34 -4.58
N ASP A 29 -24.73 9.30 -3.72
CA ASP A 29 -25.57 10.48 -3.51
C ASP A 29 -24.76 11.62 -2.90
N VAL A 30 -23.83 11.30 -2.00
CA VAL A 30 -22.97 12.32 -1.43
C VAL A 30 -22.01 12.86 -2.48
N ILE A 31 -21.47 11.98 -3.33
CA ILE A 31 -20.55 12.43 -4.37
C ILE A 31 -21.22 13.42 -5.30
N ALA A 32 -22.46 13.14 -5.69
CA ALA A 32 -23.20 14.08 -6.54
C ALA A 32 -23.38 15.42 -5.84
N ARG A 33 -23.56 15.41 -4.52
CA ARG A 33 -23.65 16.66 -3.77
C ARG A 33 -22.30 17.35 -3.65
N MET A 34 -21.19 16.61 -3.65
CA MET A 34 -19.88 17.22 -3.69
C MET A 34 -19.66 18.00 -4.98
N GLN A 35 -20.09 17.43 -6.10
CA GLN A 35 -19.78 17.93 -7.43
C GLN A 35 -20.64 19.09 -7.86
N ASP A 36 -21.66 19.45 -7.09
CA ASP A 36 -22.55 20.53 -7.48
C ASP A 36 -21.80 21.86 -7.51
N GLU A 37 -22.19 22.71 -8.47
CA GLU A 37 -21.43 23.94 -8.73
C GLU A 37 -21.81 25.07 -7.79
N LYS A 38 -23.08 25.16 -7.38
CA LYS A 38 -23.50 26.28 -6.56
C LYS A 38 -22.98 26.18 -5.14
N ASN A 39 -23.09 25.00 -4.53
CA ASN A 39 -22.74 24.83 -3.11
C ASN A 39 -21.94 23.54 -2.93
N GLY A 40 -20.94 23.34 -3.78
CA GLY A 40 -20.10 22.17 -3.70
C GLY A 40 -18.64 22.52 -3.53
N ILE A 41 -17.77 21.53 -3.70
CA ILE A 41 -16.32 21.74 -3.58
C ILE A 41 -15.79 22.30 -4.90
N PRO A 42 -15.19 23.49 -4.89
CA PRO A 42 -14.59 24.02 -6.12
C PRO A 42 -13.35 23.24 -6.53
N ILE A 43 -13.13 23.15 -7.83
CA ILE A 43 -11.97 22.49 -8.39
C ILE A 43 -11.04 23.55 -8.97
N ARG A 44 -9.77 23.48 -8.59
CA ARG A 44 -8.79 24.51 -8.93
C ARG A 44 -7.55 23.88 -9.53
N THR A 45 -6.77 24.71 -10.21
CA THR A 45 -5.47 24.33 -10.75
C THR A 45 -4.40 25.09 -10.01
N VAL A 46 -3.44 24.37 -9.43
CA VAL A 46 -2.46 24.96 -8.53
C VAL A 46 -1.06 24.84 -9.13
N LYS A 47 -0.23 25.85 -8.85
CA LYS A 47 1.16 25.90 -9.28
C LYS A 47 1.97 26.53 -8.17
N SER A 48 3.01 25.83 -7.71
CA SER A 48 3.90 26.35 -6.66
C SER A 48 5.35 26.28 -7.15
N PHE A 49 5.74 27.27 -7.95
CA PHE A 49 7.13 27.60 -8.31
C PHE A 49 7.93 26.43 -8.86
N LEU A 50 7.29 25.29 -9.11
CA LEU A 50 8.02 24.13 -9.63
C LEU A 50 7.35 23.53 -10.86
N SER A 51 6.02 23.46 -10.84
CA SER A 51 5.26 22.80 -11.89
C SER A 51 3.81 23.22 -11.79
N LYS A 52 3.00 22.75 -12.74
CA LYS A 52 1.57 23.08 -12.80
C LYS A 52 0.78 21.82 -12.53
N ILE A 53 -0.05 21.86 -11.50
CA ILE A 53 -0.90 20.73 -11.12
C ILE A 53 -2.35 21.11 -11.46
N PRO A 54 -2.97 20.45 -12.44
CA PRO A 54 -4.30 20.86 -12.89
C PRO A 54 -5.44 20.12 -12.23
N SER A 55 -6.49 20.86 -11.89
CA SER A 55 -7.77 20.30 -11.45
C SER A 55 -7.63 19.39 -10.24
N VAL A 56 -7.28 19.96 -9.09
CA VAL A 56 -7.18 19.21 -7.84
C VAL A 56 -7.89 20.01 -6.75
N PHE A 57 -8.17 19.35 -5.62
CA PHE A 57 -8.69 20.01 -4.44
C PHE A 57 -7.92 19.51 -3.22
N SER A 58 -7.76 20.39 -2.24
CA SER A 58 -6.95 20.08 -1.07
C SER A 58 -7.67 19.09 -0.16
N GLY A 59 -6.88 18.37 0.63
CA GLY A 59 -7.46 17.41 1.57
C GLY A 59 -8.29 18.09 2.63
N SER A 60 -7.89 19.29 3.06
CA SER A 60 -8.66 20.02 4.06
C SER A 60 -9.95 20.61 3.49
N ASP A 61 -10.13 20.57 2.18
CA ASP A 61 -11.38 21.04 1.59
C ASP A 61 -12.53 20.11 1.95
N ILE A 62 -12.31 18.80 1.84
CA ILE A 62 -13.37 17.84 2.09
C ILE A 62 -13.76 17.85 3.56
N VAL A 63 -12.78 17.78 4.45
CA VAL A 63 -13.05 17.64 5.87
C VAL A 63 -13.83 18.84 6.39
N GLN A 64 -13.56 20.03 5.85
CA GLN A 64 -14.37 21.19 6.22
C GLN A 64 -15.72 21.17 5.53
N TRP A 65 -15.83 20.53 4.37
CA TRP A 65 -17.13 20.43 3.71
C TRP A 65 -18.07 19.53 4.50
N LEU A 66 -17.59 18.35 4.90
CA LEU A 66 -18.45 17.33 5.50
C LEU A 66 -19.06 17.84 6.80
N ILE A 67 -18.27 18.55 7.60
CA ILE A 67 -18.77 19.05 8.89
C ILE A 67 -19.93 20.01 8.67
N LYS A 68 -19.98 20.68 7.52
CA LYS A 68 -21.03 21.65 7.28
C LYS A 68 -22.31 20.99 6.79
N ASN A 69 -22.24 20.27 5.66
CA ASN A 69 -23.46 19.75 5.04
C ASN A 69 -24.06 18.59 5.84
N LEU A 70 -23.22 17.69 6.34
CA LEU A 70 -23.70 16.52 7.07
C LEU A 70 -23.90 16.79 8.56
N THR A 71 -23.54 17.98 9.03
CA THR A 71 -23.63 18.36 10.44
C THR A 71 -22.94 17.29 11.30
N ILE A 72 -21.67 17.04 11.01
CA ILE A 72 -20.87 16.12 11.81
C ILE A 72 -20.09 16.96 12.82
N GLU A 73 -20.61 17.08 14.04
CA GLU A 73 -19.99 17.93 15.04
C GLU A 73 -18.60 17.43 15.43
N ASP A 74 -18.46 16.14 15.65
CA ASP A 74 -17.16 15.60 16.04
C ASP A 74 -16.23 15.62 14.84
N PRO A 75 -15.03 16.21 14.97
CA PRO A 75 -14.14 16.26 13.80
C PRO A 75 -13.50 14.94 13.47
N VAL A 76 -13.35 14.03 14.44
CA VAL A 76 -12.83 12.71 14.14
C VAL A 76 -13.87 11.90 13.37
N GLU A 77 -15.15 12.08 13.70
CA GLU A 77 -16.20 11.37 12.99
C GLU A 77 -16.26 11.79 11.52
N ALA A 78 -16.09 13.08 11.24
CA ALA A 78 -16.06 13.55 9.87
C ALA A 78 -14.85 12.98 9.13
N LEU A 79 -13.72 12.89 9.81
CA LEU A 79 -12.53 12.33 9.18
C LEU A 79 -12.62 10.81 9.04
N HIS A 80 -13.38 10.16 9.92
CA HIS A 80 -13.60 8.72 9.76
C HIS A 80 -14.56 8.41 8.62
N LEU A 81 -15.62 9.20 8.49
CA LEU A 81 -16.52 9.03 7.35
C LEU A 81 -15.81 9.29 6.03
N GLY A 82 -14.98 10.33 6.00
CA GLY A 82 -14.29 10.67 4.76
C GLY A 82 -13.33 9.59 4.30
N THR A 83 -12.58 9.00 5.22
CA THR A 83 -11.58 8.02 4.84
C THR A 83 -12.20 6.71 4.37
N LEU A 84 -13.46 6.45 4.73
CA LEU A 84 -14.13 5.25 4.21
C LEU A 84 -14.59 5.45 2.78
N MET A 85 -15.03 6.67 2.43
CA MET A 85 -15.35 6.99 1.05
C MET A 85 -14.11 6.88 0.16
N ALA A 86 -12.98 7.40 0.65
CA ALA A 86 -11.75 7.33 -0.11
C ALA A 86 -11.26 5.90 -0.27
N ALA A 87 -11.37 5.10 0.80
CA ALA A 87 -10.86 3.73 0.77
C ALA A 87 -11.66 2.83 -0.16
N HIS A 88 -12.90 3.20 -0.47
CA HIS A 88 -13.75 2.38 -1.33
C HIS A 88 -13.58 2.69 -2.81
N GLY A 89 -12.85 3.76 -3.15
CA GLY A 89 -12.56 4.08 -4.54
C GLY A 89 -13.38 5.20 -5.14
N TYR A 90 -13.57 6.28 -4.39
CA TYR A 90 -14.35 7.42 -4.87
C TYR A 90 -13.52 8.69 -5.03
N PHE A 91 -12.68 9.04 -4.06
CA PHE A 91 -11.60 9.98 -4.30
C PHE A 91 -10.34 9.44 -3.67
N PHE A 92 -9.20 9.78 -4.26
CA PHE A 92 -7.95 9.13 -3.93
C PHE A 92 -6.84 10.15 -3.77
N PRO A 93 -5.79 9.84 -3.00
CA PRO A 93 -4.61 10.70 -2.97
C PRO A 93 -3.94 10.71 -4.34
N ILE A 94 -3.45 11.88 -4.73
CA ILE A 94 -2.89 12.04 -6.06
C ILE A 94 -1.57 11.28 -6.20
N SER A 95 -0.80 11.17 -5.12
CA SER A 95 0.54 10.61 -5.19
C SER A 95 0.80 9.65 -4.04
N ASP A 96 -0.11 8.71 -3.80
CA ASP A 96 0.10 7.70 -2.77
C ASP A 96 -0.64 6.43 -3.15
N HIS A 97 -0.20 5.33 -2.57
CA HIS A 97 -0.81 4.02 -2.81
C HIS A 97 -1.68 3.54 -1.65
N VAL A 98 -1.81 4.32 -0.58
CA VAL A 98 -2.65 3.97 0.55
C VAL A 98 -3.78 4.99 0.59
N LEU A 99 -4.95 4.59 0.10
CA LEU A 99 -6.07 5.52 0.02
C LEU A 99 -6.53 5.87 1.42
N THR A 100 -6.68 7.18 1.68
CA THR A 100 -7.07 7.69 2.98
C THR A 100 -7.45 9.15 2.82
N LEU A 101 -7.85 9.77 3.92
CA LEU A 101 -8.15 11.19 3.94
C LEU A 101 -7.37 11.82 5.09
N LYS A 102 -6.60 12.86 4.79
CA LYS A 102 -5.76 13.53 5.76
C LYS A 102 -6.11 15.01 5.80
N ASP A 103 -6.16 15.56 7.00
CA ASP A 103 -6.59 16.95 7.20
C ASP A 103 -5.38 17.88 7.07
N ASP A 104 -4.87 17.97 5.85
CA ASP A 104 -3.77 18.86 5.54
C ASP A 104 -3.93 19.30 4.08
N GLY A 105 -2.86 19.83 3.50
CA GLY A 105 -2.89 20.38 2.17
C GLY A 105 -2.69 19.40 1.04
N THR A 106 -2.79 18.09 1.29
CA THR A 106 -2.61 17.11 0.24
C THR A 106 -3.71 17.26 -0.82
N PHE A 107 -3.37 16.94 -2.06
CA PHE A 107 -4.25 17.15 -3.20
C PHE A 107 -4.92 15.84 -3.57
N TYR A 108 -6.25 15.84 -3.65
CA TYR A 108 -7.03 14.66 -3.99
C TYR A 108 -7.80 14.92 -5.29
N ARG A 109 -8.33 13.85 -5.86
CA ARG A 109 -9.04 13.95 -7.13
C ARG A 109 -10.12 12.87 -7.20
N PHE A 110 -11.24 13.18 -7.85
CA PHE A 110 -12.37 12.27 -7.91
C PHE A 110 -12.05 11.04 -8.75
N GLN A 111 -13.03 10.16 -8.91
CA GLN A 111 -12.92 8.95 -9.72
C GLN A 111 -13.99 8.97 -10.80
N THR A 112 -13.63 8.52 -12.00
CA THR A 112 -14.58 8.53 -13.11
C THR A 112 -15.69 7.52 -12.88
N PRO A 113 -16.93 7.85 -13.25
CA PRO A 113 -18.05 6.91 -13.01
C PRO A 113 -17.92 5.58 -13.72
N TYR A 114 -16.98 5.44 -14.65
CA TYR A 114 -16.80 4.14 -15.29
C TYR A 114 -16.13 3.15 -14.34
N PHE A 115 -15.20 3.61 -13.51
CA PHE A 115 -14.47 2.74 -12.62
C PHE A 115 -15.10 2.62 -11.24
N TRP A 116 -16.31 3.13 -11.06
CA TRP A 116 -16.94 3.09 -9.75
C TRP A 116 -17.15 1.64 -9.32
N PRO A 117 -17.02 1.34 -8.02
CA PRO A 117 -17.15 -0.05 -7.57
C PRO A 117 -18.55 -0.61 -7.72
N SER A 118 -19.57 0.23 -7.86
CA SER A 118 -20.94 -0.24 -8.02
C SER A 118 -21.22 -0.75 -9.43
N ASN A 119 -20.21 -0.79 -10.30
CA ASN A 119 -20.37 -1.26 -11.66
C ASN A 119 -20.08 -2.75 -11.81
N CYS A 120 -19.98 -3.47 -10.69
CA CYS A 120 -19.75 -4.92 -10.69
C CYS A 120 -18.44 -5.28 -11.40
N TRP A 121 -17.34 -4.84 -10.79
CA TRP A 121 -16.00 -5.08 -11.32
C TRP A 121 -15.36 -6.27 -10.61
N GLU A 122 -14.72 -7.14 -11.39
CA GLU A 122 -13.97 -8.27 -10.84
C GLU A 122 -12.93 -8.69 -11.86
N PRO A 123 -11.82 -7.95 -11.95
CA PRO A 123 -10.83 -8.22 -13.00
C PRO A 123 -10.02 -9.48 -12.73
N GLU A 124 -9.43 -10.00 -13.80
CA GLU A 124 -8.64 -11.23 -13.75
C GLU A 124 -7.16 -10.89 -13.65
N ASN A 125 -6.31 -11.92 -13.62
CA ASN A 125 -4.86 -11.73 -13.57
C ASN A 125 -4.22 -11.63 -14.94
N THR A 126 -4.98 -11.88 -16.01
CA THR A 126 -4.48 -11.63 -17.37
C THR A 126 -4.72 -10.20 -17.78
N ASP A 127 -5.38 -9.41 -16.93
CA ASP A 127 -5.61 -8.00 -17.19
C ASP A 127 -4.84 -7.10 -16.24
N TYR A 128 -4.34 -7.64 -15.13
CA TYR A 128 -3.43 -6.90 -14.25
C TYR A 128 -2.04 -6.81 -14.87
N ALA A 129 -1.59 -7.91 -15.47
CA ALA A 129 -0.25 -7.93 -16.07
C ALA A 129 -0.14 -6.93 -17.21
N VAL A 130 -1.20 -6.81 -18.01
CA VAL A 130 -1.18 -5.85 -19.12
C VAL A 130 -0.97 -4.44 -18.59
N TYR A 131 -1.67 -4.09 -17.51
CA TYR A 131 -1.44 -2.80 -16.88
C TYR A 131 -0.05 -2.71 -16.27
N LEU A 132 0.44 -3.82 -15.71
CA LEU A 132 1.71 -3.78 -15.01
C LEU A 132 2.88 -3.70 -15.99
N CYS A 133 2.76 -4.36 -17.15
CA CYS A 133 3.79 -4.25 -18.17
C CYS A 133 3.77 -2.90 -18.88
N LYS A 134 2.64 -2.19 -18.84
CA LYS A 134 2.59 -0.86 -19.44
C LYS A 134 3.48 0.11 -18.70
N ARG A 135 3.57 -0.02 -17.37
CA ARG A 135 4.36 0.93 -16.59
C ARG A 135 5.86 0.80 -16.86
N THR A 136 6.34 -0.42 -17.14
CA THR A 136 7.76 -0.58 -17.42
C THR A 136 8.16 0.09 -18.73
N MET A 137 7.30 0.01 -19.75
CA MET A 137 7.60 0.67 -21.02
C MET A 137 7.71 2.17 -20.85
N GLN A 138 6.80 2.78 -20.10
CA GLN A 138 6.86 4.21 -19.84
C GLN A 138 8.06 4.51 -18.98
N ASN A 139 8.89 5.47 -19.40
CA ASN A 139 10.07 5.91 -18.65
C ASN A 139 11.00 4.70 -18.40
N LYS A 140 11.59 4.23 -19.50
CA LYS A 140 12.45 3.06 -19.47
C LYS A 140 13.88 3.36 -19.05
N ALA A 141 14.12 4.49 -18.36
CA ALA A 141 15.42 4.79 -17.81
C ALA A 141 15.46 4.69 -16.29
N ARG A 142 14.31 4.49 -15.66
CA ARG A 142 14.17 4.56 -14.20
C ARG A 142 13.48 3.35 -13.59
N LEU A 143 12.49 2.79 -14.27
CA LEU A 143 11.63 1.75 -13.72
C LEU A 143 10.95 2.26 -12.44
N GLU A 144 10.05 3.21 -12.64
CA GLU A 144 9.27 3.72 -11.52
C GLU A 144 8.11 2.77 -11.26
N LEU A 145 8.07 2.22 -10.05
CA LEU A 145 7.04 1.30 -9.60
C LEU A 145 7.05 1.31 -8.09
N ALA A 146 6.40 0.33 -7.47
CA ALA A 146 6.42 0.16 -6.03
C ALA A 146 7.07 -1.16 -5.69
N ASP A 147 7.42 -1.32 -4.41
CA ASP A 147 8.10 -2.53 -3.98
C ASP A 147 7.24 -3.77 -4.20
N TYR A 148 5.96 -3.70 -3.86
CA TYR A 148 5.09 -4.87 -3.99
C TYR A 148 4.66 -5.09 -5.45
N GLU A 149 4.53 -4.02 -6.23
CA GLU A 149 4.13 -4.17 -7.62
C GLU A 149 5.15 -4.97 -8.41
N ALA A 150 6.43 -4.69 -8.21
CA ALA A 150 7.48 -5.43 -8.93
C ALA A 150 7.50 -6.89 -8.53
N GLU A 151 7.26 -7.18 -7.25
CA GLU A 151 7.21 -8.57 -6.80
C GLU A 151 6.10 -9.34 -7.49
N SER A 152 4.94 -8.69 -7.65
CA SER A 152 3.84 -9.33 -8.39
C SER A 152 4.21 -9.53 -9.85
N LEU A 153 4.89 -8.56 -10.45
CA LEU A 153 5.27 -8.67 -11.86
C LEU A 153 6.14 -9.88 -12.12
N ALA A 154 7.08 -10.15 -11.21
CA ALA A 154 7.89 -11.36 -11.33
C ALA A 154 7.04 -12.62 -11.18
N ARG A 155 6.08 -12.60 -10.25
CA ARG A 155 5.25 -13.77 -10.02
C ARG A 155 4.34 -14.06 -11.21
N LEU A 156 3.73 -13.03 -11.79
CA LEU A 156 2.80 -13.22 -12.90
C LEU A 156 3.51 -13.78 -14.13
N GLN A 157 4.73 -13.31 -14.41
CA GLN A 157 5.47 -13.83 -15.54
C GLN A 157 5.82 -15.30 -15.38
N ARG A 158 6.04 -15.74 -14.13
CA ARG A 158 6.32 -17.15 -13.89
C ARG A 158 5.14 -18.03 -14.29
N ALA A 159 3.92 -17.61 -13.95
CA ALA A 159 2.75 -18.42 -14.25
C ALA A 159 2.35 -18.30 -15.72
N PHE A 160 2.06 -17.08 -16.17
CA PHE A 160 1.69 -16.85 -17.56
C PHE A 160 2.91 -16.89 -18.46
N ALA A 161 3.51 -18.07 -18.62
CA ALA A 161 4.76 -18.21 -19.38
C ALA A 161 4.48 -18.34 -20.87
N ARG A 162 3.69 -19.34 -21.25
CA ARG A 162 3.47 -19.62 -22.67
C ARG A 162 2.75 -18.47 -23.38
N LYS A 163 1.76 -17.87 -22.71
CA LYS A 163 0.99 -16.78 -23.31
C LYS A 163 1.56 -15.40 -22.96
N TRP A 164 2.78 -15.34 -22.42
CA TRP A 164 3.35 -14.05 -22.07
C TRP A 164 3.50 -13.14 -23.27
N GLU A 165 3.71 -13.71 -24.45
CA GLU A 165 3.85 -12.89 -25.65
C GLU A 165 2.63 -12.03 -25.88
N PHE A 166 1.44 -12.61 -25.75
CA PHE A 166 0.21 -11.87 -26.00
C PHE A 166 -0.07 -10.82 -24.93
N ILE A 167 0.31 -11.07 -23.69
CA ILE A 167 0.21 -10.03 -22.67
C ILE A 167 1.14 -8.87 -22.97
N PHE A 168 2.37 -9.16 -23.39
CA PHE A 168 3.31 -8.09 -23.75
C PHE A 168 2.89 -7.41 -25.05
N MET A 169 2.32 -8.17 -25.98
CA MET A 169 1.89 -7.59 -27.25
C MET A 169 0.79 -6.56 -27.06
N GLN A 170 -0.15 -6.83 -26.16
CA GLN A 170 -1.20 -5.86 -25.89
C GLN A 170 -0.67 -4.65 -25.15
N ALA A 171 0.41 -4.83 -24.37
CA ALA A 171 1.00 -3.71 -23.66
C ALA A 171 1.61 -2.69 -24.62
N GLU A 172 2.21 -3.17 -25.72
CA GLU A 172 2.76 -2.26 -26.71
C GLU A 172 1.67 -1.40 -27.34
N ALA A 173 0.56 -2.02 -27.72
CA ALA A 173 -0.50 -1.31 -28.44
C ALA A 173 -1.12 -0.22 -27.57
N GLN A 174 -1.37 -0.54 -26.29
CA GLN A 174 -1.97 0.45 -25.41
C GLN A 174 -1.03 1.60 -25.13
N ALA A 175 0.28 1.34 -25.14
CA ALA A 175 1.25 2.39 -24.88
C ALA A 175 1.29 3.40 -26.03
N LYS A 176 1.38 2.91 -27.27
CA LYS A 176 1.50 3.81 -28.41
C LYS A 176 0.20 4.56 -28.67
N VAL A 177 -0.94 3.92 -28.41
CA VAL A 177 -2.22 4.59 -28.57
C VAL A 177 -2.35 5.72 -27.56
N ASP A 178 -1.99 5.46 -26.30
CA ASP A 178 -2.07 6.49 -25.28
C ASP A 178 -1.11 7.63 -25.53
N LYS A 179 -0.04 7.36 -26.29
CA LYS A 179 0.93 8.41 -26.59
C LYS A 179 0.30 9.54 -27.37
N LYS A 180 -0.53 9.20 -28.36
CA LYS A 180 -1.19 10.22 -29.17
C LYS A 180 -2.42 10.70 -28.41
N ARG A 181 -2.20 11.58 -27.43
CA ARG A 181 -3.27 12.23 -26.69
C ARG A 181 -2.79 13.63 -26.30
N ASP A 182 -3.58 14.31 -25.47
CA ASP A 182 -3.20 15.61 -24.96
C ASP A 182 -2.21 15.43 -23.81
N LYS A 183 -1.86 16.50 -23.12
CA LYS A 183 -0.99 16.41 -21.95
C LYS A 183 -1.74 16.55 -20.64
N ILE A 184 -2.67 17.50 -20.53
CA ILE A 184 -3.48 17.62 -19.32
C ILE A 184 -4.35 16.39 -19.15
N GLU A 185 -4.95 15.93 -20.24
CA GLU A 185 -5.79 14.74 -20.20
C GLU A 185 -5.00 13.46 -19.97
N ARG A 186 -3.78 13.36 -20.48
CA ARG A 186 -2.98 12.15 -20.31
C ARG A 186 -2.53 11.94 -18.87
N LYS A 187 -2.51 12.98 -18.05
CA LYS A 187 -2.16 12.83 -16.64
C LYS A 187 -3.35 12.49 -15.77
N ILE A 188 -4.50 13.13 -15.98
CA ILE A 188 -5.69 12.85 -15.19
C ILE A 188 -6.20 11.44 -15.49
N LEU A 189 -6.25 11.08 -16.77
CA LEU A 189 -6.81 9.81 -17.17
C LEU A 189 -5.85 8.66 -16.90
N ASP A 190 -4.62 8.99 -16.48
CA ASP A 190 -3.67 7.97 -16.09
C ASP A 190 -3.53 7.83 -14.59
N SER A 191 -3.91 8.83 -13.81
CA SER A 191 -4.02 8.66 -12.37
C SER A 191 -5.28 7.89 -12.00
N GLN A 192 -6.36 8.07 -12.76
CA GLN A 192 -7.58 7.32 -12.49
C GLN A 192 -7.56 5.99 -13.20
N GLU A 193 -6.43 5.29 -13.15
CA GLU A 193 -6.34 3.90 -13.52
C GLU A 193 -5.34 3.25 -12.59
N ARG A 194 -4.81 4.06 -11.67
CA ARG A 194 -3.98 3.62 -10.57
C ARG A 194 -4.76 3.70 -9.26
N ALA A 195 -5.85 4.46 -9.24
CA ALA A 195 -6.80 4.45 -8.12
C ALA A 195 -7.88 3.41 -8.31
N PHE A 196 -7.81 2.64 -9.41
CA PHE A 196 -8.69 1.51 -9.62
C PHE A 196 -8.00 0.20 -9.30
N TRP A 197 -6.75 0.04 -9.71
CA TRP A 197 -5.98 -1.14 -9.34
C TRP A 197 -5.46 -1.06 -7.91
N ASP A 198 -5.44 0.12 -7.32
CA ASP A 198 -5.06 0.25 -5.91
C ASP A 198 -6.19 -0.18 -5.01
N VAL A 199 -7.43 0.08 -5.41
CA VAL A 199 -8.60 -0.40 -4.68
C VAL A 199 -8.74 -1.91 -4.83
N HIS A 200 -8.51 -2.42 -6.03
CA HIS A 200 -8.76 -3.82 -6.33
C HIS A 200 -7.58 -4.73 -6.02
N ARG A 201 -6.36 -4.20 -5.99
CA ARG A 201 -5.17 -4.95 -5.60
C ARG A 201 -4.43 -4.10 -4.56
N PRO A 202 -4.91 -4.10 -3.32
CA PRO A 202 -4.39 -3.14 -2.34
C PRO A 202 -2.96 -3.45 -1.93
N VAL A 203 -2.27 -2.39 -1.49
CA VAL A 203 -0.92 -2.54 -0.93
C VAL A 203 -0.99 -3.44 0.29
N PRO A 204 -0.03 -4.35 0.50
CA PRO A 204 -0.10 -5.23 1.67
C PRO A 204 -0.19 -4.43 2.96
N GLY A 205 -1.06 -4.90 3.86
CA GLY A 205 -1.30 -4.22 5.12
C GLY A 205 -2.54 -3.34 5.14
N CYS A 206 -3.31 -3.29 4.06
CA CYS A 206 -4.55 -2.53 4.01
C CYS A 206 -5.72 -3.47 3.78
N VAL A 207 -6.82 -3.19 4.48
CA VAL A 207 -8.00 -4.02 4.40
C VAL A 207 -8.60 -3.97 3.00
N ASN A 208 -9.00 -5.13 2.50
CA ASN A 208 -9.57 -5.26 1.16
C ASN A 208 -11.07 -5.05 1.26
N THR A 209 -11.54 -3.89 0.82
CA THR A 209 -12.96 -3.56 0.95
C THR A 209 -13.83 -4.30 -0.05
N THR A 210 -13.25 -5.02 -1.00
CA THR A 210 -14.05 -5.78 -1.96
C THR A 210 -14.41 -7.17 -1.46
N GLU A 211 -13.94 -7.57 -0.29
CA GLU A 211 -14.35 -8.84 0.29
C GLU A 211 -15.79 -8.78 0.76
N VAL A 212 -16.46 -9.94 0.74
CA VAL A 212 -17.86 -10.02 1.12
C VAL A 212 -18.05 -11.21 2.05
N ASP A 213 -19.06 -11.12 2.91
CA ASP A 213 -19.38 -12.19 3.83
C ASP A 213 -19.89 -13.41 3.07
N ILE A 214 -19.59 -14.60 3.59
CA ILE A 214 -19.99 -15.82 2.90
C ILE A 214 -21.48 -16.11 3.04
N LYS A 215 -22.14 -15.58 4.08
CA LYS A 215 -23.58 -15.75 4.20
C LYS A 215 -24.30 -15.08 3.03
N LYS A 216 -23.84 -13.90 2.63
CA LYS A 216 -24.51 -13.11 1.61
C LYS A 216 -23.95 -13.33 0.21
N SER A 217 -23.00 -14.24 0.04
CA SER A 217 -22.51 -14.58 -1.30
C SER A 217 -23.26 -15.78 -1.87
N SER A 218 -24.58 -15.69 -1.90
CA SER A 218 -25.42 -16.78 -2.39
C SER A 218 -26.80 -16.28 -2.78
N PRO A 252 -56.56 -21.55 -10.96
CA PRO A 252 -57.23 -21.85 -9.69
C PRO A 252 -58.31 -20.83 -9.35
N PRO A 253 -59.35 -21.25 -8.62
CA PRO A 253 -60.40 -20.31 -8.23
C PRO A 253 -59.85 -19.20 -7.35
N THR A 254 -60.45 -18.03 -7.47
CA THR A 254 -60.04 -16.85 -6.71
C THR A 254 -60.86 -16.65 -5.44
N GLU A 255 -61.78 -17.56 -5.14
CA GLU A 255 -62.61 -17.43 -3.94
C GLU A 255 -61.94 -18.00 -2.70
N ASP A 256 -61.10 -19.03 -2.85
CA ASP A 256 -60.41 -19.60 -1.70
C ASP A 256 -59.39 -18.61 -1.12
N GLU A 257 -58.85 -17.72 -1.95
CA GLU A 257 -57.92 -16.72 -1.46
C GLU A 257 -58.61 -15.76 -0.49
N LEU A 258 -59.90 -15.46 -0.75
CA LEU A 258 -60.63 -14.53 0.11
C LEU A 258 -60.81 -15.09 1.52
N GLN A 259 -61.19 -16.36 1.64
CA GLN A 259 -61.42 -16.92 2.96
C GLN A 259 -60.14 -17.05 3.76
N GLN A 260 -59.00 -17.24 3.09
CA GLN A 260 -57.72 -17.14 3.78
C GLN A 260 -57.48 -15.72 4.27
N GLN A 261 -57.86 -14.73 3.48
CA GLN A 261 -57.71 -13.33 3.89
C GLN A 261 -58.68 -12.99 5.01
N ILE A 262 -59.90 -13.53 4.97
CA ILE A 262 -60.90 -13.23 5.99
C ILE A 262 -60.44 -13.75 7.34
N LYS A 263 -59.97 -14.99 7.39
CA LYS A 263 -59.43 -15.52 8.64
C LYS A 263 -58.12 -14.84 9.02
N TYR A 264 -57.44 -14.23 8.05
CA TYR A 264 -56.22 -13.48 8.35
C TYR A 264 -56.54 -12.18 9.08
N TRP A 265 -57.58 -11.48 8.65
CA TRP A 265 -57.92 -10.21 9.27
C TRP A 265 -58.46 -10.39 10.68
N GLN A 266 -59.30 -11.42 10.89
CA GLN A 266 -59.94 -11.59 12.20
C GLN A 266 -58.93 -11.88 13.29
N ILE A 267 -57.77 -12.44 12.94
CA ILE A 267 -56.74 -12.71 13.94
C ILE A 267 -56.24 -11.41 14.55
N GLN A 268 -55.99 -10.40 13.71
CA GLN A 268 -55.56 -9.10 14.22
C GLN A 268 -56.65 -8.44 15.04
N LEU A 269 -57.90 -8.56 14.62
CA LEU A 269 -59.01 -8.05 15.42
C LEU A 269 -59.11 -8.79 16.76
N ASP A 270 -58.85 -10.10 16.74
CA ASP A 270 -58.92 -10.90 17.96
C ASP A 270 -57.86 -10.43 18.96
N ARG A 271 -56.67 -10.12 18.49
N ARG A 271 -56.66 -10.13 18.49
CA ARG A 271 -55.58 -9.74 19.38
CA ARG A 271 -55.57 -9.74 19.38
C ARG A 271 -55.89 -8.44 20.11
C ARG A 271 -55.91 -8.45 20.11
N HIS A 272 -55.53 -8.40 21.39
CA HIS A 272 -55.76 -7.23 22.24
C HIS A 272 -54.58 -6.27 22.12
N ARG A 273 -54.89 -4.98 22.09
CA ARG A 273 -53.87 -3.93 22.05
C ARG A 273 -54.17 -2.90 23.13
N LEU A 274 -53.13 -2.16 23.51
CA LEU A 274 -53.23 -1.12 24.52
C LEU A 274 -52.95 0.24 23.88
N LYS A 275 -53.19 1.29 24.64
CA LYS A 275 -52.96 2.67 24.18
C LYS A 275 -51.50 3.04 24.33
N MET A 276 -50.99 3.82 23.37
CA MET A 276 -49.60 4.27 23.44
C MET A 276 -49.33 5.05 24.72
N SER A 277 -50.35 5.69 25.30
CA SER A 277 -50.15 6.34 26.58
C SER A 277 -49.82 5.33 27.67
N LYS A 278 -50.53 4.19 27.69
CA LYS A 278 -50.27 3.17 28.70
C LYS A 278 -48.97 2.43 28.42
N VAL A 279 -48.71 2.11 27.15
CA VAL A 279 -47.50 1.38 26.80
C VAL A 279 -46.26 2.19 27.16
N ALA A 280 -46.27 3.49 26.86
CA ALA A 280 -45.12 4.33 27.18
C ALA A 280 -44.90 4.40 28.69
N ASP A 281 -45.98 4.40 29.47
CA ASP A 281 -45.83 4.42 30.92
C ASP A 281 -45.13 3.17 31.42
N SER A 282 -45.46 2.01 30.87
CA SER A 282 -44.84 0.78 31.31
C SER A 282 -43.34 0.77 31.04
N LEU A 283 -42.93 1.27 29.87
CA LEU A 283 -41.51 1.30 29.55
C LEU A 283 -40.76 2.27 30.46
N LEU A 284 -41.27 3.49 30.61
CA LEU A 284 -40.56 4.48 31.42
C LEU A 284 -40.55 4.08 32.90
N SER A 285 -41.66 3.55 33.41
CA SER A 285 -41.70 3.13 34.79
C SER A 285 -40.73 2.00 35.07
N TYR A 286 -40.65 1.02 34.16
CA TYR A 286 -39.68 -0.06 34.32
C TYR A 286 -38.26 0.47 34.25
N THR A 287 -37.99 1.38 33.31
CA THR A 287 -36.63 1.88 33.14
C THR A 287 -36.21 2.75 34.33
N GLU A 288 -37.09 3.65 34.78
CA GLU A 288 -36.76 4.48 35.94
C GLU A 288 -36.67 3.67 37.21
N GLN A 289 -37.24 2.47 37.26
CA GLN A 289 -37.19 1.65 38.46
C GLN A 289 -35.82 1.01 38.65
N TYR A 290 -35.02 0.88 37.60
CA TYR A 290 -33.72 0.23 37.66
C TYR A 290 -32.58 1.18 37.35
N LEU A 291 -32.81 2.47 37.43
CA LEU A 291 -31.71 3.39 37.07
C LEU A 291 -30.62 3.21 38.13
N GLU A 292 -31.02 3.17 39.40
CA GLU A 292 -30.05 2.99 40.48
C GLU A 292 -29.32 1.65 40.41
N TYR A 293 -29.76 0.73 39.55
CA TYR A 293 -29.15 -0.58 39.43
C TYR A 293 -28.24 -0.73 38.23
N ASP A 294 -28.20 0.25 37.34
CA ASP A 294 -27.41 0.13 36.11
C ASP A 294 -25.97 0.54 36.36
N PRO A 295 -25.00 -0.35 36.19
CA PRO A 295 -23.59 0.04 36.35
C PRO A 295 -23.13 1.11 35.38
N PHE A 296 -23.70 1.17 34.18
CA PHE A 296 -23.29 2.19 33.21
C PHE A 296 -23.77 3.58 33.58
N LEU A 297 -24.80 3.75 34.41
CA LEU A 297 -25.33 5.12 34.66
C LEU A 297 -25.38 5.46 36.16
N LEU A 298 -24.77 4.66 37.04
CA LEU A 298 -24.71 4.92 38.51
C LEU A 298 -23.72 3.92 39.13
N PRO A 299 -22.41 4.18 39.19
CA PRO A 299 -21.39 3.20 39.63
C PRO A 299 -21.64 2.23 40.82
N PRO A 300 -21.05 0.99 40.91
CA PRO A 300 -21.41 0.05 41.98
C PRO A 300 -20.62 0.32 43.26
N ASP A 301 -21.02 -0.38 44.32
CA ASP A 301 -20.30 -0.38 45.59
C ASP A 301 -19.54 -1.69 45.75
N PRO A 302 -18.22 -1.64 46.01
CA PRO A 302 -17.44 -0.41 46.21
C PRO A 302 -17.05 0.28 44.90
N SER A 303 -16.69 -0.49 43.89
CA SER A 303 -16.28 0.09 42.62
C SER A 303 -16.41 -0.95 41.52
N ASN A 304 -16.41 -0.46 40.28
CA ASN A 304 -16.55 -1.34 39.14
C ASN A 304 -15.29 -2.19 39.00
N PRO A 305 -15.43 -3.53 38.93
CA PRO A 305 -14.23 -4.37 38.76
C PRO A 305 -13.47 -4.08 37.48
N TRP A 306 -14.12 -3.54 36.46
CA TRP A 306 -13.45 -3.19 35.22
C TRP A 306 -12.89 -1.77 35.21
N LEU A 307 -13.22 -0.96 36.23
CA LEU A 307 -12.71 0.40 36.33
C LEU A 307 -11.56 0.53 37.33
N SER A 308 -11.63 -0.19 38.45
CA SER A 308 -10.65 -0.02 39.52
C SER A 308 -10.02 -1.33 39.96
N ASP A 309 -10.23 -2.43 39.22
CA ASP A 309 -9.61 -3.72 39.52
C ASP A 309 -9.95 -4.18 40.94
N ASP A 310 -11.17 -3.87 41.38
CA ASP A 310 -11.65 -4.24 42.72
C ASP A 310 -12.59 -5.44 42.56
N THR A 311 -12.03 -6.64 42.69
CA THR A 311 -12.79 -7.87 42.46
C THR A 311 -13.82 -8.14 43.54
N THR A 312 -13.82 -7.37 44.63
CA THR A 312 -14.74 -7.62 45.73
C THR A 312 -16.20 -7.49 45.33
N PHE A 313 -16.49 -6.78 44.23
CA PHE A 313 -17.89 -6.56 43.85
C PHE A 313 -18.58 -7.88 43.51
N TRP A 314 -17.90 -8.75 42.78
CA TRP A 314 -18.49 -10.04 42.42
C TRP A 314 -18.63 -10.93 43.65
N GLU A 315 -17.66 -10.87 44.57
CA GLU A 315 -17.73 -11.69 45.77
C GLU A 315 -18.91 -11.29 46.66
N LEU A 316 -19.14 -9.97 46.80
CA LEU A 316 -20.26 -9.51 47.61
C LEU A 316 -21.59 -9.94 47.03
N GLU A 317 -21.75 -9.83 45.71
CA GLU A 317 -23.02 -10.22 45.09
C GLU A 317 -23.24 -11.72 45.17
N ALA A 318 -22.18 -12.51 45.02
CA ALA A 318 -22.28 -13.96 45.08
C ALA A 318 -22.28 -14.51 46.50
N SER A 319 -22.17 -13.65 47.50
CA SER A 319 -22.14 -14.10 48.89
C SER A 319 -23.49 -14.66 49.30
N LYS A 320 -23.49 -15.40 50.41
CA LYS A 320 -24.71 -15.99 50.94
C LYS A 320 -25.51 -15.02 51.79
N GLU A 321 -24.97 -13.84 52.09
CA GLU A 321 -25.67 -12.82 52.86
C GLU A 321 -26.06 -11.67 51.94
N PRO A 322 -27.33 -11.55 51.57
CA PRO A 322 -27.72 -10.46 50.65
C PRO A 322 -27.52 -9.10 51.29
N SER A 323 -27.14 -8.13 50.45
CA SER A 323 -26.93 -6.77 50.92
C SER A 323 -28.24 -6.00 50.95
N GLN A 324 -28.16 -4.76 51.43
CA GLN A 324 -29.35 -3.93 51.55
C GLN A 324 -29.95 -3.60 50.20
N GLN A 325 -29.10 -3.33 49.20
CA GLN A 325 -29.60 -3.11 47.85
C GLN A 325 -30.26 -4.38 47.29
N ARG A 326 -29.72 -5.55 47.62
CA ARG A 326 -30.29 -6.79 47.14
C ARG A 326 -31.71 -7.00 47.68
N VAL A 327 -31.91 -6.71 48.96
CA VAL A 327 -33.22 -6.95 49.57
C VAL A 327 -34.28 -6.03 48.97
N LYS A 328 -33.91 -4.79 48.63
CA LYS A 328 -34.89 -3.88 48.04
C LYS A 328 -35.39 -4.39 46.69
N ARG A 329 -34.48 -4.94 45.88
CA ARG A 329 -34.88 -5.51 44.59
C ARG A 329 -35.78 -6.73 44.75
N TRP A 330 -35.77 -7.35 45.93
CA TRP A 330 -36.59 -8.53 46.17
C TRP A 330 -38.07 -8.22 46.04
N GLY A 331 -38.50 -7.07 46.56
CA GLY A 331 -39.90 -6.69 46.62
C GLY A 331 -40.45 -6.00 45.40
N PHE A 332 -39.65 -5.80 44.35
CA PHE A 332 -40.18 -5.19 43.13
C PHE A 332 -41.25 -6.05 42.50
N GLY A 333 -41.05 -7.36 42.50
CA GLY A 333 -42.02 -8.29 41.97
C GLY A 333 -41.65 -9.70 42.34
N MET A 334 -42.66 -10.59 42.28
CA MET A 334 -42.41 -11.97 42.64
C MET A 334 -41.44 -12.64 41.67
N ASP A 335 -41.44 -12.22 40.41
CA ASP A 335 -40.49 -12.76 39.45
C ASP A 335 -39.06 -12.44 39.84
N GLU A 336 -38.81 -11.22 40.33
CA GLU A 336 -37.47 -10.84 40.75
C GLU A 336 -36.99 -11.71 41.91
N ALA A 337 -37.89 -11.98 42.87
CA ALA A 337 -37.51 -12.79 44.02
C ALA A 337 -37.16 -14.22 43.61
N LEU A 338 -37.94 -14.80 42.69
CA LEU A 338 -37.69 -16.16 42.27
C LEU A 338 -36.43 -16.27 41.42
N LYS A 339 -36.03 -15.18 40.77
CA LYS A 339 -34.79 -15.20 39.99
C LYS A 339 -33.58 -15.43 40.88
N ASP A 340 -33.54 -14.81 42.04
CA ASP A 340 -32.43 -14.99 42.96
C ASP A 340 -32.54 -16.35 43.64
N PRO A 341 -31.50 -17.19 43.57
CA PRO A 341 -31.55 -18.48 44.28
C PRO A 341 -31.74 -18.32 45.78
N VAL A 342 -31.19 -17.27 46.38
CA VAL A 342 -31.43 -17.01 47.79
C VAL A 342 -32.89 -16.65 48.02
N GLY A 343 -33.51 -15.93 47.07
CA GLY A 343 -34.91 -15.61 47.20
C GLY A 343 -35.80 -16.83 47.21
N ARG A 344 -35.45 -17.84 46.41
CA ARG A 344 -36.24 -19.06 46.37
C ARG A 344 -36.24 -19.76 47.72
N GLU A 345 -35.09 -19.80 48.38
CA GLU A 345 -34.99 -20.48 49.67
C GLU A 345 -35.76 -19.73 50.75
N GLN A 346 -35.57 -18.41 50.83
CA GLN A 346 -36.25 -17.63 51.85
C GLN A 346 -37.76 -17.66 51.68
N PHE A 347 -38.23 -17.55 50.44
CA PHE A 347 -39.68 -17.61 50.18
C PHE A 347 -40.24 -18.97 50.58
N LEU A 348 -39.54 -20.04 50.24
CA LEU A 348 -39.99 -21.38 50.62
C LEU A 348 -39.94 -21.58 52.12
N LYS A 349 -38.92 -21.02 52.78
CA LYS A 349 -38.79 -21.19 54.23
C LYS A 349 -39.97 -20.57 54.98
N PHE A 350 -40.47 -19.43 54.49
CA PHE A 350 -41.64 -18.82 55.12
C PHE A 350 -42.88 -19.69 54.94
N LEU A 351 -43.07 -20.27 53.76
CA LEU A 351 -44.29 -21.03 53.49
C LEU A 351 -44.34 -22.32 54.30
N GLU A 352 -43.21 -23.02 54.44
CA GLU A 352 -43.21 -24.24 55.24
C GLU A 352 -43.47 -23.96 56.71
N SER A 353 -42.99 -22.82 57.22
CA SER A 353 -43.37 -22.40 58.56
C SER A 353 -44.86 -22.06 58.62
N GLU A 354 -45.41 -21.50 57.55
CA GLU A 354 -46.83 -21.23 57.46
C GLU A 354 -47.64 -22.48 57.10
N PHE A 355 -46.97 -23.59 56.79
CA PHE A 355 -47.62 -24.85 56.43
C PHE A 355 -48.48 -24.69 55.18
N SER A 356 -47.97 -23.94 54.22
CA SER A 356 -48.64 -23.76 52.94
C SER A 356 -47.66 -23.83 51.78
N SER A 357 -46.58 -24.59 51.93
CA SER A 357 -45.54 -24.70 50.92
C SER A 357 -45.81 -25.82 49.92
N GLU A 358 -46.94 -26.53 50.04
CA GLU A 358 -47.24 -27.60 49.10
C GLU A 358 -47.42 -27.05 47.69
N ASN A 359 -47.87 -25.80 47.57
CA ASN A 359 -48.03 -25.20 46.25
C ASN A 359 -46.69 -24.87 45.63
N LEU A 360 -45.74 -24.35 46.42
CA LEU A 360 -44.41 -24.06 45.88
C LEU A 360 -43.71 -25.32 45.43
N ARG A 361 -43.82 -26.40 46.21
CA ARG A 361 -43.19 -27.66 45.84
C ARG A 361 -43.70 -28.16 44.50
N PHE A 362 -44.99 -27.98 44.22
CA PHE A 362 -45.50 -28.27 42.88
C PHE A 362 -44.92 -27.31 41.84
N TRP A 363 -44.78 -26.03 42.20
CA TRP A 363 -44.31 -25.04 41.25
C TRP A 363 -42.89 -25.36 40.77
N LEU A 364 -41.96 -25.57 41.71
CA LEU A 364 -40.57 -25.82 41.34
C LEU A 364 -40.41 -27.15 40.62
N ALA A 365 -41.34 -28.08 40.81
CA ALA A 365 -41.19 -29.41 40.24
C ALA A 365 -41.35 -29.41 38.72
N VAL A 366 -42.15 -28.48 38.19
CA VAL A 366 -42.47 -28.50 36.76
C VAL A 366 -41.24 -28.16 35.93
N GLU A 367 -40.53 -27.08 36.29
CA GLU A 367 -39.37 -26.69 35.50
C GLU A 367 -38.23 -27.69 35.64
N ASP A 368 -38.12 -28.36 36.80
CA ASP A 368 -37.13 -29.41 36.95
C ASP A 368 -37.38 -30.55 35.97
N LEU A 369 -38.65 -30.83 35.67
CA LEU A 369 -38.95 -31.77 34.59
C LEU A 369 -38.50 -31.22 33.25
N LYS A 370 -38.70 -29.92 33.02
CA LYS A 370 -38.30 -29.31 31.75
C LYS A 370 -36.80 -29.23 31.58
N LYS A 371 -36.05 -29.18 32.68
CA LYS A 371 -34.60 -29.17 32.63
C LYS A 371 -33.99 -30.56 32.50
N ARG A 372 -34.80 -31.57 32.56
CA ARG A 372 -34.46 -32.98 32.53
C ARG A 372 -34.42 -33.48 31.08
N PRO A 373 -33.46 -34.31 30.70
CA PRO A 373 -33.45 -34.84 29.34
C PRO A 373 -34.66 -35.73 29.07
N ILE A 374 -35.02 -35.80 27.78
CA ILE A 374 -36.27 -36.49 27.41
C ILE A 374 -36.27 -37.96 27.84
N LYS A 375 -35.10 -38.56 28.04
CA LYS A 375 -35.12 -40.01 28.34
C LYS A 375 -35.86 -40.30 29.66
N GLU A 376 -35.90 -39.34 30.58
CA GLU A 376 -36.49 -39.62 31.91
C GLU A 376 -37.87 -38.98 32.10
N VAL A 377 -38.42 -38.32 31.08
CA VAL A 377 -39.71 -37.62 31.25
C VAL A 377 -40.87 -38.56 31.50
N PRO A 378 -41.00 -39.73 30.84
CA PRO A 378 -42.18 -40.57 31.13
C PRO A 378 -42.27 -41.03 32.58
N SER A 379 -41.14 -41.25 33.24
CA SER A 379 -41.15 -41.61 34.65
C SER A 379 -41.28 -40.41 35.57
N ARG A 380 -40.74 -39.26 35.17
CA ARG A 380 -40.82 -38.07 36.00
C ARG A 380 -42.24 -37.52 36.05
N VAL A 381 -42.98 -37.63 34.95
CA VAL A 381 -44.34 -37.10 34.91
C VAL A 381 -45.26 -37.87 35.85
N GLN A 382 -45.06 -39.19 35.95
CA GLN A 382 -45.90 -39.99 36.85
C GLN A 382 -45.58 -39.71 38.31
N GLU A 383 -44.30 -39.47 38.63
CA GLU A 383 -43.93 -39.15 40.01
C GLU A 383 -44.59 -37.86 40.47
N ILE A 384 -44.57 -36.83 39.63
CA ILE A 384 -45.27 -35.59 39.96
C ILE A 384 -46.77 -35.82 39.98
N TRP A 385 -47.27 -36.69 39.09
CA TRP A 385 -48.70 -37.00 39.06
C TRP A 385 -49.20 -37.52 40.40
N GLN A 386 -48.52 -38.54 40.93
CA GLN A 386 -49.01 -39.21 42.13
C GLN A 386 -48.83 -38.34 43.37
N GLU A 387 -47.72 -37.60 43.45
CA GLU A 387 -47.37 -36.92 44.69
C GLU A 387 -48.20 -35.66 44.94
N PHE A 388 -48.63 -34.97 43.90
CA PHE A 388 -49.20 -33.64 44.09
C PHE A 388 -50.66 -33.51 43.68
N LEU A 389 -51.03 -33.94 42.48
CA LEU A 389 -52.39 -33.69 41.99
C LEU A 389 -53.23 -34.94 41.81
N ALA A 390 -52.69 -36.13 42.08
CA ALA A 390 -53.50 -37.32 42.10
C ALA A 390 -54.39 -37.33 43.34
N PRO A 391 -55.56 -37.97 43.28
CA PRO A 391 -56.42 -38.06 44.47
C PRO A 391 -55.72 -38.80 45.60
N GLY A 392 -55.92 -38.32 46.82
CA GLY A 392 -55.29 -38.95 47.97
C GLY A 392 -53.80 -38.72 48.09
N ALA A 393 -53.27 -37.74 47.37
CA ALA A 393 -51.84 -37.49 47.41
C ALA A 393 -51.44 -36.87 48.75
N PRO A 394 -50.22 -37.16 49.22
CA PRO A 394 -49.74 -36.53 50.46
C PRO A 394 -49.60 -35.02 50.35
N SER A 395 -49.50 -34.48 49.14
CA SER A 395 -49.38 -33.05 48.88
C SER A 395 -50.47 -32.61 47.91
N ALA A 396 -51.72 -33.02 48.19
CA ALA A 396 -52.82 -32.74 47.30
C ALA A 396 -53.04 -31.25 47.14
N ILE A 397 -53.28 -30.83 45.89
CA ILE A 397 -53.53 -29.44 45.55
C ILE A 397 -54.82 -29.36 44.75
N ASN A 398 -55.36 -28.15 44.65
CA ASN A 398 -56.65 -27.91 44.01
C ASN A 398 -56.43 -27.23 42.66
N LEU A 399 -57.07 -27.76 41.62
CA LEU A 399 -57.00 -27.22 40.27
C LEU A 399 -58.40 -26.92 39.76
N ASP A 400 -58.46 -26.08 38.74
CA ASP A 400 -59.72 -25.79 38.08
C ASP A 400 -60.13 -26.98 37.20
N SER A 401 -61.43 -27.08 36.95
CA SER A 401 -61.94 -28.22 36.18
C SER A 401 -61.34 -28.27 34.78
N LYS A 402 -61.28 -27.12 34.10
CA LYS A 402 -60.71 -27.10 32.76
C LYS A 402 -59.22 -27.45 32.78
N SER A 403 -58.50 -26.93 33.77
CA SER A 403 -57.07 -27.26 33.88
C SER A 403 -56.87 -28.74 34.18
N TYR A 404 -57.69 -29.30 35.06
CA TYR A 404 -57.54 -30.71 35.40
C TYR A 404 -57.90 -31.62 34.23
N ASP A 405 -58.87 -31.22 33.43
CA ASP A 405 -59.28 -32.04 32.30
C ASP A 405 -58.17 -32.19 31.27
N LYS A 406 -57.46 -31.09 30.98
CA LYS A 406 -56.41 -31.15 29.97
C LYS A 406 -55.24 -32.03 30.42
N THR A 407 -54.83 -31.90 31.69
CA THR A 407 -53.72 -32.70 32.17
C THR A 407 -54.12 -34.15 32.40
N THR A 408 -55.40 -34.41 32.66
CA THR A 408 -55.85 -35.79 32.82
C THR A 408 -55.73 -36.57 31.52
N GLN A 409 -56.06 -35.94 30.40
CA GLN A 409 -55.95 -36.59 29.10
C GLN A 409 -54.56 -36.50 28.50
N ASN A 410 -53.69 -35.68 29.06
CA ASN A 410 -52.34 -35.51 28.53
C ASN A 410 -51.30 -36.34 29.26
N VAL A 411 -51.61 -36.82 30.47
CA VAL A 411 -50.64 -37.62 31.22
C VAL A 411 -50.35 -38.92 30.49
N LYS A 412 -51.30 -39.42 29.70
CA LYS A 412 -51.09 -40.65 28.94
C LYS A 412 -49.96 -40.51 27.94
N GLU A 413 -49.68 -39.30 27.46
CA GLU A 413 -48.56 -39.02 26.57
C GLU A 413 -47.60 -38.07 27.28
N PRO A 414 -46.55 -38.60 27.91
CA PRO A 414 -45.63 -37.73 28.65
C PRO A 414 -44.92 -36.74 27.74
N GLY A 415 -44.64 -35.57 28.29
CA GLY A 415 -43.93 -34.53 27.57
C GLY A 415 -43.44 -33.46 28.52
N ARG A 416 -42.58 -32.60 28.00
CA ARG A 416 -42.02 -31.54 28.83
C ARG A 416 -43.04 -30.47 29.17
N TYR A 417 -44.11 -30.34 28.37
CA TYR A 417 -45.09 -29.27 28.52
C TYR A 417 -46.45 -29.83 28.97
N THR A 418 -46.42 -30.85 29.83
CA THR A 418 -47.66 -31.53 30.21
C THR A 418 -48.52 -30.68 31.13
N PHE A 419 -47.91 -30.07 32.15
CA PHE A 419 -48.63 -29.32 33.18
C PHE A 419 -48.48 -27.82 32.99
N GLU A 420 -48.40 -27.35 31.74
CA GLU A 420 -48.23 -25.92 31.50
C GLU A 420 -49.45 -25.14 31.96
N ASP A 421 -50.65 -25.69 31.79
CA ASP A 421 -51.85 -24.99 32.25
C ASP A 421 -51.89 -24.91 33.77
N ALA A 422 -51.55 -26.01 34.44
CA ALA A 422 -51.42 -25.96 35.90
C ALA A 422 -50.29 -25.01 36.30
N GLN A 423 -49.24 -24.94 35.49
CA GLN A 423 -48.16 -24.00 35.75
C GLN A 423 -48.67 -22.56 35.78
N GLU A 424 -49.53 -22.19 34.82
CA GLU A 424 -50.07 -20.84 34.80
C GLU A 424 -51.05 -20.62 35.94
N HIS A 425 -51.89 -21.62 36.25
CA HIS A 425 -52.90 -21.45 37.29
C HIS A 425 -52.26 -21.23 38.65
N ILE A 426 -51.22 -21.99 38.97
CA ILE A 426 -50.52 -21.79 40.23
C ILE A 426 -49.77 -20.46 40.23
N TYR A 427 -49.20 -20.10 39.08
CA TYR A 427 -48.41 -18.88 39.00
C TYR A 427 -49.26 -17.65 39.31
N LYS A 428 -50.50 -17.61 38.81
CA LYS A 428 -51.33 -16.44 39.01
C LYS A 428 -51.71 -16.24 40.48
N LEU A 429 -52.04 -17.33 41.18
CA LEU A 429 -52.52 -17.20 42.56
C LEU A 429 -51.40 -16.75 43.49
N MET A 430 -50.17 -17.18 43.25
CA MET A 430 -49.05 -16.70 44.06
C MET A 430 -48.83 -15.20 43.87
N LYS A 431 -48.96 -14.72 42.64
CA LYS A 431 -48.69 -13.32 42.34
C LYS A 431 -49.71 -12.38 42.97
N SER A 432 -50.86 -12.89 43.40
CA SER A 432 -51.91 -12.06 43.97
C SER A 432 -52.01 -12.15 45.48
N ASP A 433 -51.86 -13.34 46.06
CA ASP A 433 -52.10 -13.53 47.48
C ASP A 433 -50.83 -13.93 48.24
N SER A 434 -50.16 -15.01 47.83
CA SER A 434 -49.07 -15.56 48.62
C SER A 434 -47.88 -14.59 48.68
N TYR A 435 -47.43 -14.12 47.52
CA TYR A 435 -46.27 -13.23 47.49
C TYR A 435 -46.48 -11.93 48.25
N PRO A 436 -47.60 -11.21 48.08
CA PRO A 436 -47.79 -9.99 48.89
C PRO A 436 -47.78 -10.25 50.38
N ARG A 437 -48.22 -11.44 50.82
CA ARG A 437 -48.13 -11.77 52.24
C ARG A 437 -46.68 -11.82 52.71
N PHE A 438 -45.79 -12.35 51.86
CA PHE A 438 -44.38 -12.41 52.22
C PHE A 438 -43.79 -11.02 52.42
N ILE A 439 -44.25 -10.04 51.63
CA ILE A 439 -43.80 -8.67 51.83
C ILE A 439 -44.25 -8.13 53.18
N ARG A 440 -45.50 -8.40 53.55
CA ARG A 440 -46.01 -7.94 54.84
C ARG A 440 -45.41 -8.72 56.01
N SER A 441 -44.79 -9.86 55.75
CA SER A 441 -44.22 -10.66 56.82
C SER A 441 -43.08 -9.91 57.50
N SER A 442 -43.00 -10.05 58.82
CA SER A 442 -42.01 -9.31 59.60
C SER A 442 -40.58 -9.65 59.17
N ALA A 443 -40.36 -10.88 58.70
CA ALA A 443 -39.02 -11.28 58.30
C ALA A 443 -38.51 -10.46 57.13
N TYR A 444 -39.41 -9.93 56.30
CA TYR A 444 -38.98 -9.17 55.14
C TYR A 444 -38.41 -7.80 55.53
N GLN A 445 -39.10 -7.09 56.42
CA GLN A 445 -38.63 -5.76 56.79
C GLN A 445 -37.40 -5.83 57.70
N GLU A 446 -37.30 -6.90 58.51
CA GLU A 446 -36.13 -7.04 59.38
C GLU A 446 -34.85 -7.17 58.56
N LEU A 447 -34.91 -7.93 57.47
CA LEU A 447 -33.74 -8.02 56.58
C LEU A 447 -33.55 -6.74 55.78
N LEU A 448 -34.62 -5.98 55.56
CA LEU A 448 -34.51 -4.75 54.79
C LEU A 448 -33.62 -3.73 55.49
N GLN A 449 -33.77 -3.60 56.82
CA GLN A 449 -32.99 -2.65 57.60
C GLN A 449 -31.95 -3.42 58.41
N ALA A 450 -30.68 -3.03 58.27
CA ALA A 450 -29.60 -3.69 58.99
C ALA A 450 -28.40 -2.75 59.12
N GLU B 8 -71.97 -15.60 -9.27
CA GLU B 8 -70.73 -15.85 -8.53
C GLU B 8 -69.93 -14.55 -8.39
N ASN B 9 -70.03 -13.69 -9.40
CA ASN B 9 -69.32 -12.41 -9.34
C ASN B 9 -69.87 -11.51 -8.23
N GLU B 10 -71.18 -11.56 -7.99
CA GLU B 10 -71.77 -10.81 -6.88
C GLU B 10 -71.22 -11.29 -5.55
N THR B 11 -71.10 -12.61 -5.37
CA THR B 11 -70.53 -13.15 -4.14
C THR B 11 -69.06 -12.77 -4.01
N LEU B 12 -68.32 -12.78 -5.13
CA LEU B 12 -66.93 -12.37 -5.10
C LEU B 12 -66.80 -10.90 -4.67
N ALA B 13 -67.66 -10.04 -5.22
CA ALA B 13 -67.65 -8.63 -4.83
C ALA B 13 -68.03 -8.45 -3.37
N SER B 14 -68.98 -9.24 -2.88
CA SER B 14 -69.35 -9.17 -1.47
C SER B 14 -68.19 -9.58 -0.57
N LEU B 15 -67.46 -10.64 -0.96
CA LEU B 15 -66.30 -11.05 -0.17
C LEU B 15 -65.20 -9.99 -0.22
N LYS B 16 -64.99 -9.37 -1.38
CA LYS B 16 -64.02 -8.28 -1.47
C LYS B 16 -64.42 -7.12 -0.57
N SER B 17 -65.71 -6.77 -0.56
CA SER B 17 -66.18 -5.68 0.29
C SER B 17 -66.01 -6.01 1.77
N GLU B 18 -66.29 -7.26 2.15
CA GLU B 18 -66.11 -7.67 3.54
C GLU B 18 -64.64 -7.61 3.94
N ALA B 19 -63.74 -8.06 3.06
CA ALA B 19 -62.31 -7.98 3.34
C ALA B 19 -61.87 -6.53 3.47
N GLU B 20 -62.36 -5.66 2.59
CA GLU B 20 -62.02 -4.24 2.68
C GLU B 20 -62.53 -3.64 3.98
N SER B 21 -63.74 -4.00 4.40
CA SER B 21 -64.29 -3.49 5.65
C SER B 21 -63.46 -3.95 6.84
N LEU B 22 -63.09 -5.23 6.87
CA LEU B 22 -62.25 -5.73 7.96
C LEU B 22 -60.90 -5.03 7.99
N LYS B 23 -60.28 -4.85 6.82
CA LYS B 23 -59.01 -4.14 6.76
C LYS B 23 -59.16 -2.73 7.32
N GLY B 24 -60.11 -1.97 6.78
CA GLY B 24 -60.32 -0.60 7.23
C GLY B 24 -60.61 -0.52 8.71
N LYS B 25 -61.34 -1.50 9.24
CA LYS B 25 -61.52 -1.60 10.68
C LYS B 25 -60.19 -1.75 11.39
N LEU B 26 -59.29 -2.55 10.83
CA LEU B 26 -57.98 -2.73 11.44
C LEU B 26 -57.20 -1.42 11.47
N GLU B 27 -57.14 -0.71 10.33
CA GLU B 27 -56.38 0.54 10.34
C GLU B 27 -57.04 1.60 11.23
N GLU B 28 -58.37 1.64 11.30
CA GLU B 28 -58.99 2.64 12.15
C GLU B 28 -58.79 2.32 13.63
N GLU B 29 -58.78 1.04 13.99
CA GLU B 29 -58.42 0.66 15.36
C GLU B 29 -56.99 1.04 15.68
N ARG B 30 -56.07 0.79 14.75
CA ARG B 30 -54.68 1.20 14.96
C ARG B 30 -54.57 2.70 15.11
N ALA B 31 -55.33 3.46 14.30
CA ALA B 31 -55.29 4.91 14.37
C ALA B 31 -55.82 5.42 15.71
N LYS B 32 -56.93 4.85 16.18
CA LYS B 32 -57.46 5.31 17.46
C LYS B 32 -56.55 4.92 18.62
N LEU B 33 -55.87 3.78 18.53
CA LEU B 33 -54.94 3.40 19.59
C LEU B 33 -53.68 4.24 19.55
N HIS B 34 -53.28 4.72 18.37
CA HIS B 34 -52.10 5.56 18.22
C HIS B 34 -52.49 7.00 18.58
N ASP B 35 -51.98 7.48 19.71
CA ASP B 35 -52.27 8.84 20.15
C ASP B 35 -51.03 9.66 20.49
N VAL B 36 -50.00 9.05 21.07
CA VAL B 36 -48.80 9.75 21.49
C VAL B 36 -47.58 9.03 20.94
N GLU B 37 -46.43 9.71 21.03
CA GLU B 37 -45.16 9.18 20.56
C GLU B 37 -44.23 8.99 21.75
N LEU B 38 -43.34 8.00 21.63
CA LEU B 38 -42.47 7.64 22.76
C LEU B 38 -41.56 8.79 23.14
N HIS B 39 -40.94 9.45 22.16
CA HIS B 39 -40.03 10.53 22.49
C HIS B 39 -40.77 11.74 23.04
N GLN B 40 -41.92 12.08 22.44
CA GLN B 40 -42.67 13.24 22.90
C GLN B 40 -43.33 13.01 24.25
N VAL B 41 -43.47 11.76 24.69
CA VAL B 41 -43.97 11.51 26.04
C VAL B 41 -42.84 11.30 27.04
N ALA B 42 -41.68 10.84 26.59
CA ALA B 42 -40.52 10.65 27.46
C ALA B 42 -39.63 11.87 27.53
N GLU B 43 -40.00 12.97 26.86
CA GLU B 43 -39.28 14.22 27.03
C GLU B 43 -39.24 14.67 28.49
N ARG B 44 -40.20 14.23 29.32
CA ARG B 44 -40.16 14.55 30.73
C ARG B 44 -38.93 13.95 31.41
N VAL B 45 -38.40 12.87 30.86
CA VAL B 45 -37.20 12.26 31.42
C VAL B 45 -36.01 13.18 31.22
N GLU B 46 -35.22 13.38 32.27
CA GLU B 46 -34.06 14.23 32.18
C GLU B 46 -33.01 13.62 31.25
N ALA B 47 -32.30 14.49 30.54
CA ALA B 47 -31.26 14.02 29.64
C ALA B 47 -30.05 13.52 30.43
N LEU B 48 -29.22 12.74 29.76
CA LEU B 48 -28.05 12.12 30.39
C LEU B 48 -26.81 12.97 30.20
N GLY B 49 -25.80 12.68 31.02
CA GLY B 49 -24.55 13.41 30.97
C GLY B 49 -23.59 12.88 29.93
N GLN B 50 -22.30 12.89 30.25
CA GLN B 50 -21.26 12.44 29.33
C GLN B 50 -20.72 11.09 29.78
N PHE B 51 -20.39 10.25 28.80
CA PHE B 51 -19.88 8.91 29.05
C PHE B 51 -18.42 8.84 28.62
N VAL B 52 -17.62 8.08 29.35
CA VAL B 52 -16.18 8.02 29.13
C VAL B 52 -15.72 6.59 28.93
N MET B 53 -16.58 5.75 28.35
CA MET B 53 -16.23 4.35 28.16
C MET B 53 -14.95 4.21 27.34
N LYS B 54 -14.07 3.34 27.81
CA LYS B 54 -12.77 3.12 27.17
C LYS B 54 -12.43 1.64 27.20
N THR B 55 -11.51 1.25 26.33
CA THR B 55 -11.06 -0.13 26.29
C THR B 55 -10.39 -0.49 27.61
N ARG B 56 -10.65 -1.69 28.09
CA ARG B 56 -10.00 -2.18 29.29
C ARG B 56 -9.15 -3.42 29.08
N ARG B 57 -9.48 -4.25 28.09
CA ARG B 57 -8.67 -5.40 27.73
C ARG B 57 -8.62 -5.50 26.21
N THR B 58 -7.68 -6.28 25.71
CA THR B 58 -7.59 -6.51 24.27
C THR B 58 -7.12 -7.94 24.05
N LEU B 59 -7.98 -8.77 23.51
CA LEU B 59 -7.77 -10.21 23.44
C LEU B 59 -7.27 -10.56 22.05
N LYS B 60 -6.06 -11.13 21.97
CA LYS B 60 -5.45 -11.49 20.70
C LYS B 60 -5.04 -12.96 20.72
N GLY B 61 -4.95 -13.53 19.51
CA GLY B 61 -4.57 -14.92 19.38
C GLY B 61 -5.27 -15.62 18.23
N HIS B 62 -6.30 -14.97 17.68
CA HIS B 62 -7.01 -15.54 16.55
C HIS B 62 -6.25 -15.29 15.26
N GLY B 63 -6.23 -16.31 14.39
CA GLY B 63 -5.52 -16.22 13.14
C GLY B 63 -6.31 -15.70 11.97
N ASN B 64 -7.58 -15.35 12.16
CA ASN B 64 -8.40 -14.85 11.07
C ASN B 64 -9.54 -14.03 11.69
N LYS B 65 -10.57 -13.74 10.90
CA LYS B 65 -11.67 -12.92 11.37
C LYS B 65 -12.39 -13.59 12.53
N VAL B 66 -12.88 -12.78 13.46
CA VAL B 66 -13.67 -13.25 14.59
C VAL B 66 -15.14 -13.06 14.27
N LEU B 67 -15.92 -14.12 14.39
CA LEU B 67 -17.27 -14.15 13.86
C LEU B 67 -18.37 -14.08 14.91
N CYS B 68 -18.16 -14.64 16.10
CA CYS B 68 -19.19 -14.59 17.12
C CYS B 68 -18.56 -14.84 18.49
N MET B 69 -19.31 -14.52 19.54
CA MET B 69 -18.86 -14.76 20.90
C MET B 69 -20.06 -14.90 21.81
N ASP B 70 -19.78 -15.20 23.08
CA ASP B 70 -20.83 -15.28 24.10
C ASP B 70 -20.17 -15.22 25.47
N TRP B 71 -20.81 -14.49 26.38
CA TRP B 71 -20.30 -14.34 27.74
C TRP B 71 -20.63 -15.58 28.57
N CYS B 72 -20.07 -15.63 29.77
CA CYS B 72 -20.34 -16.71 30.70
C CYS B 72 -21.29 -16.23 31.79
N LYS B 73 -21.79 -17.18 32.57
CA LYS B 73 -22.64 -16.84 33.70
C LYS B 73 -21.86 -16.37 34.92
N ASP B 74 -20.54 -16.56 34.94
CA ASP B 74 -19.71 -16.10 36.03
C ASP B 74 -19.20 -14.68 35.83
N LYS B 75 -19.60 -14.02 34.75
CA LYS B 75 -19.25 -12.65 34.40
C LYS B 75 -17.78 -12.45 34.08
N ARG B 76 -17.02 -13.53 33.93
CA ARG B 76 -15.60 -13.38 33.62
C ARG B 76 -15.17 -14.10 32.36
N ARG B 77 -15.68 -15.29 32.10
CA ARG B 77 -15.20 -16.10 31.00
C ARG B 77 -15.90 -15.72 29.69
N ILE B 78 -15.20 -15.93 28.59
CA ILE B 78 -15.68 -15.58 27.26
C ILE B 78 -15.30 -16.69 26.30
N VAL B 79 -16.23 -17.09 25.43
CA VAL B 79 -15.97 -18.05 24.37
C VAL B 79 -16.19 -17.36 23.03
N SER B 80 -15.24 -17.51 22.12
CA SER B 80 -15.30 -16.83 20.84
C SER B 80 -14.95 -17.83 19.74
N SER B 81 -15.31 -17.47 18.51
CA SER B 81 -15.11 -18.33 17.35
C SER B 81 -14.53 -17.52 16.20
N SER B 82 -13.82 -18.20 15.30
CA SER B 82 -13.11 -17.54 14.22
C SER B 82 -13.44 -18.20 12.89
N GLN B 83 -12.89 -17.62 11.82
CA GLN B 83 -13.16 -18.14 10.48
C GLN B 83 -12.42 -19.45 10.23
N ASP B 84 -11.17 -19.55 10.66
CA ASP B 84 -10.35 -20.71 10.35
C ASP B 84 -10.73 -21.94 11.17
N GLY B 85 -11.82 -21.89 11.93
CA GLY B 85 -12.30 -23.04 12.66
C GLY B 85 -11.79 -23.18 14.07
N LYS B 86 -11.18 -22.14 14.63
CA LYS B 86 -10.61 -22.21 15.96
C LYS B 86 -11.59 -21.64 16.97
N VAL B 87 -11.82 -22.38 18.06
CA VAL B 87 -12.66 -21.95 19.15
C VAL B 87 -11.79 -21.77 20.39
N ILE B 88 -11.88 -20.60 21.02
CA ILE B 88 -11.04 -20.26 22.15
C ILE B 88 -11.93 -19.88 23.33
N VAL B 89 -11.63 -20.41 24.50
CA VAL B 89 -12.29 -20.04 25.74
C VAL B 89 -11.29 -19.23 26.55
N TRP B 90 -11.56 -17.94 26.69
CA TRP B 90 -10.62 -17.02 27.35
C TRP B 90 -10.97 -16.86 28.82
N ASP B 91 -10.13 -16.10 29.50
CA ASP B 91 -10.41 -15.57 30.84
C ASP B 91 -10.23 -14.06 30.73
N SER B 92 -11.35 -13.35 30.55
CA SER B 92 -11.28 -11.95 30.16
C SER B 92 -10.59 -11.09 31.21
N PHE B 93 -10.86 -11.36 32.48
CA PHE B 93 -10.38 -10.46 33.52
C PHE B 93 -8.86 -10.44 33.63
N THR B 94 -8.21 -11.57 33.34
CA THR B 94 -6.76 -11.67 33.41
C THR B 94 -6.10 -11.93 32.07
N THR B 95 -6.88 -12.13 31.00
CA THR B 95 -6.37 -12.37 29.65
C THR B 95 -5.47 -13.61 29.61
N ASN B 96 -6.07 -14.77 29.87
CA ASN B 96 -5.40 -16.06 29.75
C ASN B 96 -6.25 -16.99 28.91
N LYS B 97 -5.64 -17.62 27.92
CA LYS B 97 -6.32 -18.67 27.17
C LYS B 97 -6.45 -19.90 28.06
N GLU B 98 -7.63 -20.51 28.07
CA GLU B 98 -7.87 -21.69 28.88
C GLU B 98 -8.15 -22.95 28.09
N HIS B 99 -8.80 -22.85 26.95
CA HIS B 99 -9.04 -24.01 26.10
C HIS B 99 -8.94 -23.59 24.65
N ALA B 100 -8.80 -24.58 23.78
CA ALA B 100 -8.75 -24.34 22.35
C ALA B 100 -9.14 -25.63 21.63
N VAL B 101 -9.65 -25.47 20.42
CA VAL B 101 -9.99 -26.61 19.58
C VAL B 101 -10.14 -26.12 18.15
N THR B 102 -9.58 -26.88 17.21
CA THR B 102 -9.68 -26.55 15.80
C THR B 102 -10.73 -27.46 15.18
N MET B 103 -11.83 -26.86 14.75
CA MET B 103 -13.00 -27.53 14.21
C MET B 103 -12.79 -27.81 12.72
N PRO B 104 -13.17 -28.99 12.22
CA PRO B 104 -12.73 -29.38 10.87
C PRO B 104 -13.39 -28.62 9.73
N CYS B 105 -14.11 -27.54 10.02
CA CYS B 105 -14.74 -26.73 8.99
C CYS B 105 -14.14 -25.33 9.02
N THR B 106 -14.58 -24.51 8.07
CA THR B 106 -14.24 -23.09 8.03
C THR B 106 -15.51 -22.26 8.20
N TRP B 107 -15.31 -20.99 8.54
CA TRP B 107 -16.42 -20.06 8.78
C TRP B 107 -17.34 -20.60 9.88
N VAL B 108 -16.80 -20.72 11.09
CA VAL B 108 -17.59 -21.12 12.25
C VAL B 108 -18.39 -19.90 12.70
N MET B 109 -19.69 -19.90 12.42
CA MET B 109 -20.51 -18.71 12.56
C MET B 109 -21.11 -18.55 13.94
N ALA B 110 -21.51 -19.63 14.60
CA ALA B 110 -22.29 -19.54 15.83
C ALA B 110 -21.56 -20.24 16.96
N CYS B 111 -21.61 -19.64 18.15
CA CYS B 111 -21.06 -20.24 19.35
C CYS B 111 -21.82 -19.72 20.56
N ALA B 112 -22.15 -20.62 21.47
CA ALA B 112 -22.88 -20.27 22.68
C ALA B 112 -22.25 -20.98 23.87
N TYR B 113 -22.55 -20.48 25.06
CA TYR B 113 -21.93 -20.97 26.28
C TYR B 113 -23.02 -21.48 27.21
N ALA B 114 -22.85 -22.69 27.72
CA ALA B 114 -23.89 -23.31 28.53
C ALA B 114 -24.05 -22.58 29.85
N PRO B 115 -25.27 -22.53 30.39
CA PRO B 115 -25.48 -21.86 31.68
C PRO B 115 -24.67 -22.45 32.82
N SER B 116 -24.45 -23.76 32.82
CA SER B 116 -23.71 -24.41 33.89
C SER B 116 -22.20 -24.28 33.72
N GLY B 117 -21.73 -23.73 32.62
CA GLY B 117 -20.31 -23.58 32.39
C GLY B 117 -19.58 -24.89 32.20
N CYS B 118 -20.23 -25.87 31.56
CA CYS B 118 -19.62 -27.17 31.32
C CYS B 118 -19.57 -27.57 29.86
N ALA B 119 -20.23 -26.82 28.97
CA ALA B 119 -20.29 -27.19 27.57
C ALA B 119 -20.29 -25.94 26.71
N ILE B 120 -19.84 -26.10 25.46
CA ILE B 120 -19.90 -25.04 24.46
C ILE B 120 -20.51 -25.63 23.20
N ALA B 121 -21.06 -24.75 22.38
CA ALA B 121 -21.67 -25.14 21.12
C ALA B 121 -21.02 -24.37 19.99
N CYS B 122 -20.94 -25.01 18.82
CA CYS B 122 -20.32 -24.36 17.67
C CYS B 122 -20.87 -24.98 16.40
N GLY B 123 -20.75 -24.25 15.30
CA GLY B 123 -21.24 -24.72 14.02
C GLY B 123 -20.90 -23.72 12.94
N GLY B 124 -21.08 -24.15 11.70
CA GLY B 124 -20.68 -23.34 10.57
C GLY B 124 -21.13 -23.89 9.24
N LEU B 125 -20.22 -23.91 8.26
CA LEU B 125 -20.58 -24.39 6.93
C LEU B 125 -20.83 -25.90 6.88
N ASP B 126 -20.47 -26.64 7.92
CA ASP B 126 -20.68 -28.08 7.88
C ASP B 126 -22.13 -28.46 8.16
N ASN B 127 -23.01 -27.49 8.38
CA ASN B 127 -24.44 -27.74 8.54
C ASN B 127 -24.74 -28.61 9.76
N LYS B 128 -23.85 -28.58 10.75
CA LYS B 128 -24.04 -29.37 11.96
C LYS B 128 -23.63 -28.55 13.17
N CYS B 129 -24.33 -28.78 14.28
CA CYS B 129 -24.03 -28.14 15.56
C CYS B 129 -23.45 -29.17 16.50
N SER B 130 -22.34 -28.83 17.14
CA SER B 130 -21.60 -29.76 17.99
C SER B 130 -21.51 -29.21 19.41
N VAL B 131 -21.49 -30.12 20.37
CA VAL B 131 -21.44 -29.77 21.79
C VAL B 131 -20.18 -30.37 22.39
N TYR B 132 -19.36 -29.51 23.00
CA TYR B 132 -18.06 -29.93 23.53
C TYR B 132 -18.09 -29.86 25.04
N PRO B 133 -17.97 -30.99 25.76
CA PRO B 133 -17.86 -30.92 27.22
C PRO B 133 -16.56 -30.26 27.65
N LEU B 134 -16.60 -29.64 28.83
CA LEU B 134 -15.45 -28.97 29.41
C LEU B 134 -15.02 -29.71 30.67
N THR B 135 -13.70 -29.91 30.81
CA THR B 135 -13.12 -30.60 31.95
C THR B 135 -11.83 -29.88 32.31
N PHE B 136 -11.35 -30.09 33.54
CA PHE B 136 -10.10 -29.49 34.01
C PHE B 136 -8.90 -30.41 33.80
N ASP B 137 -8.91 -31.23 32.76
CA ASP B 137 -7.83 -32.19 32.54
C ASP B 137 -6.57 -31.49 32.05
N LYS B 138 -5.50 -32.26 31.93
CA LYS B 138 -4.25 -31.74 31.38
C LYS B 138 -4.05 -32.26 29.97
N ASN B 139 -3.67 -31.37 29.06
CA ASN B 139 -3.55 -31.69 27.63
C ASN B 139 -4.86 -32.28 27.11
N GLU B 140 -5.93 -31.51 27.28
CA GLU B 140 -7.27 -32.00 27.00
C GLU B 140 -7.47 -32.17 25.50
N ASN B 141 -8.21 -33.21 25.13
CA ASN B 141 -8.56 -33.49 23.74
C ASN B 141 -10.10 -33.52 23.64
N MET B 142 -10.69 -32.35 23.43
CA MET B 142 -12.14 -32.26 23.34
C MET B 142 -12.70 -32.88 22.07
N ALA B 143 -11.84 -33.13 21.07
CA ALA B 143 -12.32 -33.76 19.84
C ALA B 143 -12.88 -35.15 20.11
N ALA B 144 -12.35 -35.86 21.11
CA ALA B 144 -12.89 -37.15 21.49
C ALA B 144 -14.26 -37.03 22.15
N LYS B 145 -14.51 -35.96 22.88
CA LYS B 145 -15.78 -35.76 23.56
C LYS B 145 -16.81 -35.04 22.70
N LYS B 146 -16.43 -34.53 21.53
CA LYS B 146 -17.35 -33.77 20.71
C LYS B 146 -18.54 -34.61 20.28
N LYS B 147 -19.74 -34.04 20.44
CA LYS B 147 -20.98 -34.74 20.15
C LYS B 147 -21.79 -33.91 19.15
N SER B 148 -22.26 -34.56 18.09
CA SER B 148 -23.09 -33.90 17.10
C SER B 148 -24.55 -33.98 17.52
N VAL B 149 -25.26 -32.86 17.39
CA VAL B 149 -26.65 -32.79 17.85
C VAL B 149 -27.57 -32.44 16.68
N ALA B 150 -27.37 -31.28 16.08
CA ALA B 150 -28.26 -30.77 15.04
C ALA B 150 -27.66 -30.99 13.67
N MET B 151 -28.53 -31.26 12.70
CA MET B 151 -28.13 -31.45 11.31
C MET B 151 -29.11 -30.71 10.41
N HIS B 152 -28.59 -29.82 9.57
CA HIS B 152 -29.42 -29.05 8.67
C HIS B 152 -28.92 -29.25 7.24
N THR B 153 -29.66 -28.72 6.29
CA THR B 153 -29.29 -28.79 4.88
C THR B 153 -28.55 -27.54 4.42
N ASN B 154 -28.30 -26.58 5.31
CA ASN B 154 -27.60 -25.35 4.96
C ASN B 154 -26.73 -24.93 6.15
N TYR B 155 -26.00 -23.84 5.96
CA TYR B 155 -25.04 -23.39 6.97
C TYR B 155 -25.75 -23.01 8.26
N LEU B 156 -25.10 -23.28 9.38
CA LEU B 156 -25.62 -22.87 10.68
C LEU B 156 -25.37 -21.39 10.90
N SER B 157 -26.41 -20.67 11.34
CA SER B 157 -26.35 -19.23 11.47
C SER B 157 -26.18 -18.75 12.91
N ALA B 158 -27.05 -19.20 13.82
CA ALA B 158 -26.93 -18.81 15.22
C ALA B 158 -27.66 -19.84 16.08
N CYS B 159 -27.02 -20.23 17.18
CA CYS B 159 -27.56 -21.24 18.08
C CYS B 159 -27.38 -20.77 19.51
N SER B 160 -28.23 -21.28 20.41
CA SER B 160 -28.16 -20.88 21.80
C SER B 160 -28.85 -21.92 22.66
N PHE B 161 -28.26 -22.22 23.82
CA PHE B 161 -28.90 -23.10 24.78
C PHE B 161 -30.16 -22.45 25.33
N THR B 162 -31.12 -23.28 25.71
CA THR B 162 -32.31 -22.79 26.39
C THR B 162 -31.97 -22.58 27.87
N ASN B 163 -33.00 -22.41 28.71
CA ASN B 163 -32.76 -22.19 30.12
C ASN B 163 -32.11 -23.38 30.80
N SER B 164 -32.11 -24.55 30.17
CA SER B 164 -31.47 -25.75 30.69
C SER B 164 -30.27 -26.10 29.82
N ASP B 165 -29.61 -27.20 30.17
CA ASP B 165 -28.42 -27.66 29.47
C ASP B 165 -28.71 -28.78 28.47
N MET B 166 -29.99 -29.12 28.27
CA MET B 166 -30.36 -30.28 27.48
C MET B 166 -30.93 -29.94 26.12
N GLN B 167 -31.33 -28.70 25.88
CA GLN B 167 -31.96 -28.31 24.64
C GLN B 167 -31.23 -27.11 24.05
N ILE B 168 -31.07 -27.11 22.73
CA ILE B 168 -30.44 -26.01 22.02
C ILE B 168 -31.31 -25.63 20.83
N LEU B 169 -31.45 -24.34 20.60
CA LEU B 169 -32.12 -23.84 19.40
C LEU B 169 -31.15 -23.80 18.24
N THR B 170 -31.68 -23.60 17.04
CA THR B 170 -30.89 -23.67 15.83
C THR B 170 -31.55 -22.83 14.75
N ALA B 171 -30.75 -22.10 13.99
CA ALA B 171 -31.22 -21.35 12.85
C ALA B 171 -30.24 -21.52 11.70
N SER B 172 -30.75 -21.81 10.51
CA SER B 172 -29.90 -22.11 9.37
C SER B 172 -30.43 -21.39 8.15
N GLY B 173 -29.75 -21.60 7.01
CA GLY B 173 -30.13 -20.96 5.77
C GLY B 173 -31.27 -21.61 5.03
N ASP B 174 -31.77 -22.75 5.52
CA ASP B 174 -32.92 -23.39 4.90
C ASP B 174 -34.24 -22.78 5.33
N GLY B 175 -34.21 -21.69 6.10
CA GLY B 175 -35.42 -21.04 6.53
C GLY B 175 -36.16 -21.73 7.63
N THR B 176 -35.51 -22.63 8.38
CA THR B 176 -36.17 -23.39 9.43
C THR B 176 -35.39 -23.26 10.72
N CYS B 177 -36.12 -23.15 11.82
CA CYS B 177 -35.56 -23.17 13.17
C CYS B 177 -36.01 -24.45 13.86
N ALA B 178 -35.11 -25.06 14.61
CA ALA B 178 -35.40 -26.36 15.20
C ALA B 178 -34.94 -26.39 16.66
N LEU B 179 -35.62 -27.21 17.45
CA LEU B 179 -35.29 -27.44 18.84
C LEU B 179 -34.86 -28.89 19.00
N TRP B 180 -33.66 -29.11 19.52
CA TRP B 180 -33.08 -30.44 19.63
C TRP B 180 -32.81 -30.79 21.08
N ASP B 181 -32.50 -32.06 21.31
CA ASP B 181 -32.03 -32.57 22.59
C ASP B 181 -30.56 -32.94 22.45
N VAL B 182 -29.73 -32.40 23.33
CA VAL B 182 -28.28 -32.55 23.18
C VAL B 182 -27.85 -33.99 23.41
N GLU B 183 -28.49 -34.68 24.37
CA GLU B 183 -27.97 -35.97 24.79
C GLU B 183 -28.25 -37.07 23.78
N SER B 184 -29.40 -37.02 23.10
CA SER B 184 -29.78 -38.07 22.17
C SER B 184 -29.84 -37.64 20.71
N GLY B 185 -29.83 -36.33 20.44
CA GLY B 185 -29.93 -35.87 19.06
C GLY B 185 -31.33 -35.95 18.49
N GLN B 186 -32.33 -36.24 19.32
CA GLN B 186 -33.70 -36.35 18.86
C GLN B 186 -34.33 -34.97 18.72
N LEU B 187 -34.93 -34.71 17.56
CA LEU B 187 -35.61 -33.44 17.35
C LEU B 187 -36.92 -33.42 18.14
N LEU B 188 -37.25 -32.27 18.71
CA LEU B 188 -38.46 -32.11 19.48
C LEU B 188 -39.51 -31.22 18.82
N GLN B 189 -39.11 -30.19 18.09
CA GLN B 189 -40.05 -29.29 17.46
C GLN B 189 -39.36 -28.57 16.31
N SER B 190 -40.10 -28.36 15.23
CA SER B 190 -39.59 -27.69 14.05
C SER B 190 -40.48 -26.51 13.69
N PHE B 191 -39.84 -25.40 13.31
CA PHE B 191 -40.53 -24.14 13.05
C PHE B 191 -40.36 -23.77 11.58
N HIS B 192 -41.46 -23.45 10.92
CA HIS B 192 -41.47 -23.05 9.53
C HIS B 192 -42.22 -21.75 9.37
N GLY B 193 -41.86 -20.98 8.35
CA GLY B 193 -42.51 -19.70 8.12
C GLY B 193 -41.65 -18.58 7.55
N HIS B 194 -40.34 -18.79 7.46
CA HIS B 194 -39.48 -17.88 6.72
C HIS B 194 -39.27 -18.43 5.31
N GLY B 195 -39.53 -17.59 4.31
CA GLY B 195 -39.28 -17.92 2.93
C GLY B 195 -37.87 -17.70 2.47
N ALA B 196 -37.00 -17.23 3.35
CA ALA B 196 -35.60 -16.99 3.02
C ALA B 196 -34.75 -17.45 4.21
N ASP B 197 -33.48 -17.08 4.21
CA ASP B 197 -32.58 -17.52 5.26
C ASP B 197 -32.95 -16.90 6.60
N VAL B 198 -32.51 -17.55 7.67
CA VAL B 198 -32.68 -17.07 9.03
C VAL B 198 -31.31 -16.68 9.57
N LEU B 199 -31.18 -15.45 10.07
CA LEU B 199 -29.88 -14.90 10.40
C LEU B 199 -29.63 -14.74 11.90
N CYS B 200 -30.65 -14.78 12.74
CA CYS B 200 -30.46 -14.53 14.16
C CYS B 200 -31.67 -15.03 14.94
N LEU B 201 -31.47 -15.16 16.25
CA LEU B 201 -32.56 -15.51 17.15
C LEU B 201 -32.18 -15.10 18.57
N ASP B 202 -33.19 -15.09 19.45
CA ASP B 202 -32.96 -14.75 20.85
C ASP B 202 -34.11 -15.33 21.68
N LEU B 203 -33.75 -15.95 22.81
CA LEU B 203 -34.73 -16.46 23.75
C LEU B 203 -35.40 -15.30 24.50
N ALA B 204 -36.59 -15.57 25.01
CA ALA B 204 -37.27 -14.58 25.83
C ALA B 204 -36.56 -14.44 27.18
N PRO B 205 -36.44 -13.20 27.68
CA PRO B 205 -35.76 -13.03 28.97
C PRO B 205 -36.48 -13.70 30.13
N SER B 206 -37.80 -13.74 30.08
CA SER B 206 -38.59 -14.37 31.14
C SER B 206 -38.45 -15.88 31.05
N GLU B 207 -38.00 -16.50 32.14
CA GLU B 207 -37.88 -17.96 32.14
C GLU B 207 -39.24 -18.62 32.04
N THR B 208 -40.28 -18.02 32.61
CA THR B 208 -41.62 -18.57 32.47
C THR B 208 -42.12 -18.45 31.04
N GLY B 209 -41.68 -17.43 30.31
CA GLY B 209 -42.11 -17.25 28.93
C GLY B 209 -41.42 -18.20 27.98
N ASN B 210 -42.20 -19.07 27.34
CA ASN B 210 -41.68 -20.03 26.39
C ASN B 210 -41.88 -19.54 24.96
N THR B 211 -41.18 -18.46 24.62
CA THR B 211 -41.20 -17.90 23.28
C THR B 211 -39.80 -17.44 22.90
N PHE B 212 -39.62 -17.16 21.61
CA PHE B 212 -38.37 -16.60 21.12
C PHE B 212 -38.65 -15.86 19.82
N VAL B 213 -37.68 -15.05 19.40
CA VAL B 213 -37.82 -14.20 18.23
C VAL B 213 -36.72 -14.55 17.24
N SER B 214 -37.02 -14.41 15.95
CA SER B 214 -36.04 -14.68 14.92
C SER B 214 -36.21 -13.68 13.78
N GLY B 215 -35.11 -13.19 13.26
CA GLY B 215 -35.11 -12.27 12.13
C GLY B 215 -34.45 -12.91 10.94
N GLY B 216 -35.06 -12.75 9.77
CA GLY B 216 -34.64 -13.42 8.56
C GLY B 216 -34.22 -12.46 7.46
N CYS B 217 -33.70 -13.05 6.39
CA CYS B 217 -33.26 -12.28 5.23
C CYS B 217 -34.43 -11.68 4.46
N ASP B 218 -35.65 -12.17 4.70
CA ASP B 218 -36.84 -11.66 4.03
C ASP B 218 -37.42 -10.44 4.72
N LYS B 219 -36.61 -9.70 5.47
CA LYS B 219 -36.99 -8.42 6.06
C LYS B 219 -38.14 -8.56 7.05
N LYS B 220 -38.18 -9.64 7.82
CA LYS B 220 -39.23 -9.87 8.80
C LYS B 220 -38.64 -10.34 10.12
N ALA B 221 -39.26 -9.89 11.22
CA ALA B 221 -39.00 -10.41 12.55
C ALA B 221 -40.20 -11.21 13.00
N MET B 222 -39.95 -12.42 13.48
CA MET B 222 -40.99 -13.43 13.64
C MET B 222 -40.94 -13.96 15.07
N VAL B 223 -42.07 -13.90 15.77
CA VAL B 223 -42.17 -14.37 17.16
C VAL B 223 -42.87 -15.71 17.18
N TRP B 224 -42.22 -16.71 17.76
CA TRP B 224 -42.71 -18.08 17.70
C TRP B 224 -43.21 -18.56 19.06
N ASP B 225 -43.90 -19.69 19.03
CA ASP B 225 -44.38 -20.36 20.23
C ASP B 225 -43.66 -21.69 20.38
N MET B 226 -43.06 -21.92 21.55
CA MET B 226 -42.26 -23.12 21.74
C MET B 226 -43.12 -24.37 21.92
N ARG B 227 -44.33 -24.24 22.45
CA ARG B 227 -45.16 -25.42 22.70
C ARG B 227 -45.65 -26.05 21.41
N SER B 228 -46.14 -25.22 20.49
CA SER B 228 -46.78 -25.75 19.28
C SER B 228 -45.88 -25.60 18.05
N GLY B 229 -45.50 -24.38 17.72
CA GLY B 229 -44.59 -24.15 16.61
C GLY B 229 -45.04 -23.14 15.57
N GLN B 230 -46.22 -22.55 15.71
CA GLN B 230 -46.68 -21.53 14.77
C GLN B 230 -46.52 -20.16 15.40
N CYS B 231 -46.17 -19.18 14.57
CA CYS B 231 -45.92 -17.83 15.06
C CYS B 231 -47.20 -17.18 15.56
N VAL B 232 -47.07 -16.30 16.55
CA VAL B 232 -48.20 -15.51 17.03
C VAL B 232 -48.14 -14.06 16.59
N GLN B 233 -46.99 -13.59 16.10
CA GLN B 233 -46.83 -12.21 15.66
C GLN B 233 -45.91 -12.17 14.45
N ALA B 234 -45.96 -11.06 13.73
CA ALA B 234 -45.07 -10.85 12.59
C ALA B 234 -44.93 -9.36 12.33
N PHE B 235 -43.70 -8.94 12.06
CA PHE B 235 -43.40 -7.54 11.80
C PHE B 235 -42.62 -7.43 10.50
N GLU B 236 -42.86 -6.35 9.77
CA GLU B 236 -42.12 -6.10 8.53
C GLU B 236 -42.10 -4.58 8.30
N THR B 237 -40.99 -3.95 8.70
CA THR B 237 -40.80 -2.53 8.44
C THR B 237 -39.38 -2.20 7.99
N HIS B 238 -38.49 -3.17 7.88
CA HIS B 238 -37.13 -2.91 7.47
C HIS B 238 -37.03 -2.90 5.96
N GLU B 239 -35.98 -2.25 5.45
CA GLU B 239 -35.76 -2.13 4.01
C GLU B 239 -34.78 -3.16 3.48
N SER B 240 -34.18 -3.98 4.33
CA SER B 240 -33.21 -4.96 3.88
C SER B 240 -33.11 -6.05 4.94
N ASP B 241 -32.03 -6.84 4.88
CA ASP B 241 -31.87 -7.97 5.79
C ASP B 241 -31.89 -7.50 7.24
N VAL B 242 -32.48 -8.32 8.10
CA VAL B 242 -32.46 -8.09 9.54
C VAL B 242 -31.32 -8.90 10.13
N ASN B 243 -30.30 -8.21 10.66
CA ASN B 243 -29.06 -8.88 11.03
C ASN B 243 -29.03 -9.40 12.46
N SER B 244 -29.67 -8.70 13.40
CA SER B 244 -29.67 -9.18 14.78
C SER B 244 -30.89 -8.65 15.52
N VAL B 245 -31.36 -9.43 16.48
CA VAL B 245 -32.51 -9.07 17.30
C VAL B 245 -32.16 -9.33 18.76
N ARG B 246 -32.90 -8.67 19.65
CA ARG B 246 -32.66 -8.80 21.08
C ARG B 246 -33.88 -8.30 21.83
N TYR B 247 -34.19 -8.93 22.95
CA TYR B 247 -35.32 -8.52 23.78
C TYR B 247 -34.97 -7.37 24.72
N TYR B 248 -35.93 -6.48 24.91
CA TYR B 248 -35.89 -5.55 26.03
C TYR B 248 -35.98 -6.36 27.32
N PRO B 249 -35.26 -5.98 28.38
CA PRO B 249 -35.23 -6.81 29.59
C PRO B 249 -36.58 -7.00 30.24
N SER B 250 -37.55 -6.13 29.99
CA SER B 250 -38.89 -6.33 30.52
C SER B 250 -39.61 -7.49 29.86
N GLY B 251 -39.18 -7.92 28.68
CA GLY B 251 -39.85 -8.98 27.97
C GLY B 251 -41.04 -8.55 27.15
N ASP B 252 -41.36 -7.26 27.11
CA ASP B 252 -42.50 -6.76 26.36
C ASP B 252 -42.10 -6.04 25.07
N ALA B 253 -40.82 -6.03 24.71
CA ALA B 253 -40.38 -5.37 23.49
C ALA B 253 -39.08 -5.99 23.03
N PHE B 254 -38.77 -5.79 21.76
CA PHE B 254 -37.52 -6.27 21.21
C PHE B 254 -37.05 -5.35 20.11
N ALA B 255 -35.75 -5.08 20.07
CA ALA B 255 -35.15 -4.24 19.05
C ALA B 255 -34.40 -5.09 18.04
N SER B 256 -34.27 -4.57 16.82
CA SER B 256 -33.61 -5.29 15.76
C SER B 256 -32.70 -4.35 15.00
N GLY B 257 -31.59 -4.86 14.51
CA GLY B 257 -30.68 -4.07 13.70
C GLY B 257 -30.57 -4.63 12.30
N SER B 258 -30.91 -3.82 11.31
CA SER B 258 -31.00 -4.28 9.94
C SER B 258 -29.88 -3.66 9.11
N ASP B 259 -29.81 -4.07 7.85
CA ASP B 259 -28.71 -3.68 6.98
C ASP B 259 -28.94 -2.33 6.32
N ASP B 260 -30.09 -1.70 6.54
CA ASP B 260 -30.32 -0.35 6.04
C ASP B 260 -29.85 0.73 7.02
N ALA B 261 -28.91 0.38 7.91
CA ALA B 261 -28.28 1.31 8.83
C ALA B 261 -29.26 1.94 9.80
N THR B 262 -30.28 1.19 10.21
CA THR B 262 -31.21 1.65 11.23
C THR B 262 -31.45 0.54 12.24
N CYS B 263 -31.67 0.94 13.49
CA CYS B 263 -32.11 0.05 14.56
C CYS B 263 -33.47 0.53 15.07
N ARG B 264 -34.44 -0.37 15.12
CA ARG B 264 -35.79 -0.02 15.50
C ARG B 264 -36.22 -0.83 16.71
N LEU B 265 -37.12 -0.25 17.51
CA LEU B 265 -37.60 -0.88 18.73
C LEU B 265 -39.09 -1.16 18.58
N TYR B 266 -39.45 -2.42 18.35
CA TYR B 266 -40.84 -2.81 18.22
C TYR B 266 -41.46 -3.00 19.59
N ASP B 267 -42.75 -3.33 19.60
CA ASP B 267 -43.48 -3.58 20.83
C ASP B 267 -44.40 -4.77 20.62
N LEU B 268 -44.70 -5.47 21.70
CA LEU B 268 -45.55 -6.66 21.61
C LEU B 268 -47.02 -6.38 21.91
N ARG B 269 -47.31 -5.57 22.94
CA ARG B 269 -48.70 -5.22 23.20
C ARG B 269 -49.24 -4.24 22.16
N ALA B 270 -48.47 -3.22 21.82
CA ALA B 270 -48.94 -2.23 20.86
C ALA B 270 -48.94 -2.76 19.44
N ASP B 271 -48.19 -3.82 19.16
CA ASP B 271 -48.16 -4.45 17.83
C ASP B 271 -47.68 -3.48 16.75
N ARG B 272 -46.76 -2.59 17.12
CA ARG B 272 -46.23 -1.61 16.17
C ARG B 272 -44.94 -1.05 16.73
N GLU B 273 -44.07 -0.58 15.84
CA GLU B 273 -42.82 0.01 16.28
C GLU B 273 -43.09 1.34 17.00
N VAL B 274 -42.19 1.68 17.92
CA VAL B 274 -42.34 2.89 18.72
C VAL B 274 -41.15 3.83 18.60
N ALA B 275 -40.07 3.44 17.93
CA ALA B 275 -38.93 4.33 17.75
C ALA B 275 -38.11 3.87 16.57
N ILE B 276 -37.33 4.79 16.01
CA ILE B 276 -36.38 4.49 14.96
C ILE B 276 -35.09 5.23 15.28
N TYR B 277 -33.98 4.50 15.35
CA TYR B 277 -32.68 5.07 15.70
C TYR B 277 -31.82 5.11 14.45
N SER B 278 -31.67 6.31 13.88
CA SER B 278 -30.88 6.49 12.67
C SER B 278 -30.37 7.92 12.61
N LYS B 279 -29.38 8.13 11.76
CA LYS B 279 -28.73 9.44 11.67
C LYS B 279 -28.23 9.65 10.25
N GLU B 280 -28.03 10.93 9.89
CA GLU B 280 -27.64 11.25 8.52
C GLU B 280 -26.21 10.83 8.22
N SER B 281 -25.32 10.92 9.21
CA SER B 281 -23.92 10.60 8.96
C SER B 281 -23.63 9.11 8.95
N ILE B 282 -24.63 8.27 9.22
CA ILE B 282 -24.46 6.82 9.30
C ILE B 282 -25.10 6.21 8.07
N ILE B 283 -24.30 5.52 7.26
CA ILE B 283 -24.79 4.93 6.02
C ILE B 283 -24.44 3.45 5.93
N PHE B 284 -23.74 2.93 6.92
CA PHE B 284 -23.33 1.54 6.94
C PHE B 284 -24.23 0.74 7.87
N GLY B 285 -24.55 -0.48 7.46
CA GLY B 285 -25.58 -1.25 8.14
C GLY B 285 -25.11 -1.80 9.47
N ALA B 286 -26.06 -1.89 10.41
CA ALA B 286 -25.76 -2.45 11.72
C ALA B 286 -25.54 -3.95 11.62
N SER B 287 -24.90 -4.51 12.64
CA SER B 287 -24.59 -5.92 12.66
C SER B 287 -24.90 -6.63 13.97
N SER B 288 -25.00 -5.90 15.08
CA SER B 288 -25.33 -6.53 16.36
C SER B 288 -25.82 -5.46 17.32
N VAL B 289 -26.83 -5.81 18.11
CA VAL B 289 -27.38 -4.91 19.11
C VAL B 289 -27.47 -5.63 20.44
N ASP B 290 -27.48 -4.85 21.52
CA ASP B 290 -27.76 -5.38 22.84
C ASP B 290 -28.16 -4.22 23.76
N PHE B 291 -28.81 -4.57 24.86
CA PHE B 291 -29.34 -3.60 25.80
C PHE B 291 -28.46 -3.50 27.03
N SER B 292 -28.60 -2.39 27.75
CA SER B 292 -28.00 -2.28 29.07
C SER B 292 -28.84 -3.07 30.07
N LEU B 293 -28.40 -3.07 31.33
CA LEU B 293 -29.12 -3.84 32.35
C LEU B 293 -30.51 -3.27 32.58
N SER B 294 -30.64 -1.95 32.63
CA SER B 294 -31.92 -1.30 32.86
C SER B 294 -32.68 -1.03 31.57
N GLY B 295 -32.09 -1.35 30.42
CA GLY B 295 -32.72 -1.04 29.15
C GLY B 295 -32.63 0.40 28.73
N ARG B 296 -31.78 1.19 29.39
CA ARG B 296 -31.67 2.61 29.07
C ARG B 296 -30.87 2.87 27.81
N LEU B 297 -29.90 2.01 27.49
CA LEU B 297 -29.02 2.22 26.35
C LEU B 297 -29.11 1.05 25.38
N LEU B 298 -28.98 1.35 24.09
CA LEU B 298 -29.00 0.33 23.04
C LEU B 298 -27.69 0.43 22.27
N PHE B 299 -26.75 -0.46 22.60
CA PHE B 299 -25.49 -0.50 21.88
C PHE B 299 -25.70 -1.12 20.51
N ALA B 300 -25.00 -0.60 19.51
CA ALA B 300 -25.09 -1.14 18.17
C ALA B 300 -23.70 -1.13 17.53
N GLY B 301 -23.32 -2.24 16.92
CA GLY B 301 -22.03 -2.33 16.28
C GLY B 301 -22.11 -2.33 14.76
N TYR B 302 -21.71 -1.22 14.14
CA TYR B 302 -21.94 -1.03 12.72
C TYR B 302 -20.81 -1.61 11.89
N ASN B 303 -20.98 -1.57 10.57
CA ASN B 303 -19.97 -2.02 9.62
C ASN B 303 -18.98 -0.94 9.25
N ASP B 304 -19.17 0.30 9.71
CA ASP B 304 -18.23 1.37 9.45
C ASP B 304 -17.13 1.43 10.50
N TYR B 305 -16.88 0.32 11.18
CA TYR B 305 -15.79 0.05 12.12
C TYR B 305 -16.06 0.65 13.50
N THR B 306 -17.20 1.29 13.73
CA THR B 306 -17.48 2.00 14.96
C THR B 306 -18.57 1.31 15.76
N ILE B 307 -18.82 1.85 16.95
CA ILE B 307 -19.89 1.41 17.84
C ILE B 307 -20.68 2.64 18.27
N ASN B 308 -21.99 2.57 18.16
CA ASN B 308 -22.86 3.67 18.54
C ASN B 308 -23.68 3.30 19.76
N VAL B 309 -24.00 4.30 20.58
CA VAL B 309 -24.85 4.12 21.75
C VAL B 309 -26.01 5.10 21.64
N TRP B 310 -27.23 4.59 21.81
CA TRP B 310 -28.44 5.39 21.67
C TRP B 310 -29.20 5.43 22.98
N ASP B 311 -29.86 6.55 23.22
CA ASP B 311 -30.79 6.68 24.34
C ASP B 311 -32.11 6.06 23.92
N VAL B 312 -32.49 4.95 24.58
CA VAL B 312 -33.67 4.21 24.14
C VAL B 312 -34.92 5.05 24.26
N LEU B 313 -35.07 5.79 25.37
CA LEU B 313 -36.32 6.50 25.60
C LEU B 313 -36.45 7.73 24.70
N LYS B 314 -35.35 8.42 24.43
CA LYS B 314 -35.41 9.69 23.70
C LYS B 314 -35.10 9.55 22.22
N GLY B 315 -34.08 8.78 21.85
CA GLY B 315 -33.72 8.61 20.46
C GLY B 315 -32.50 9.39 20.00
N SER B 316 -31.78 10.03 20.91
CA SER B 316 -30.61 10.81 20.54
C SER B 316 -29.34 10.07 20.91
N ARG B 317 -28.37 10.08 19.99
CA ARG B 317 -27.10 9.42 20.24
C ARG B 317 -26.36 10.08 21.40
N VAL B 318 -25.64 9.26 22.17
CA VAL B 318 -24.91 9.75 23.32
C VAL B 318 -23.40 9.62 23.17
N SER B 319 -22.91 8.65 22.42
CA SER B 319 -21.48 8.49 22.24
C SER B 319 -21.20 7.59 21.04
N ILE B 320 -20.01 7.78 20.46
CA ILE B 320 -19.50 6.95 19.39
C ILE B 320 -18.09 6.51 19.77
N LEU B 321 -17.81 5.21 19.66
CA LEU B 321 -16.56 4.65 20.13
C LEU B 321 -15.77 4.10 18.95
N PHE B 322 -14.61 4.68 18.69
CA PHE B 322 -13.72 4.20 17.65
C PHE B 322 -12.75 3.17 18.23
N GLY B 323 -11.87 2.65 17.39
CA GLY B 323 -10.84 1.76 17.87
C GLY B 323 -10.61 0.54 17.00
N HIS B 324 -11.67 0.02 16.39
CA HIS B 324 -11.51 -1.14 15.53
C HIS B 324 -11.01 -0.74 14.16
N GLU B 325 -10.38 -1.68 13.47
CA GLU B 325 -9.81 -1.43 12.15
C GLU B 325 -10.43 -2.30 11.07
N ASN B 326 -11.61 -2.85 11.33
CA ASN B 326 -12.39 -3.58 10.34
C ASN B 326 -13.82 -3.66 10.84
N ARG B 327 -14.64 -4.48 10.18
CA ARG B 327 -16.04 -4.60 10.55
C ARG B 327 -16.17 -5.09 11.99
N VAL B 328 -17.31 -4.78 12.60
CA VAL B 328 -17.65 -5.30 13.92
C VAL B 328 -18.65 -6.42 13.73
N SER B 329 -18.28 -7.63 14.16
CA SER B 329 -19.09 -8.81 13.89
C SER B 329 -20.12 -9.10 14.97
N THR B 330 -19.84 -8.75 16.22
CA THR B 330 -20.73 -9.13 17.30
C THR B 330 -20.56 -8.15 18.45
N LEU B 331 -21.50 -8.20 19.38
CA LEU B 331 -21.48 -7.33 20.55
C LEU B 331 -22.39 -7.91 21.60
N ARG B 332 -21.88 -8.15 22.80
CA ARG B 332 -22.66 -8.72 23.89
C ARG B 332 -22.36 -7.99 25.17
N VAL B 333 -23.37 -7.86 26.02
CA VAL B 333 -23.24 -7.19 27.31
C VAL B 333 -23.17 -8.24 28.40
N SER B 334 -22.24 -8.07 29.33
CA SER B 334 -21.99 -9.06 30.37
C SER B 334 -23.21 -9.20 31.28
N PRO B 335 -23.40 -10.37 31.90
CA PRO B 335 -24.61 -10.59 32.70
C PRO B 335 -24.78 -9.62 33.85
N ASP B 336 -23.70 -9.18 34.49
CA ASP B 336 -23.83 -8.22 35.58
C ASP B 336 -24.18 -6.82 35.07
N GLY B 337 -23.93 -6.54 33.80
CA GLY B 337 -24.22 -5.24 33.24
C GLY B 337 -23.13 -4.21 33.37
N THR B 338 -21.89 -4.63 33.65
CA THR B 338 -20.80 -3.69 33.87
C THR B 338 -19.92 -3.46 32.65
N ALA B 339 -19.90 -4.39 31.69
CA ALA B 339 -18.99 -4.25 30.55
C ALA B 339 -19.54 -5.04 29.38
N PHE B 340 -19.14 -4.63 28.17
CA PHE B 340 -19.54 -5.30 26.95
C PHE B 340 -18.31 -5.54 26.08
N CYS B 341 -18.29 -6.66 25.38
CA CYS B 341 -17.19 -6.99 24.49
C CYS B 341 -17.69 -7.06 23.05
N SER B 342 -16.77 -6.85 22.10
CA SER B 342 -17.16 -6.68 20.71
C SER B 342 -16.08 -7.23 19.81
N GLY B 343 -16.34 -8.36 19.15
CA GLY B 343 -15.39 -8.93 18.21
C GLY B 343 -15.32 -8.11 16.95
N SER B 344 -14.43 -8.52 16.05
CA SER B 344 -14.22 -7.78 14.81
C SER B 344 -13.60 -8.68 13.77
N TRP B 345 -13.48 -8.15 12.57
CA TRP B 345 -12.76 -8.81 11.49
C TRP B 345 -11.26 -8.49 11.51
N ASP B 346 -10.80 -7.68 12.46
CA ASP B 346 -9.38 -7.42 12.61
C ASP B 346 -8.72 -8.36 13.60
N HIS B 347 -9.26 -9.57 13.75
CA HIS B 347 -8.69 -10.67 14.52
C HIS B 347 -8.72 -10.43 16.03
N THR B 348 -9.35 -9.36 16.51
CA THR B 348 -9.25 -8.98 17.90
C THR B 348 -10.63 -8.88 18.55
N LEU B 349 -10.63 -8.95 19.87
CA LEU B 349 -11.77 -8.64 20.71
C LEU B 349 -11.35 -7.58 21.73
N ARG B 350 -12.24 -6.62 21.99
CA ARG B 350 -11.95 -5.59 22.98
C ARG B 350 -13.09 -5.54 23.99
N VAL B 351 -12.73 -5.55 25.27
CA VAL B 351 -13.71 -5.43 26.35
C VAL B 351 -13.77 -3.97 26.77
N TRP B 352 -14.93 -3.35 26.64
CA TRP B 352 -15.12 -1.96 26.98
C TRP B 352 -15.83 -1.86 28.32
N ALA B 353 -15.66 -0.73 29.00
CA ALA B 353 -16.25 -0.55 30.32
C ALA B 353 -16.30 0.91 30.73
N SER C 406 68.34 47.74 -40.00
CA SER C 406 68.42 46.55 -39.16
C SER C 406 67.10 45.79 -39.17
N PRO C 407 66.99 44.78 -40.04
CA PRO C 407 65.75 44.01 -40.12
C PRO C 407 65.70 42.88 -39.11
N CYS C 408 64.70 42.92 -38.22
CA CYS C 408 64.52 41.86 -37.23
C CYS C 408 63.09 41.34 -37.31
N PHE C 409 62.14 42.23 -37.52
CA PHE C 409 60.73 41.87 -37.66
C PHE C 409 60.32 42.02 -39.11
N VAL C 410 59.79 40.95 -39.70
CA VAL C 410 59.44 40.95 -41.11
C VAL C 410 58.08 41.62 -41.28
N GLN C 411 58.04 42.66 -42.11
CA GLN C 411 56.79 43.38 -42.37
C GLN C 411 56.25 42.97 -43.74
N GLU C 412 54.95 42.68 -43.79
CA GLU C 412 54.30 42.34 -45.04
C GLU C 412 52.80 42.47 -44.85
N ASP C 413 52.12 42.88 -45.91
CA ASP C 413 50.69 43.14 -45.87
C ASP C 413 50.17 43.13 -47.31
N LYS C 414 48.95 43.63 -47.50
CA LYS C 414 48.36 43.82 -48.83
C LYS C 414 48.13 42.50 -49.54
N TYR C 415 49.18 41.99 -50.22
CA TYR C 415 49.00 40.86 -51.14
C TYR C 415 48.48 39.63 -50.42
N LEU C 416 48.99 39.35 -49.23
CA LEU C 416 48.63 38.13 -48.51
C LEU C 416 47.82 38.35 -47.25
N ARG C 417 48.15 39.37 -46.45
CA ARG C 417 47.63 39.44 -45.09
C ARG C 417 46.10 39.60 -45.08
N LEU C 418 45.59 40.71 -45.60
CA LEU C 418 44.16 40.94 -45.52
C LEU C 418 43.40 40.29 -46.66
N ALA C 419 44.09 39.69 -47.63
CA ALA C 419 43.41 38.87 -48.62
C ALA C 419 42.83 37.61 -47.99
N ILE C 420 43.54 37.04 -47.01
CA ILE C 420 43.04 35.85 -46.33
C ILE C 420 41.80 36.20 -45.49
N ILE C 421 41.90 37.25 -44.66
CA ILE C 421 40.78 37.60 -43.80
C ILE C 421 39.62 38.19 -44.59
N SER C 422 39.88 38.71 -45.79
CA SER C 422 38.78 39.21 -46.61
C SER C 422 37.86 38.06 -47.04
N PHE C 423 38.45 36.94 -47.46
CA PHE C 423 37.65 35.80 -47.89
C PHE C 423 37.21 34.96 -46.69
N GLN C 424 38.04 34.88 -45.65
CA GLN C 424 37.67 34.19 -44.43
C GLN C 424 36.49 34.84 -43.69
N ALA C 425 36.28 36.14 -43.88
CA ALA C 425 35.10 36.78 -43.33
C ALA C 425 33.87 36.53 -44.19
N LEU C 426 34.04 35.99 -45.39
CA LEU C 426 32.92 35.66 -46.25
C LEU C 426 32.34 34.28 -45.97
N CYS C 427 33.21 33.31 -45.65
CA CYS C 427 32.71 31.99 -45.29
C CYS C 427 31.89 32.03 -44.01
N MET C 428 32.37 32.77 -43.01
CA MET C 428 31.57 32.94 -41.80
C MET C 428 30.29 33.72 -42.06
N LEU C 429 30.30 34.60 -43.05
CA LEU C 429 29.09 35.32 -43.44
C LEU C 429 28.07 34.41 -44.11
N LEU C 430 28.52 33.52 -44.99
CA LEU C 430 27.65 32.57 -45.65
C LEU C 430 27.30 31.38 -44.76
N ASP C 431 28.02 31.19 -43.65
CA ASP C 431 27.65 30.13 -42.72
C ASP C 431 26.41 30.48 -41.92
N PHE C 432 26.24 31.76 -41.58
CA PHE C 432 25.08 32.15 -40.78
C PHE C 432 23.79 32.11 -41.60
N VAL C 433 23.84 32.53 -42.86
CA VAL C 433 22.64 32.49 -43.69
C VAL C 433 22.18 31.05 -43.89
N SER C 434 23.12 30.10 -43.92
CA SER C 434 22.75 28.69 -43.99
C SER C 434 22.07 28.21 -42.71
N MET C 435 22.25 28.91 -41.59
CA MET C 435 21.48 28.62 -40.40
C MET C 435 20.10 29.27 -40.41
N LEU C 436 19.86 30.18 -41.33
CA LEU C 436 18.55 30.81 -41.50
C LEU C 436 17.81 30.27 -42.73
N VAL C 437 18.47 29.50 -43.57
CA VAL C 437 17.83 28.85 -44.70
C VAL C 437 17.34 27.46 -44.33
N VAL C 438 18.13 26.70 -43.56
CA VAL C 438 17.71 25.41 -43.09
C VAL C 438 16.49 25.52 -42.19
N TYR C 439 16.50 26.48 -41.27
CA TYR C 439 15.37 26.64 -40.35
C TYR C 439 14.11 27.10 -41.07
N HIS C 440 14.24 27.94 -42.09
CA HIS C 440 13.05 28.45 -42.78
C HIS C 440 12.35 27.34 -43.55
N PHE C 441 13.09 26.37 -44.08
CA PHE C 441 12.45 25.29 -44.83
C PHE C 441 11.85 24.26 -43.88
N ARG C 442 12.70 23.57 -43.12
CA ARG C 442 12.29 22.85 -41.92
C ARG C 442 11.28 21.74 -42.17
N LYS C 443 10.86 21.56 -43.41
CA LYS C 443 9.79 20.63 -43.72
C LYS C 443 10.03 19.75 -44.93
N ALA C 444 11.04 20.05 -45.75
CA ALA C 444 11.37 19.17 -46.86
C ALA C 444 11.80 17.82 -46.33
N LYS C 445 11.41 16.76 -47.05
CA LYS C 445 11.71 15.41 -46.59
C LYS C 445 13.20 15.16 -46.44
N SER C 446 14.05 15.93 -47.14
CA SER C 446 15.49 15.71 -47.03
C SER C 446 15.99 15.99 -45.63
N ILE C 447 15.66 17.18 -45.09
CA ILE C 447 16.15 17.55 -43.76
C ILE C 447 15.25 17.05 -42.64
N ARG C 448 14.08 16.50 -42.98
CA ARG C 448 13.28 15.84 -41.96
C ARG C 448 13.87 14.49 -41.59
N ALA C 449 14.63 13.88 -42.51
CA ALA C 449 15.22 12.58 -42.27
C ALA C 449 16.34 12.65 -41.24
N SER C 450 17.26 13.60 -41.39
CA SER C 450 18.36 13.75 -40.47
C SER C 450 17.88 14.28 -39.12
N GLY C 451 17.27 15.45 -39.14
CA GLY C 451 16.80 16.11 -37.93
C GLY C 451 17.27 17.55 -37.95
N LEU C 452 16.43 18.44 -37.45
CA LEU C 452 16.76 19.86 -37.45
C LEU C 452 17.79 20.22 -36.40
N ILE C 453 17.70 19.66 -35.19
CA ILE C 453 18.65 20.01 -34.14
C ILE C 453 20.04 19.46 -34.48
N LEU C 454 20.12 18.23 -34.97
CA LEU C 454 21.39 17.65 -35.36
C LEU C 454 21.97 18.29 -36.60
N LEU C 455 21.18 19.05 -37.35
CA LEU C 455 21.69 19.79 -38.50
C LEU C 455 22.02 21.24 -38.18
N GLU C 456 21.53 21.77 -37.07
CA GLU C 456 21.85 23.12 -36.64
C GLU C 456 23.05 23.18 -35.69
N THR C 457 23.49 22.04 -35.16
CA THR C 457 24.69 22.01 -34.33
C THR C 457 25.95 21.76 -35.14
N ILE C 458 25.82 21.43 -36.42
CA ILE C 458 26.98 21.27 -37.30
C ILE C 458 27.21 22.56 -38.06
N LEU C 459 26.14 23.31 -38.30
CA LEU C 459 26.25 24.63 -38.90
C LEU C 459 26.55 25.71 -37.88
N PHE C 460 26.51 25.39 -36.59
CA PHE C 460 26.89 26.27 -35.50
C PHE C 460 28.26 25.92 -34.95
N GLY C 461 28.53 24.63 -34.74
CA GLY C 461 29.85 24.21 -34.32
C GLY C 461 30.91 24.40 -35.40
N SER C 462 30.51 24.56 -36.65
CA SER C 462 31.46 24.83 -37.72
C SER C 462 31.98 26.26 -37.68
N LEU C 463 31.24 27.18 -37.06
CA LEU C 463 31.74 28.55 -36.92
C LEU C 463 32.99 28.58 -36.05
N LEU C 464 33.03 27.76 -35.00
CA LEU C 464 34.15 27.79 -34.08
C LEU C 464 35.45 27.41 -34.77
N LEU C 465 35.41 26.45 -35.70
CA LEU C 465 36.61 26.07 -36.41
C LEU C 465 37.13 27.17 -37.33
N TYR C 466 36.31 28.19 -37.62
CA TYR C 466 36.77 29.31 -38.41
C TYR C 466 37.55 30.33 -37.60
N PHE C 467 37.35 30.39 -36.28
CA PHE C 467 38.06 31.36 -35.46
C PHE C 467 39.58 31.23 -35.49
N PRO C 468 40.18 30.01 -35.43
CA PRO C 468 41.65 29.94 -35.37
C PRO C 468 42.40 30.63 -36.51
N VAL C 469 41.70 31.20 -37.48
CA VAL C 469 42.36 31.97 -38.53
C VAL C 469 42.21 33.46 -38.25
N VAL C 470 41.08 33.84 -37.63
CA VAL C 470 40.78 35.24 -37.41
C VAL C 470 41.27 35.74 -36.06
N ILE C 471 41.85 34.86 -35.24
CA ILE C 471 42.58 35.29 -34.05
C ILE C 471 44.08 35.11 -34.21
N LEU C 472 44.53 34.37 -35.20
CA LEU C 472 45.93 34.30 -35.57
C LEU C 472 46.35 35.47 -36.45
N TYR C 473 45.38 36.22 -36.98
CA TYR C 473 45.67 37.40 -37.79
C TYR C 473 46.40 38.46 -36.98
N PHE C 474 45.98 38.68 -35.73
CA PHE C 474 46.55 39.72 -34.91
C PHE C 474 47.83 39.25 -34.23
N GLU C 475 48.48 40.15 -33.50
CA GLU C 475 49.71 39.82 -32.80
C GLU C 475 49.42 38.86 -31.64
N PRO C 476 50.36 37.99 -31.30
CA PRO C 476 50.12 37.04 -30.21
C PRO C 476 49.95 37.73 -28.87
N SER C 477 49.25 37.05 -27.97
CA SER C 477 49.01 37.55 -26.62
C SER C 477 48.91 36.35 -25.69
N THR C 478 48.65 36.62 -24.40
CA THR C 478 48.49 35.57 -23.41
C THR C 478 47.01 35.24 -23.24
N PHE C 479 46.16 35.99 -23.92
CA PHE C 479 44.74 35.69 -23.95
C PHE C 479 44.26 35.24 -25.32
N ARG C 480 44.95 35.59 -26.40
CA ARG C 480 44.62 35.13 -27.74
C ARG C 480 45.33 33.82 -28.07
N CYS C 481 46.19 33.34 -27.17
CA CYS C 481 46.79 32.03 -27.29
C CYS C 481 46.08 30.99 -26.44
N ILE C 482 45.07 31.38 -25.69
CA ILE C 482 44.21 30.44 -25.00
C ILE C 482 42.91 30.19 -25.76
N LEU C 483 42.33 31.20 -26.39
CA LEU C 483 41.19 31.00 -27.27
C LEU C 483 41.51 30.16 -28.50
N LEU C 484 42.79 30.01 -28.85
CA LEU C 484 43.15 29.17 -29.96
C LEU C 484 43.03 27.68 -29.63
N ARG C 485 43.16 27.32 -28.35
CA ARG C 485 42.95 25.95 -27.90
C ARG C 485 41.60 25.73 -27.26
N TRP C 486 40.74 26.76 -27.23
CA TRP C 486 39.36 26.59 -26.79
C TRP C 486 38.38 26.47 -27.94
N ALA C 487 38.68 27.07 -29.10
CA ALA C 487 37.82 27.03 -30.26
C ALA C 487 38.31 25.99 -31.28
N ARG C 488 39.20 25.11 -30.85
CA ARG C 488 39.65 23.99 -31.66
C ARG C 488 39.21 22.65 -31.10
N LEU C 489 38.93 22.55 -29.79
CA LEU C 489 38.40 21.34 -29.20
C LEU C 489 36.91 21.43 -28.88
N LEU C 490 36.38 22.63 -28.65
CA LEU C 490 34.96 22.82 -28.54
C LEU C 490 34.28 22.90 -29.89
N GLY C 491 35.05 22.87 -30.97
CA GLY C 491 34.49 22.85 -32.31
C GLY C 491 34.66 21.51 -32.96
N PHE C 492 35.76 20.81 -32.70
CA PHE C 492 35.94 19.47 -33.22
C PHE C 492 35.08 18.44 -32.50
N ALA C 493 34.74 18.68 -31.24
CA ALA C 493 33.91 17.75 -30.48
C ALA C 493 32.42 17.96 -30.71
N THR C 494 32.04 19.00 -31.44
CA THR C 494 30.64 19.19 -31.81
C THR C 494 30.37 18.99 -33.29
N VAL C 495 31.35 19.26 -34.16
CA VAL C 495 31.17 18.95 -35.58
C VAL C 495 31.34 17.46 -35.80
N TYR C 496 32.53 16.93 -35.52
CA TYR C 496 32.74 15.48 -35.63
C TYR C 496 32.45 14.78 -34.31
N GLY C 497 31.34 15.13 -33.68
CA GLY C 497 30.89 14.44 -32.49
C GLY C 497 29.43 14.06 -32.64
N THR C 498 28.73 14.78 -33.52
CA THR C 498 27.36 14.43 -33.90
C THR C 498 27.32 13.93 -35.33
N VAL C 499 28.48 13.80 -35.97
CA VAL C 499 28.59 13.06 -37.22
C VAL C 499 28.98 11.61 -36.99
N THR C 500 29.84 11.33 -36.01
CA THR C 500 30.13 9.96 -35.61
C THR C 500 29.00 9.35 -34.80
N LEU C 501 28.19 10.17 -34.14
CA LEU C 501 27.04 9.64 -33.41
C LEU C 501 25.83 9.42 -34.30
N LYS C 502 25.58 10.31 -35.26
CA LYS C 502 24.54 10.10 -36.27
C LYS C 502 24.86 8.93 -37.17
N LEU C 503 26.13 8.54 -37.27
CA LEU C 503 26.54 7.38 -38.04
C LEU C 503 26.57 6.14 -37.17
N HIS C 504 26.36 6.28 -35.87
CA HIS C 504 26.14 5.19 -34.93
C HIS C 504 24.67 4.85 -34.76
N ARG C 505 23.78 5.82 -34.93
CA ARG C 505 22.35 5.56 -34.89
C ARG C 505 21.88 4.81 -36.11
N VAL C 506 22.63 4.88 -37.21
CA VAL C 506 22.24 4.25 -38.47
C VAL C 506 23.01 2.94 -38.57
N LEU C 507 23.46 2.43 -37.42
CA LEU C 507 24.06 1.11 -37.37
C LEU C 507 23.31 0.23 -36.39
N LYS C 508 22.90 0.80 -35.26
CA LYS C 508 22.22 0.05 -34.21
C LYS C 508 20.71 -0.03 -34.47
N VAL C 509 20.22 0.68 -35.48
CA VAL C 509 18.84 0.53 -35.93
C VAL C 509 18.79 -0.56 -37.00
N PHE C 510 19.81 -0.59 -37.87
CA PHE C 510 19.94 -1.71 -38.79
C PHE C 510 20.10 -3.03 -38.05
N LEU C 511 20.86 -3.04 -36.96
CA LEU C 511 20.96 -4.25 -36.15
C LEU C 511 19.63 -4.64 -35.54
N SER C 512 18.65 -3.73 -35.52
CA SER C 512 17.30 -4.03 -35.07
C SER C 512 16.40 -4.49 -36.21
N ARG C 513 16.95 -4.66 -37.42
CA ARG C 513 16.22 -5.27 -38.52
C ARG C 513 16.35 -6.79 -38.55
N THR C 514 17.50 -7.33 -38.14
CA THR C 514 17.58 -8.77 -37.89
C THR C 514 16.64 -9.16 -36.75
N ALA C 515 16.63 -8.36 -35.69
CA ALA C 515 15.66 -8.49 -34.61
C ALA C 515 14.45 -7.61 -34.90
N GLN C 516 13.63 -7.36 -33.88
CA GLN C 516 12.46 -6.50 -34.04
C GLN C 516 12.33 -5.53 -32.87
N ARG C 517 11.18 -4.87 -32.77
CA ARG C 517 10.92 -3.88 -31.71
C ARG C 517 11.92 -2.73 -31.78
N ILE C 518 11.81 -1.96 -32.86
CA ILE C 518 12.65 -0.78 -33.06
C ILE C 518 12.17 0.32 -32.12
N PRO C 519 13.05 0.92 -31.32
CA PRO C 519 12.65 2.11 -30.56
C PRO C 519 12.93 3.39 -31.31
N TYR C 520 13.79 3.31 -32.33
CA TYR C 520 14.21 4.47 -33.12
C TYR C 520 14.67 5.62 -32.23
N MET C 521 15.79 5.43 -31.53
CA MET C 521 16.35 6.51 -30.74
C MET C 521 16.58 7.73 -31.62
N THR C 522 16.24 8.90 -31.11
CA THR C 522 16.10 10.09 -31.95
C THR C 522 16.97 11.23 -31.45
N GLY C 523 16.73 12.44 -31.97
CA GLY C 523 17.53 13.60 -31.65
C GLY C 523 17.48 14.01 -30.19
N GLY C 524 16.83 13.20 -29.35
CA GLY C 524 16.93 13.36 -27.92
C GLY C 524 18.00 12.44 -27.36
N ARG C 525 18.14 11.26 -27.97
CA ARG C 525 19.17 10.32 -27.55
C ARG C 525 20.54 10.76 -28.02
N VAL C 526 20.64 11.22 -29.27
CA VAL C 526 21.92 11.63 -29.85
C VAL C 526 22.38 12.92 -29.19
N MET C 527 21.44 13.71 -28.67
CA MET C 527 21.79 14.95 -27.97
C MET C 527 21.96 14.73 -26.48
N ARG C 528 21.66 13.54 -25.96
CA ARG C 528 22.02 13.17 -24.61
C ARG C 528 23.37 12.46 -24.57
N MET C 529 23.94 12.14 -25.72
CA MET C 529 25.27 11.59 -25.83
C MET C 529 26.30 12.61 -26.28
N LEU C 530 25.87 13.77 -26.76
CA LEU C 530 26.75 14.89 -27.06
C LEU C 530 26.89 15.83 -25.87
N ALA C 531 26.19 15.53 -24.79
CA ALA C 531 26.42 16.28 -23.56
C ALA C 531 27.35 15.56 -22.61
N VAL C 532 27.71 14.31 -22.87
CA VAL C 532 28.77 13.63 -22.14
C VAL C 532 30.12 13.74 -22.83
N ILE C 533 30.16 13.65 -24.16
CA ILE C 533 31.39 13.94 -24.88
C ILE C 533 31.83 15.40 -24.66
N LEU C 534 30.89 16.32 -24.52
CA LEU C 534 31.24 17.70 -24.25
C LEU C 534 31.48 17.98 -22.78
N LEU C 535 31.10 17.08 -21.88
CA LEU C 535 31.41 17.28 -20.48
C LEU C 535 32.85 16.92 -20.14
N VAL C 536 33.41 15.92 -20.80
CA VAL C 536 34.84 15.65 -20.69
C VAL C 536 35.69 16.76 -21.27
N VAL C 537 35.26 17.38 -22.37
CA VAL C 537 36.09 18.43 -22.97
C VAL C 537 36.19 19.65 -22.07
N PHE C 538 35.10 20.10 -21.44
CA PHE C 538 35.26 21.23 -20.52
C PHE C 538 36.10 20.88 -19.31
N TRP C 539 35.99 19.66 -18.78
CA TRP C 539 36.80 19.32 -17.62
C TRP C 539 38.29 19.44 -17.93
N PHE C 540 38.70 18.99 -19.11
CA PHE C 540 40.11 19.12 -19.47
C PHE C 540 40.48 20.58 -19.72
N LEU C 541 39.68 21.28 -20.51
CA LEU C 541 40.03 22.66 -20.88
C LEU C 541 40.06 23.57 -19.66
N ILE C 542 39.11 23.40 -18.74
CA ILE C 542 39.14 24.16 -17.49
C ILE C 542 40.40 23.81 -16.71
N GLY C 543 40.76 22.53 -16.67
CA GLY C 543 41.93 22.10 -15.94
C GLY C 543 43.25 22.40 -16.61
N TRP C 544 43.23 22.87 -17.85
CA TRP C 544 44.47 23.19 -18.56
C TRP C 544 44.82 24.66 -18.51
N THR C 545 43.83 25.56 -18.54
CA THR C 545 44.13 26.98 -18.44
C THR C 545 44.62 27.35 -17.06
N SER C 546 44.11 26.69 -16.01
CA SER C 546 44.65 26.92 -14.68
C SER C 546 46.11 26.49 -14.61
N SER C 547 46.48 25.42 -15.31
CA SER C 547 47.85 24.96 -15.28
C SER C 547 48.79 25.99 -15.91
N VAL C 548 48.36 26.65 -16.99
CA VAL C 548 49.21 27.65 -17.64
C VAL C 548 48.97 29.01 -16.99
N CYS C 549 48.13 29.05 -15.97
CA CYS C 549 47.95 30.25 -15.16
C CYS C 549 48.67 30.19 -13.83
N GLN C 550 49.24 29.03 -13.47
CA GLN C 550 50.07 28.93 -12.27
C GLN C 550 51.54 29.13 -12.58
N ASN C 551 51.97 28.93 -13.82
CA ASN C 551 53.34 29.20 -14.22
C ASN C 551 53.49 30.54 -14.93
N LEU C 552 52.41 31.32 -15.04
CA LEU C 552 52.53 32.70 -15.47
C LEU C 552 53.29 33.54 -14.46
N GLU C 553 53.28 33.13 -13.18
CA GLU C 553 54.13 33.71 -12.15
C GLU C 553 55.56 33.17 -12.22
N LYS C 554 55.91 32.53 -13.33
CA LYS C 554 57.20 31.88 -13.50
C LYS C 554 57.59 32.02 -14.97
N GLN C 555 58.55 31.21 -15.41
CA GLN C 555 58.97 31.22 -16.81
C GLN C 555 57.93 30.48 -17.66
N ILE C 556 58.24 30.30 -18.94
CA ILE C 556 57.32 29.72 -19.93
C ILE C 556 56.07 30.59 -19.98
N SER C 557 56.09 31.61 -20.85
CA SER C 557 55.11 32.68 -20.83
C SER C 557 53.97 32.49 -21.82
N LEU C 558 53.86 31.31 -22.43
CA LEU C 558 52.79 30.99 -23.38
C LEU C 558 52.91 31.82 -24.66
N ILE C 559 53.87 32.74 -24.69
CA ILE C 559 54.18 33.53 -25.87
C ILE C 559 55.68 33.50 -26.07
N GLY C 560 56.12 33.15 -27.28
CA GLY C 560 57.52 32.90 -27.55
C GLY C 560 58.04 33.78 -28.67
N GLN C 561 59.32 33.54 -28.99
CA GLN C 561 59.98 34.20 -30.10
C GLN C 561 60.87 33.20 -30.83
N GLY C 562 60.91 33.31 -32.14
CA GLY C 562 61.74 32.43 -32.94
C GLY C 562 62.39 33.20 -34.07
N LYS C 563 63.61 32.80 -34.41
CA LYS C 563 64.40 33.45 -35.44
C LYS C 563 64.55 32.52 -36.64
N THR C 564 65.09 33.07 -37.71
CA THR C 564 65.30 32.37 -38.97
C THR C 564 66.79 32.43 -39.32
N SER C 565 67.11 32.04 -40.56
CA SER C 565 68.50 31.86 -40.95
C SER C 565 69.32 33.14 -40.74
N ASP C 566 69.02 34.19 -41.50
CA ASP C 566 69.90 35.36 -41.48
C ASP C 566 69.89 36.11 -40.15
N HIS C 567 68.82 36.87 -39.89
CA HIS C 567 68.71 37.60 -38.63
C HIS C 567 67.28 37.79 -38.15
N LEU C 568 66.28 37.28 -38.84
CA LEU C 568 64.90 37.74 -38.65
C LEU C 568 64.21 36.92 -37.56
N ILE C 569 63.73 37.59 -36.53
CA ILE C 569 63.03 36.95 -35.42
C ILE C 569 61.54 37.11 -35.62
N PHE C 570 60.77 36.19 -35.06
CA PHE C 570 59.32 36.16 -35.21
C PHE C 570 58.68 36.02 -33.84
N ASN C 571 57.66 36.84 -33.58
CA ASN C 571 56.92 36.76 -32.32
C ASN C 571 55.74 35.81 -32.52
N MET C 572 55.92 34.55 -32.15
CA MET C 572 54.93 33.51 -32.38
C MET C 572 54.38 33.00 -31.05
N CYS C 573 53.53 31.98 -31.14
CA CYS C 573 52.94 31.33 -29.99
C CYS C 573 53.48 29.92 -29.86
N LEU C 574 53.85 29.52 -28.65
CA LEU C 574 54.62 28.31 -28.43
C LEU C 574 53.74 27.05 -28.55
N ILE C 575 54.42 25.91 -28.65
CA ILE C 575 53.79 24.60 -28.75
C ILE C 575 54.07 23.85 -27.46
N ASP C 576 53.02 23.43 -26.77
CA ASP C 576 53.13 22.74 -25.50
C ASP C 576 53.26 21.23 -25.74
N ARG C 577 53.50 20.47 -24.68
CA ARG C 577 53.43 19.01 -24.76
C ARG C 577 52.02 18.49 -24.54
N TRP C 578 51.09 19.34 -24.16
CA TRP C 578 49.68 18.98 -24.13
C TRP C 578 49.04 19.11 -25.50
N ASP C 579 49.76 19.64 -26.48
CA ASP C 579 49.31 19.69 -27.86
C ASP C 579 49.72 18.47 -28.66
N TYR C 580 50.78 17.78 -28.25
CA TYR C 580 51.09 16.50 -28.86
C TYR C 580 50.08 15.44 -28.47
N MET C 581 49.45 15.57 -27.30
CA MET C 581 48.47 14.60 -26.83
C MET C 581 47.05 14.96 -27.22
N THR C 582 46.77 16.23 -27.46
CA THR C 582 45.47 16.63 -27.99
C THR C 582 45.31 16.28 -29.46
N ALA C 583 46.40 16.29 -30.23
CA ALA C 583 46.37 15.88 -31.62
C ALA C 583 46.35 14.37 -31.79
N VAL C 584 46.54 13.61 -30.71
CA VAL C 584 46.33 12.15 -30.75
C VAL C 584 44.94 11.76 -30.30
N ALA C 585 44.29 12.54 -29.44
CA ALA C 585 42.89 12.32 -29.11
C ALA C 585 41.97 12.64 -30.27
N GLU C 586 42.43 13.41 -31.26
CA GLU C 586 41.68 13.64 -32.47
C GLU C 586 41.91 12.57 -33.52
N PHE C 587 42.90 11.69 -33.31
CA PHE C 587 43.20 10.62 -34.24
C PHE C 587 42.68 9.27 -33.78
N LEU C 588 42.58 9.04 -32.46
CA LEU C 588 41.96 7.85 -31.92
C LEU C 588 40.46 8.00 -31.75
N PHE C 589 39.90 9.18 -32.00
CA PHE C 589 38.47 9.37 -31.95
C PHE C 589 37.80 9.11 -33.29
N LEU C 590 38.49 9.40 -34.39
CA LEU C 590 37.99 9.13 -35.72
C LEU C 590 38.29 7.72 -36.19
N LEU C 591 39.15 7.00 -35.48
CA LEU C 591 39.29 5.57 -35.73
C LEU C 591 38.06 4.80 -35.31
N TRP C 592 37.25 5.35 -34.41
CA TRP C 592 35.95 4.80 -34.09
C TRP C 592 34.92 5.12 -35.14
N GLY C 593 35.01 6.29 -35.78
CA GLY C 593 34.11 6.62 -36.87
C GLY C 593 34.40 5.93 -38.17
N VAL C 594 35.62 5.45 -38.37
CA VAL C 594 35.93 4.66 -39.55
C VAL C 594 35.31 3.28 -39.46
N TYR C 595 35.33 2.67 -38.27
CA TYR C 595 34.66 1.38 -38.09
C TYR C 595 33.15 1.52 -38.25
N LEU C 596 32.61 2.71 -37.94
CA LEU C 596 31.18 2.94 -38.04
C LEU C 596 30.74 3.21 -39.48
N CYS C 597 31.69 3.25 -40.41
CA CYS C 597 31.33 3.32 -41.81
C CYS C 597 31.71 2.05 -42.57
N TYR C 598 32.36 1.09 -41.91
CA TYR C 598 32.62 -0.22 -42.49
C TYR C 598 31.56 -1.25 -42.10
N ALA C 599 30.78 -0.97 -41.07
CA ALA C 599 29.66 -1.82 -40.71
C ALA C 599 28.34 -1.29 -41.24
N VAL C 600 28.34 -0.14 -41.89
CA VAL C 600 27.17 0.45 -42.55
C VAL C 600 27.34 0.43 -44.08
N ARG C 601 28.42 -0.19 -44.56
CA ARG C 601 28.77 -0.12 -45.97
C ARG C 601 27.66 -0.66 -46.88
N THR C 602 26.91 -1.64 -46.41
CA THR C 602 25.88 -2.26 -47.23
C THR C 602 24.45 -1.89 -46.83
N VAL C 603 24.27 -1.11 -45.77
CA VAL C 603 22.94 -0.76 -45.30
C VAL C 603 22.29 0.24 -46.26
N PRO C 604 21.12 -0.05 -46.80
CA PRO C 604 20.46 0.91 -47.70
C PRO C 604 19.97 2.14 -46.95
N SER C 605 19.86 3.24 -47.71
CA SER C 605 19.35 4.48 -47.17
C SER C 605 18.63 5.25 -48.27
N ALA C 606 17.68 6.10 -47.87
CA ALA C 606 16.86 6.82 -48.83
C ALA C 606 17.66 7.92 -49.53
N PHE C 607 18.44 8.69 -48.77
CA PHE C 607 19.17 9.82 -49.32
C PHE C 607 20.67 9.59 -49.35
N HIS C 608 21.12 8.35 -49.11
CA HIS C 608 22.53 7.96 -49.19
C HIS C 608 23.41 8.81 -48.27
N GLU C 609 22.83 9.30 -47.17
CA GLU C 609 23.61 10.12 -46.24
C GLU C 609 24.79 9.35 -45.65
N PRO C 610 24.66 8.08 -45.24
CA PRO C 610 25.84 7.30 -44.85
C PRO C 610 27.01 7.33 -45.82
N ARG C 611 26.82 7.85 -47.03
CA ARG C 611 27.89 7.91 -48.01
C ARG C 611 28.47 9.30 -48.17
N TYR C 612 27.64 10.33 -48.29
CA TYR C 612 28.15 11.70 -48.36
C TYR C 612 28.65 12.19 -47.01
N MET C 613 28.38 11.44 -45.94
CA MET C 613 28.85 11.79 -44.61
C MET C 613 30.03 10.96 -44.15
N ALA C 614 30.14 9.69 -44.58
CA ALA C 614 31.31 8.89 -44.31
C ALA C 614 32.53 9.30 -45.14
N VAL C 615 32.34 10.16 -46.15
CA VAL C 615 33.45 10.81 -46.82
C VAL C 615 33.93 12.03 -46.05
N ALA C 616 33.25 12.39 -44.97
CA ALA C 616 33.68 13.49 -44.12
C ALA C 616 34.51 13.04 -42.93
N VAL C 617 34.05 12.04 -42.16
CA VAL C 617 34.84 11.51 -41.07
C VAL C 617 36.09 10.80 -41.56
N HIS C 618 36.19 10.53 -42.85
CA HIS C 618 37.34 9.85 -43.41
C HIS C 618 38.29 10.80 -44.12
N ASN C 619 37.78 11.88 -44.70
CA ASN C 619 38.64 12.89 -45.28
C ASN C 619 39.40 13.66 -44.20
N GLU C 620 38.74 13.97 -43.10
CA GLU C 620 39.36 14.75 -42.04
C GLU C 620 40.09 13.83 -41.05
N LEU C 621 40.79 12.86 -41.63
CA LEU C 621 41.72 12.02 -40.88
C LEU C 621 43.05 11.86 -41.59
N ILE C 622 43.12 12.07 -42.89
CA ILE C 622 44.38 12.14 -43.62
C ILE C 622 44.88 13.57 -43.71
N ILE C 623 43.98 14.52 -43.98
CA ILE C 623 44.41 15.90 -44.20
C ILE C 623 44.62 16.67 -42.91
N SER C 624 43.97 16.27 -41.81
CA SER C 624 44.17 16.92 -40.52
C SER C 624 45.24 16.23 -39.69
N ALA C 625 45.81 15.14 -40.19
CA ALA C 625 46.97 14.52 -39.57
C ALA C 625 48.28 14.95 -40.20
N ILE C 626 48.24 15.53 -41.39
CA ILE C 626 49.42 16.12 -42.00
C ILE C 626 49.64 17.55 -41.51
N PHE C 627 48.55 18.30 -41.34
CA PHE C 627 48.66 19.67 -40.85
C PHE C 627 49.25 19.72 -39.46
N HIS C 628 48.84 18.81 -38.58
CA HIS C 628 49.39 18.78 -37.24
C HIS C 628 50.87 18.41 -37.25
N THR C 629 51.25 17.43 -38.06
CA THR C 629 52.66 17.02 -38.12
C THR C 629 53.53 18.14 -38.67
N ILE C 630 53.05 18.84 -39.70
CA ILE C 630 53.81 19.96 -40.24
C ILE C 630 53.95 21.06 -39.21
N ARG C 631 52.87 21.36 -38.48
CA ARG C 631 52.91 22.45 -37.51
C ARG C 631 53.89 22.16 -36.37
N PHE C 632 54.12 20.88 -36.07
CA PHE C 632 55.00 20.52 -34.96
C PHE C 632 56.46 20.42 -35.39
N VAL C 633 56.73 19.58 -36.39
CA VAL C 633 58.12 19.35 -36.82
C VAL C 633 58.72 20.62 -37.39
N LEU C 634 58.00 21.28 -38.30
CA LEU C 634 58.46 22.51 -38.91
C LEU C 634 57.90 23.69 -38.12
N ALA C 635 58.51 23.92 -36.96
CA ALA C 635 58.04 24.93 -36.03
C ALA C 635 59.14 25.84 -35.52
N SER C 636 60.40 25.41 -35.56
CA SER C 636 61.48 26.27 -35.09
C SER C 636 61.62 27.51 -35.97
N ARG C 637 61.60 27.33 -37.29
CA ARG C 637 61.87 28.45 -38.18
C ARG C 637 60.63 29.30 -38.43
N LEU C 638 59.65 28.76 -39.16
CA LEU C 638 58.39 29.43 -39.50
C LEU C 638 58.51 30.88 -39.90
N GLN C 639 57.37 31.55 -40.03
CA GLN C 639 57.26 33.00 -40.21
C GLN C 639 55.95 33.46 -39.61
N SER C 640 55.66 34.75 -39.72
CA SER C 640 54.37 35.30 -39.31
C SER C 640 53.38 35.37 -40.48
N ASP C 641 53.83 35.07 -41.70
CA ASP C 641 52.95 34.93 -42.84
C ASP C 641 52.76 33.49 -43.27
N TRP C 642 53.75 32.63 -43.07
CA TRP C 642 53.60 31.20 -43.35
C TRP C 642 52.69 30.52 -42.33
N MET C 643 52.41 31.17 -41.20
CA MET C 643 51.35 30.68 -40.32
C MET C 643 49.99 30.79 -40.98
N LEU C 644 49.66 31.99 -41.50
CA LEU C 644 48.33 32.18 -42.07
C LEU C 644 48.14 31.36 -43.33
N MET C 645 49.19 31.19 -44.13
CA MET C 645 49.08 30.37 -45.33
C MET C 645 48.77 28.92 -45.02
N LEU C 646 49.11 28.43 -43.83
CA LEU C 646 48.85 27.05 -43.47
C LEU C 646 47.48 26.86 -42.83
N TYR C 647 47.11 27.73 -41.89
CA TYR C 647 45.80 27.61 -41.27
C TYR C 647 44.68 27.85 -42.27
N PHE C 648 44.87 28.81 -43.18
CA PHE C 648 43.90 29.04 -44.24
C PHE C 648 43.79 27.83 -45.16
N ALA C 649 44.92 27.22 -45.50
CA ALA C 649 44.93 26.10 -46.44
C ALA C 649 44.59 24.78 -45.79
N HIS C 650 44.42 24.73 -44.47
CA HIS C 650 43.93 23.54 -43.79
C HIS C 650 42.50 23.66 -43.32
N THR C 651 42.02 24.88 -43.05
CA THR C 651 40.64 25.08 -42.62
C THR C 651 39.62 24.91 -43.74
N HIS C 652 39.90 25.43 -44.94
CA HIS C 652 38.95 25.37 -46.04
C HIS C 652 38.93 24.02 -46.76
N LEU C 653 39.97 23.23 -46.62
CA LEU C 653 39.98 21.86 -47.14
C LEU C 653 39.44 20.87 -46.13
N THR C 654 39.07 21.34 -44.95
CA THR C 654 38.61 20.47 -43.86
C THR C 654 37.19 20.78 -43.42
N VAL C 655 36.89 22.02 -43.05
CA VAL C 655 35.59 22.35 -42.48
C VAL C 655 34.65 22.97 -43.50
N THR C 656 35.17 23.43 -44.63
CA THR C 656 34.32 23.85 -45.73
C THR C 656 33.85 22.69 -46.58
N VAL C 657 34.71 21.71 -46.84
CA VAL C 657 34.27 20.49 -47.49
C VAL C 657 33.23 19.74 -46.68
N THR C 658 33.31 19.80 -45.35
CA THR C 658 32.37 19.07 -44.52
C THR C 658 30.97 19.67 -44.54
N ILE C 659 30.84 21.00 -44.45
CA ILE C 659 29.53 21.62 -44.44
C ILE C 659 29.10 21.90 -45.88
N GLY C 660 29.83 21.34 -46.83
CA GLY C 660 29.36 21.32 -48.20
C GLY C 660 28.63 20.02 -48.48
N LEU C 661 29.16 18.92 -47.95
CA LEU C 661 28.60 17.59 -48.15
C LEU C 661 27.39 17.32 -47.27
N LEU C 662 27.21 18.07 -46.18
CA LEU C 662 26.07 17.89 -45.31
C LEU C 662 24.98 18.91 -45.58
N LEU C 663 25.17 19.80 -46.55
CA LEU C 663 24.20 20.83 -46.87
C LEU C 663 23.73 20.75 -48.31
N ILE C 664 24.65 20.61 -49.27
CA ILE C 664 24.25 20.59 -50.68
C ILE C 664 23.36 19.41 -51.03
N PRO C 665 23.68 18.16 -50.68
CA PRO C 665 22.85 17.04 -51.12
C PRO C 665 21.41 17.09 -50.59
N LYS C 666 21.16 17.78 -49.49
CA LYS C 666 19.78 17.91 -49.03
C LYS C 666 18.96 18.83 -49.92
N PHE C 667 19.59 19.58 -50.82
CA PHE C 667 18.90 20.53 -51.67
C PHE C 667 19.06 20.20 -53.14
N SER C 668 20.26 19.84 -53.56
CA SER C 668 20.56 19.69 -54.99
C SER C 668 19.97 18.40 -55.56
N HIS C 669 20.44 17.25 -55.12
CA HIS C 669 19.94 15.98 -55.61
C HIS C 669 18.87 15.42 -54.68
N SER C 670 17.74 15.05 -55.26
CA SER C 670 16.61 14.48 -54.51
C SER C 670 16.15 15.41 -53.40
N GLU C 712 -1.45 -20.47 -33.88
CA GLU C 712 -1.96 -21.71 -33.23
C GLU C 712 -3.10 -21.34 -32.29
N ASP C 713 -2.78 -21.05 -31.04
CA ASP C 713 -3.81 -20.60 -30.06
C ASP C 713 -4.18 -19.16 -30.39
N ILE C 714 -3.45 -18.53 -31.31
CA ILE C 714 -3.87 -17.19 -31.78
C ILE C 714 -5.30 -17.38 -32.24
N ARG C 715 -5.57 -18.46 -32.99
CA ARG C 715 -6.95 -18.56 -33.46
C ARG C 715 -7.93 -18.55 -32.31
N ASP C 716 -7.62 -19.29 -31.24
CA ASP C 716 -8.48 -19.31 -30.07
C ASP C 716 -8.60 -17.92 -29.47
N GLU C 717 -7.47 -17.21 -29.35
CA GLU C 717 -7.48 -15.90 -28.70
C GLU C 717 -8.27 -14.88 -29.51
N LEU C 718 -8.40 -15.08 -30.82
CA LEU C 718 -9.17 -14.16 -31.64
C LEU C 718 -10.62 -14.10 -31.18
N LYS C 719 -11.21 -15.25 -30.84
CA LYS C 719 -12.60 -15.28 -30.40
C LYS C 719 -12.81 -14.49 -29.11
N LYS C 720 -11.88 -14.61 -28.16
CA LYS C 720 -11.99 -13.84 -26.92
C LYS C 720 -11.89 -12.34 -27.22
N LEU C 721 -10.98 -11.96 -28.12
CA LEU C 721 -10.96 -10.59 -28.59
C LEU C 721 -12.25 -10.23 -29.29
N TYR C 722 -12.75 -11.14 -30.13
CA TYR C 722 -14.02 -10.90 -30.80
C TYR C 722 -15.17 -10.82 -29.81
N ALA C 723 -15.15 -11.67 -28.78
CA ALA C 723 -16.23 -11.68 -27.80
C ALA C 723 -16.35 -10.33 -27.11
N GLN C 724 -15.23 -9.74 -26.71
CA GLN C 724 -15.27 -8.41 -26.13
C GLN C 724 -15.55 -7.35 -27.19
N LEU C 725 -15.18 -7.62 -28.44
CA LEU C 725 -15.51 -6.72 -29.55
C LEU C 725 -16.96 -6.84 -29.99
N GLU C 726 -17.62 -7.94 -29.70
CA GLU C 726 -19.04 -8.10 -30.03
C GLU C 726 -19.94 -7.31 -29.09
N ILE C 727 -19.61 -7.23 -27.82
CA ILE C 727 -20.30 -6.32 -26.91
C ILE C 727 -19.99 -4.87 -27.22
N TYR C 728 -18.72 -4.59 -27.56
CA TYR C 728 -18.32 -3.22 -27.86
C TYR C 728 -19.00 -2.70 -29.12
N LYS C 729 -19.10 -3.54 -30.17
CA LYS C 729 -19.72 -3.09 -31.40
C LYS C 729 -21.23 -2.93 -31.27
N ARG C 730 -21.84 -3.52 -30.24
CA ARG C 730 -23.27 -3.37 -30.02
C ARG C 730 -23.52 -2.40 -28.87
N SER D 406 72.73 18.59 15.65
CA SER D 406 71.94 19.15 14.57
C SER D 406 70.57 19.60 15.07
N PRO D 407 69.65 18.64 15.20
CA PRO D 407 68.29 18.89 15.67
C PRO D 407 67.56 19.91 14.80
N CYS D 408 67.93 20.00 13.52
CA CYS D 408 67.29 20.92 12.58
C CYS D 408 66.23 20.21 11.74
N PHE D 409 65.96 18.94 12.06
CA PHE D 409 65.00 18.16 11.30
C PHE D 409 63.89 17.73 12.25
N VAL D 410 62.72 17.49 11.68
CA VAL D 410 61.61 16.99 12.47
C VAL D 410 61.86 15.53 12.84
N GLN D 411 61.50 15.16 14.07
CA GLN D 411 61.72 13.82 14.57
C GLN D 411 60.64 12.87 14.06
N GLU D 412 60.99 11.60 13.96
CA GLU D 412 60.09 10.56 13.48
C GLU D 412 60.09 9.39 14.45
N ASP D 413 58.98 8.65 14.44
CA ASP D 413 58.82 7.49 15.29
C ASP D 413 59.25 6.23 14.54
N LYS D 414 59.54 5.18 15.30
CA LYS D 414 59.87 3.88 14.73
C LYS D 414 58.89 2.78 15.11
N TYR D 415 58.12 2.94 16.18
CA TYR D 415 57.07 1.99 16.53
C TYR D 415 55.72 2.39 15.97
N LEU D 416 55.34 3.65 16.11
CA LEU D 416 54.11 4.17 15.54
C LEU D 416 54.15 4.23 14.03
N ARG D 417 55.33 4.04 13.43
CA ARG D 417 55.50 4.00 11.99
C ARG D 417 55.59 2.58 11.44
N LEU D 418 56.23 1.67 12.16
CA LEU D 418 56.28 0.27 11.76
C LEU D 418 54.96 -0.46 12.00
N ALA D 419 54.09 0.07 12.86
CA ALA D 419 52.78 -0.52 13.10
C ALA D 419 51.77 -0.14 12.04
N ILE D 420 52.19 0.61 11.02
CA ILE D 420 51.34 0.94 9.88
C ILE D 420 51.74 0.16 8.64
N ILE D 421 53.04 0.11 8.32
CA ILE D 421 53.51 -0.71 7.21
C ILE D 421 53.41 -2.19 7.49
N SER D 422 53.20 -2.58 8.76
CA SER D 422 52.99 -3.98 9.09
C SER D 422 51.52 -4.36 9.19
N PHE D 423 50.65 -3.45 9.62
CA PHE D 423 49.23 -3.73 9.59
C PHE D 423 48.65 -3.69 8.18
N GLN D 424 49.30 -2.98 7.26
CA GLN D 424 48.86 -2.92 5.88
C GLN D 424 49.47 -4.01 5.02
N ALA D 425 50.62 -4.57 5.41
CA ALA D 425 51.13 -5.76 4.76
C ALA D 425 50.29 -6.99 5.06
N LEU D 426 49.36 -6.89 5.99
CA LEU D 426 48.39 -7.94 6.25
C LEU D 426 47.11 -7.79 5.46
N CYS D 427 46.64 -6.57 5.25
CA CYS D 427 45.48 -6.33 4.41
C CYS D 427 45.79 -6.45 2.93
N MET D 428 47.08 -6.48 2.57
CA MET D 428 47.49 -6.75 1.20
C MET D 428 47.75 -8.23 0.95
N LEU D 429 47.85 -9.03 2.01
CA LEU D 429 47.95 -10.48 1.88
C LEU D 429 46.60 -11.17 2.03
N LEU D 430 45.71 -10.63 2.87
CA LEU D 430 44.33 -11.07 2.94
C LEU D 430 43.47 -10.47 1.82
N ASP D 431 44.10 -9.76 0.89
CA ASP D 431 43.48 -9.37 -0.36
C ASP D 431 44.00 -10.16 -1.55
N PHE D 432 45.13 -10.84 -1.40
CA PHE D 432 45.64 -11.76 -2.41
C PHE D 432 45.26 -13.20 -2.13
N VAL D 433 45.05 -13.56 -0.87
CA VAL D 433 44.53 -14.90 -0.55
C VAL D 433 43.09 -15.04 -1.02
N SER D 434 42.27 -14.00 -0.85
CA SER D 434 40.88 -14.05 -1.27
C SER D 434 40.73 -14.11 -2.78
N MET D 435 41.79 -13.85 -3.54
CA MET D 435 41.75 -14.03 -4.99
C MET D 435 41.98 -15.47 -5.41
N LEU D 436 42.46 -16.32 -4.52
CA LEU D 436 42.57 -17.75 -4.76
C LEU D 436 41.47 -18.54 -4.07
N VAL D 437 40.55 -17.87 -3.38
CA VAL D 437 39.39 -18.52 -2.78
C VAL D 437 38.25 -18.48 -3.77
N VAL D 438 38.09 -17.33 -4.45
CA VAL D 438 37.07 -17.20 -5.49
C VAL D 438 37.35 -18.08 -6.69
N TYR D 439 38.61 -18.28 -7.06
CA TYR D 439 38.96 -19.17 -8.16
C TYR D 439 38.78 -20.64 -7.80
N HIS D 440 39.24 -21.07 -6.63
CA HIS D 440 39.11 -22.47 -6.26
C HIS D 440 37.65 -22.89 -6.12
N PHE D 441 36.77 -21.99 -5.68
CA PHE D 441 35.36 -22.34 -5.56
C PHE D 441 34.67 -22.25 -6.92
N ARG D 442 34.56 -21.05 -7.47
CA ARG D 442 34.23 -20.84 -8.88
C ARG D 442 32.81 -21.31 -9.22
N LYS D 443 32.13 -21.94 -8.27
CA LYS D 443 30.84 -22.59 -8.51
C LYS D 443 30.00 -22.41 -7.24
N ALA D 444 29.16 -21.38 -7.25
CA ALA D 444 28.26 -21.12 -6.14
C ALA D 444 27.07 -20.33 -6.66
N LYS D 445 25.99 -20.33 -5.89
CA LYS D 445 24.79 -19.60 -6.28
C LYS D 445 24.99 -18.10 -6.23
N SER D 446 26.08 -17.61 -5.63
CA SER D 446 26.38 -16.20 -5.55
C SER D 446 27.57 -15.78 -6.39
N ILE D 447 28.62 -16.62 -6.45
CA ILE D 447 29.80 -16.29 -7.25
C ILE D 447 29.57 -16.49 -8.73
N ARG D 448 28.57 -17.29 -9.11
CA ARG D 448 28.23 -17.44 -10.52
C ARG D 448 27.31 -16.34 -11.02
N ALA D 449 26.60 -15.66 -10.13
CA ALA D 449 25.77 -14.53 -10.52
C ALA D 449 26.64 -13.41 -11.08
N SER D 450 27.53 -12.87 -10.26
CA SER D 450 28.52 -11.90 -10.71
C SER D 450 29.79 -12.66 -11.08
N GLY D 451 30.03 -12.82 -12.38
CA GLY D 451 31.08 -13.67 -12.88
C GLY D 451 32.46 -13.42 -12.29
N LEU D 452 33.34 -14.42 -12.36
CA LEU D 452 34.70 -14.23 -11.86
C LEU D 452 35.41 -13.13 -12.62
N ILE D 453 35.26 -13.11 -13.95
CA ILE D 453 35.88 -12.07 -14.77
C ILE D 453 35.46 -10.68 -14.35
N LEU D 454 34.28 -10.54 -13.76
CA LEU D 454 33.74 -9.26 -13.36
C LEU D 454 33.93 -8.97 -11.88
N LEU D 455 34.15 -10.00 -11.06
CA LEU D 455 34.39 -9.84 -9.63
C LEU D 455 35.84 -9.81 -9.24
N GLU D 456 36.68 -10.59 -9.91
CA GLU D 456 38.09 -10.67 -9.53
C GLU D 456 38.89 -9.47 -10.01
N THR D 457 38.32 -8.62 -10.86
CA THR D 457 38.96 -7.35 -11.21
C THR D 457 38.68 -6.26 -10.20
N ILE D 458 37.84 -6.52 -9.19
CA ILE D 458 37.73 -5.62 -8.05
C ILE D 458 38.66 -6.02 -6.92
N LEU D 459 38.99 -7.31 -6.78
CA LEU D 459 39.98 -7.75 -5.80
C LEU D 459 41.41 -7.60 -6.33
N PHE D 460 41.57 -7.27 -7.61
CA PHE D 460 42.87 -6.86 -8.14
C PHE D 460 42.98 -5.36 -8.30
N GLY D 461 41.87 -4.66 -8.48
CA GLY D 461 41.90 -3.22 -8.55
C GLY D 461 42.08 -2.60 -7.18
N SER D 462 41.62 -3.28 -6.13
CA SER D 462 41.88 -2.82 -4.78
C SER D 462 43.31 -3.09 -4.33
N LEU D 463 44.00 -4.01 -5.00
CA LEU D 463 45.41 -4.24 -4.70
C LEU D 463 46.29 -3.06 -5.10
N LEU D 464 45.82 -2.20 -6.00
CA LEU D 464 46.51 -0.99 -6.37
C LEU D 464 46.13 0.21 -5.52
N LEU D 465 45.10 0.08 -4.68
CA LEU D 465 44.70 1.17 -3.80
C LEU D 465 45.37 1.09 -2.44
N TYR D 466 46.13 0.02 -2.17
CA TYR D 466 46.91 -0.10 -0.95
C TYR D 466 48.35 0.35 -1.11
N PHE D 467 48.74 0.75 -2.32
CA PHE D 467 50.08 1.23 -2.60
C PHE D 467 50.34 2.67 -2.18
N PRO D 468 49.37 3.62 -2.32
CA PRO D 468 49.69 5.02 -1.98
C PRO D 468 50.21 5.25 -0.57
N VAL D 469 50.15 4.23 0.30
CA VAL D 469 50.70 4.33 1.64
C VAL D 469 52.05 3.65 1.77
N VAL D 470 52.30 2.58 1.02
CA VAL D 470 53.61 1.96 0.99
C VAL D 470 54.66 2.87 0.37
N ILE D 471 54.30 3.60 -0.69
CA ILE D 471 55.22 4.56 -1.26
C ILE D 471 55.45 5.71 -0.31
N LEU D 472 54.42 6.13 0.44
CA LEU D 472 54.48 7.27 1.33
C LEU D 472 55.27 6.97 2.61
N TYR D 473 55.99 5.86 2.64
CA TYR D 473 56.78 5.47 3.80
C TYR D 473 58.23 5.23 3.37
N PHE D 474 58.41 4.78 2.13
CA PHE D 474 59.70 4.25 1.71
C PHE D 474 60.73 5.37 1.56
N GLU D 475 60.43 6.39 0.72
CA GLU D 475 61.05 7.71 0.81
C GLU D 475 60.34 8.65 -0.18
N PRO D 476 60.46 9.97 -0.02
CA PRO D 476 59.96 10.87 -1.07
C PRO D 476 61.03 11.23 -2.08
N SER D 477 60.66 11.18 -3.35
CA SER D 477 61.54 11.57 -4.45
C SER D 477 60.71 11.57 -5.73
N THR D 478 61.36 11.86 -6.85
CA THR D 478 60.76 11.69 -8.16
C THR D 478 60.72 10.19 -8.46
N PHE D 479 59.71 9.77 -9.24
CA PHE D 479 59.34 8.38 -9.48
C PHE D 479 58.64 7.77 -8.27
N ARG D 480 58.57 8.49 -7.15
CA ARG D 480 57.79 8.04 -6.01
C ARG D 480 56.70 9.07 -5.76
N CYS D 481 56.83 10.22 -6.41
CA CYS D 481 55.76 11.21 -6.46
C CYS D 481 54.93 11.10 -7.73
N ILE D 482 55.46 10.47 -8.76
CA ILE D 482 54.70 10.14 -9.96
C ILE D 482 53.95 8.83 -9.78
N LEU D 483 54.60 7.83 -9.21
CA LEU D 483 53.97 6.54 -8.93
C LEU D 483 52.82 6.66 -7.95
N LEU D 484 52.76 7.73 -7.17
CA LEU D 484 51.68 7.94 -6.22
C LEU D 484 50.40 8.43 -6.88
N ARG D 485 50.47 8.88 -8.13
CA ARG D 485 49.30 9.29 -8.88
C ARG D 485 48.94 8.31 -9.99
N TRP D 486 49.85 7.44 -10.41
CA TRP D 486 49.53 6.35 -11.31
C TRP D 486 48.76 5.24 -10.62
N ALA D 487 48.80 5.17 -9.30
CA ALA D 487 48.19 4.08 -8.54
C ALA D 487 47.00 4.55 -7.71
N ARG D 488 46.46 5.74 -8.00
CA ARG D 488 45.26 6.20 -7.34
C ARG D 488 44.17 6.37 -8.39
N LEU D 489 44.56 6.74 -9.61
CA LEU D 489 43.61 6.88 -10.70
C LEU D 489 43.40 5.59 -11.46
N LEU D 490 44.40 4.72 -11.50
CA LEU D 490 44.28 3.41 -12.12
C LEU D 490 43.67 2.38 -11.18
N GLY D 491 43.55 2.69 -9.90
CA GLY D 491 42.93 1.79 -8.95
C GLY D 491 41.58 2.29 -8.53
N PHE D 492 41.19 3.45 -9.04
CA PHE D 492 39.86 4.00 -8.85
C PHE D 492 38.93 3.73 -10.01
N ALA D 493 39.45 3.72 -11.23
CA ALA D 493 38.65 3.47 -12.42
C ALA D 493 38.46 1.99 -12.69
N THR D 494 39.14 1.11 -11.96
CA THR D 494 38.97 -0.32 -12.10
C THR D 494 38.29 -0.95 -10.90
N VAL D 495 37.84 -0.15 -9.94
CA VAL D 495 37.14 -0.69 -8.78
C VAL D 495 35.74 -0.10 -8.74
N TYR D 496 35.65 1.21 -8.60
CA TYR D 496 34.37 1.92 -8.61
C TYR D 496 33.92 2.25 -10.03
N GLY D 497 34.67 1.81 -11.02
CA GLY D 497 34.25 1.94 -12.41
C GLY D 497 33.65 0.65 -12.92
N THR D 498 33.74 -0.41 -12.12
CA THR D 498 33.09 -1.68 -12.43
C THR D 498 32.06 -2.07 -11.38
N VAL D 499 31.85 -1.23 -10.37
CA VAL D 499 30.73 -1.36 -9.45
C VAL D 499 29.71 -0.30 -9.86
N THR D 500 29.99 0.35 -10.99
CA THR D 500 29.01 1.27 -11.58
C THR D 500 28.49 0.77 -12.92
N LEU D 501 29.29 0.03 -13.70
CA LEU D 501 28.81 -0.66 -14.89
C LEU D 501 28.15 -1.98 -14.52
N LYS D 502 28.19 -2.36 -13.25
CA LYS D 502 27.52 -3.54 -12.77
C LYS D 502 26.24 -3.20 -12.01
N LEU D 503 26.11 -1.99 -11.51
CA LEU D 503 24.86 -1.45 -11.00
C LEU D 503 23.99 -0.92 -12.15
N HIS D 504 24.59 -0.83 -13.34
CA HIS D 504 23.89 -0.46 -14.56
C HIS D 504 23.32 -1.66 -15.29
N ARG D 505 23.88 -2.85 -15.09
CA ARG D 505 23.37 -4.07 -15.69
C ARG D 505 22.13 -4.59 -14.98
N VAL D 506 21.96 -4.30 -13.69
CA VAL D 506 20.87 -4.88 -12.92
C VAL D 506 19.59 -4.11 -13.18
N LEU D 507 19.63 -3.22 -14.17
CA LEU D 507 18.45 -2.47 -14.56
C LEU D 507 18.02 -2.88 -15.96
N LYS D 508 18.99 -3.24 -16.80
CA LYS D 508 18.73 -3.55 -18.20
C LYS D 508 18.71 -5.05 -18.49
N VAL D 509 18.73 -5.88 -17.46
CA VAL D 509 18.41 -7.29 -17.59
C VAL D 509 17.03 -7.61 -17.05
N PHE D 510 16.44 -6.70 -16.28
CA PHE D 510 15.07 -6.84 -15.82
C PHE D 510 14.06 -6.32 -16.83
N LEU D 511 14.34 -5.19 -17.48
CA LEU D 511 13.51 -4.74 -18.58
C LEU D 511 13.64 -5.65 -19.80
N SER D 512 14.64 -6.52 -19.83
CA SER D 512 14.78 -7.51 -20.89
C SER D 512 14.11 -8.84 -20.56
N ARG D 513 13.54 -8.97 -19.36
CA ARG D 513 12.76 -10.15 -19.03
C ARG D 513 11.31 -10.05 -19.50
N THR D 514 10.87 -8.87 -19.92
CA THR D 514 9.63 -8.71 -20.66
C THR D 514 9.80 -9.07 -22.14
N ALA D 515 10.92 -9.70 -22.47
CA ALA D 515 11.25 -10.21 -23.80
C ALA D 515 12.29 -11.31 -23.60
N GLN D 516 12.97 -11.69 -24.67
CA GLN D 516 14.03 -12.69 -24.58
C GLN D 516 15.24 -12.23 -25.38
N ARG D 517 16.12 -11.45 -24.76
CA ARG D 517 17.38 -11.11 -25.40
C ARG D 517 18.59 -11.32 -24.49
N ILE D 518 18.47 -10.93 -23.23
CA ILE D 518 19.58 -10.88 -22.26
C ILE D 518 20.80 -10.26 -22.93
N PRO D 519 20.82 -8.95 -23.16
CA PRO D 519 21.90 -8.34 -23.95
C PRO D 519 23.24 -8.26 -23.24
N TYR D 520 23.25 -7.86 -21.98
CA TYR D 520 24.51 -7.64 -21.28
C TYR D 520 25.14 -8.93 -20.79
N MET D 521 26.12 -9.42 -21.54
CA MET D 521 26.89 -10.60 -21.15
C MET D 521 27.92 -10.14 -20.09
N THR D 522 28.49 -11.09 -19.35
CA THR D 522 29.34 -10.74 -18.22
C THR D 522 30.59 -9.99 -18.69
N GLY D 523 31.41 -10.63 -19.51
CA GLY D 523 32.61 -10.00 -20.00
C GLY D 523 32.42 -9.41 -21.39
N GLY D 524 31.17 -9.27 -21.82
CA GLY D 524 30.91 -8.80 -23.16
C GLY D 524 30.43 -7.37 -23.23
N ARG D 525 29.60 -6.97 -22.26
CA ARG D 525 29.09 -5.61 -22.25
C ARG D 525 29.27 -4.93 -20.91
N VAL D 526 30.07 -5.49 -20.00
CA VAL D 526 30.34 -4.84 -18.72
C VAL D 526 31.85 -4.69 -18.60
N MET D 527 32.58 -5.51 -19.33
CA MET D 527 34.03 -5.42 -19.37
C MET D 527 34.55 -4.79 -20.65
N ARG D 528 33.78 -4.80 -21.73
CA ARG D 528 34.13 -4.04 -22.92
C ARG D 528 33.78 -2.56 -22.80
N MET D 529 32.94 -2.19 -21.83
CA MET D 529 32.70 -0.80 -21.48
C MET D 529 33.67 -0.29 -20.42
N LEU D 530 34.46 -1.17 -19.83
CA LEU D 530 35.52 -0.78 -18.91
C LEU D 530 36.82 -0.47 -19.62
N ALA D 531 37.02 -0.98 -20.84
CA ALA D 531 38.19 -0.62 -21.62
C ALA D 531 38.09 0.78 -22.20
N VAL D 532 36.90 1.38 -22.21
CA VAL D 532 36.74 2.78 -22.59
C VAL D 532 36.99 3.72 -21.43
N ILE D 533 36.62 3.33 -20.21
CA ILE D 533 36.95 4.15 -19.04
C ILE D 533 38.44 4.12 -18.77
N LEU D 534 39.08 2.96 -18.90
CA LEU D 534 40.52 2.85 -18.72
C LEU D 534 41.31 3.39 -19.91
N LEU D 535 40.65 3.97 -20.90
CA LEU D 535 41.35 4.61 -22.01
C LEU D 535 41.38 6.12 -21.89
N VAL D 536 40.41 6.73 -21.22
CA VAL D 536 40.48 8.14 -20.89
C VAL D 536 41.35 8.39 -19.65
N VAL D 537 41.29 7.50 -18.66
CA VAL D 537 42.17 7.59 -17.50
C VAL D 537 43.61 7.22 -17.83
N PHE D 538 43.85 6.54 -18.95
CA PHE D 538 45.19 6.16 -19.33
C PHE D 538 45.84 7.14 -20.29
N TRP D 539 45.04 7.78 -21.14
CA TRP D 539 45.55 8.85 -22.00
C TRP D 539 45.92 10.08 -21.19
N PHE D 540 45.19 10.35 -20.11
CA PHE D 540 45.50 11.52 -19.28
C PHE D 540 46.83 11.33 -18.56
N LEU D 541 47.04 10.16 -17.95
CA LEU D 541 48.23 9.94 -17.16
C LEU D 541 49.49 10.01 -18.00
N ILE D 542 49.44 9.53 -19.24
CA ILE D 542 50.59 9.64 -20.14
C ILE D 542 50.90 11.11 -20.42
N GLY D 543 49.86 11.93 -20.62
CA GLY D 543 50.07 13.34 -20.83
C GLY D 543 50.59 14.07 -19.62
N TRP D 544 50.14 13.70 -18.43
CA TRP D 544 50.56 14.39 -17.21
C TRP D 544 52.01 14.06 -16.84
N THR D 545 52.39 12.78 -16.89
CA THR D 545 53.76 12.42 -16.53
C THR D 545 54.76 12.81 -17.59
N SER D 546 54.31 13.27 -18.75
CA SER D 546 55.19 13.74 -19.80
C SER D 546 55.34 15.25 -19.83
N SER D 547 54.51 15.99 -19.08
CA SER D 547 54.67 17.43 -18.99
C SER D 547 55.38 17.87 -17.71
N VAL D 548 55.38 17.04 -16.66
CA VAL D 548 56.15 17.33 -15.47
C VAL D 548 57.55 16.73 -15.54
N CYS D 549 57.91 16.12 -16.66
CA CYS D 549 59.28 15.71 -16.90
C CYS D 549 60.11 16.78 -17.60
N GLN D 550 59.49 17.62 -18.42
CA GLN D 550 60.20 18.76 -18.97
C GLN D 550 60.35 19.89 -17.96
N ASN D 551 59.36 20.04 -17.06
CA ASN D 551 59.42 21.12 -16.09
C ASN D 551 60.42 20.85 -14.97
N LEU D 552 60.71 19.57 -14.69
CA LEU D 552 61.72 19.27 -13.68
C LEU D 552 63.11 19.68 -14.14
N GLU D 553 63.32 19.80 -15.45
CA GLU D 553 64.60 20.25 -15.94
C GLU D 553 64.90 21.69 -15.53
N LYS D 554 63.88 22.55 -15.56
CA LYS D 554 64.15 23.97 -15.40
C LYS D 554 64.28 24.38 -13.93
N GLN D 555 63.18 24.35 -13.18
CA GLN D 555 63.24 24.85 -11.81
C GLN D 555 62.61 23.92 -10.78
N ILE D 556 61.49 23.30 -11.12
CA ILE D 556 60.65 22.61 -10.14
C ILE D 556 61.16 21.19 -9.96
N SER D 557 61.43 20.80 -8.73
CA SER D 557 61.95 19.47 -8.44
C SER D 557 60.85 18.47 -8.11
N LEU D 558 59.58 18.89 -8.10
CA LEU D 558 58.40 18.08 -7.79
C LEU D 558 58.34 17.67 -6.32
N ILE D 559 59.36 17.95 -5.51
CA ILE D 559 59.36 17.68 -4.09
C ILE D 559 59.80 18.95 -3.37
N GLY D 560 58.97 19.44 -2.46
CA GLY D 560 59.24 20.66 -1.73
C GLY D 560 59.47 20.43 -0.25
N GLN D 561 59.55 21.54 0.48
CA GLN D 561 59.74 21.52 1.92
C GLN D 561 58.70 22.39 2.60
N GLY D 562 58.41 22.06 3.86
CA GLY D 562 57.46 22.81 4.64
C GLY D 562 57.98 22.97 6.05
N LYS D 563 57.51 24.02 6.71
CA LYS D 563 58.05 24.41 8.01
C LYS D 563 56.92 24.54 9.03
N THR D 564 57.10 23.89 10.18
CA THR D 564 56.23 24.05 11.34
C THR D 564 57.09 24.19 12.58
N SER D 565 56.60 24.98 13.54
CA SER D 565 57.30 25.21 14.81
C SER D 565 58.76 25.59 14.56
N ASP D 566 58.91 26.76 13.93
CA ASP D 566 60.17 27.34 13.48
C ASP D 566 61.22 26.32 13.06
N HIS D 567 62.11 25.92 13.96
CA HIS D 567 63.26 25.08 13.61
C HIS D 567 62.87 23.61 13.54
N LEU D 568 61.88 23.31 12.69
CA LEU D 568 61.46 21.94 12.41
C LEU D 568 61.08 21.88 10.94
N ILE D 569 61.95 21.26 10.13
CA ILE D 569 61.77 21.20 8.69
C ILE D 569 61.50 19.76 8.29
N PHE D 570 60.88 19.58 7.12
CA PHE D 570 60.57 18.27 6.60
C PHE D 570 60.45 18.34 5.08
N ASN D 571 60.53 17.19 4.45
CA ASN D 571 60.36 17.07 3.00
C ASN D 571 58.99 16.49 2.69
N MET D 572 58.27 17.12 1.77
CA MET D 572 56.94 16.70 1.36
C MET D 572 56.89 16.63 -0.15
N CYS D 573 55.78 16.10 -0.67
CA CYS D 573 55.53 16.02 -2.10
C CYS D 573 54.52 17.09 -2.47
N LEU D 574 54.88 17.95 -3.41
CA LEU D 574 54.06 19.11 -3.74
C LEU D 574 52.72 18.70 -4.33
N ILE D 575 51.70 19.51 -4.08
CA ILE D 575 50.38 19.35 -4.66
C ILE D 575 50.23 20.38 -5.77
N ASP D 576 50.13 19.91 -7.01
CA ASP D 576 50.01 20.80 -8.14
C ASP D 576 48.55 21.06 -8.46
N ARG D 577 48.30 21.90 -9.47
CA ARG D 577 46.95 22.31 -9.81
C ARG D 577 46.18 21.26 -10.59
N TRP D 578 46.82 20.19 -11.01
CA TRP D 578 46.14 19.08 -11.66
C TRP D 578 45.56 18.09 -10.67
N ASP D 579 45.84 18.26 -9.37
CA ASP D 579 45.29 17.40 -8.34
C ASP D 579 43.97 17.91 -7.78
N TYR D 580 43.69 19.20 -7.91
CA TYR D 580 42.36 19.69 -7.60
C TYR D 580 41.34 19.23 -8.62
N MET D 581 41.79 18.85 -9.81
CA MET D 581 40.88 18.45 -10.88
C MET D 581 40.67 16.94 -10.95
N THR D 582 41.64 16.13 -10.56
CA THR D 582 41.35 14.71 -10.35
C THR D 582 40.93 14.45 -8.92
N ALA D 583 40.03 15.29 -8.42
CA ALA D 583 39.23 15.07 -7.24
C ALA D 583 37.82 15.54 -7.46
N VAL D 584 37.57 16.34 -8.50
CA VAL D 584 36.24 16.60 -9.00
C VAL D 584 35.83 15.58 -10.06
N ALA D 585 36.78 15.02 -10.80
CA ALA D 585 36.50 13.93 -11.72
C ALA D 585 36.20 12.62 -11.00
N GLU D 586 36.66 12.45 -9.77
CA GLU D 586 36.31 11.30 -8.97
C GLU D 586 35.05 11.50 -8.15
N PHE D 587 34.51 12.72 -8.14
CA PHE D 587 33.28 13.03 -7.42
C PHE D 587 32.10 13.21 -8.35
N LEU D 588 32.32 13.73 -9.56
CA LEU D 588 31.25 13.75 -10.57
C LEU D 588 30.96 12.37 -11.11
N PHE D 589 31.99 11.52 -11.22
CA PHE D 589 31.79 10.18 -11.73
C PHE D 589 30.98 9.32 -10.76
N LEU D 590 31.15 9.52 -9.46
CA LEU D 590 30.35 8.80 -8.47
C LEU D 590 28.92 9.31 -8.38
N LEU D 591 28.65 10.52 -8.87
CA LEU D 591 27.28 11.00 -8.97
C LEU D 591 26.47 10.20 -9.99
N TRP D 592 27.12 9.54 -10.93
CA TRP D 592 26.45 8.58 -11.80
C TRP D 592 26.12 7.29 -11.07
N GLY D 593 26.96 6.89 -10.11
CA GLY D 593 26.68 5.73 -9.30
C GLY D 593 25.68 5.95 -8.19
N VAL D 594 25.28 7.19 -7.97
CA VAL D 594 24.20 7.53 -7.05
C VAL D 594 22.86 7.55 -7.77
N TYR D 595 22.81 8.12 -8.97
CA TYR D 595 21.59 8.03 -9.77
C TYR D 595 21.27 6.60 -10.13
N LEU D 596 22.28 5.81 -10.49
CA LEU D 596 22.04 4.42 -10.88
C LEU D 596 21.51 3.59 -9.77
N CYS D 597 21.66 4.00 -8.51
CA CYS D 597 21.05 3.29 -7.40
C CYS D 597 19.76 3.97 -6.93
N TYR D 598 19.38 5.08 -7.57
CA TYR D 598 18.07 5.70 -7.38
C TYR D 598 17.02 5.03 -8.25
N ALA D 599 17.45 4.24 -9.24
CA ALA D 599 16.53 3.58 -10.15
C ALA D 599 16.51 2.06 -9.97
N VAL D 600 17.15 1.52 -8.94
CA VAL D 600 17.25 0.09 -8.75
C VAL D 600 16.74 -0.25 -7.35
N ARG D 601 16.17 0.74 -6.66
CA ARG D 601 15.64 0.49 -5.33
C ARG D 601 14.44 -0.46 -5.34
N THR D 602 13.87 -0.74 -6.50
CA THR D 602 12.66 -1.54 -6.61
C THR D 602 12.87 -2.87 -7.32
N VAL D 603 13.89 -2.99 -8.16
CA VAL D 603 14.11 -4.23 -8.92
C VAL D 603 14.29 -5.39 -7.96
N PRO D 604 13.61 -6.52 -8.14
CA PRO D 604 13.74 -7.64 -7.20
C PRO D 604 15.04 -8.39 -7.44
N SER D 605 15.87 -8.47 -6.40
CA SER D 605 17.16 -9.13 -6.47
C SER D 605 17.18 -10.33 -5.52
N ALA D 606 17.96 -11.34 -5.91
CA ALA D 606 18.00 -12.58 -5.13
C ALA D 606 18.87 -12.42 -3.89
N PHE D 607 20.14 -12.04 -4.06
CA PHE D 607 21.10 -11.96 -2.97
C PHE D 607 21.31 -10.55 -2.47
N HIS D 608 20.48 -9.61 -2.91
CA HIS D 608 20.51 -8.22 -2.45
C HIS D 608 21.86 -7.57 -2.73
N GLU D 609 22.60 -8.15 -3.67
CA GLU D 609 23.85 -7.52 -4.10
C GLU D 609 23.64 -6.12 -4.67
N PRO D 610 22.61 -5.85 -5.51
CA PRO D 610 22.39 -4.48 -5.96
C PRO D 610 22.14 -3.47 -4.86
N ARG D 611 22.23 -3.94 -3.61
CA ARG D 611 22.02 -3.09 -2.40
C ARG D 611 23.26 -3.03 -1.50
N TYR D 612 24.14 -4.02 -1.54
CA TYR D 612 25.39 -3.97 -0.77
C TYR D 612 26.43 -3.21 -1.58
N MET D 613 26.20 -3.00 -2.88
CA MET D 613 27.12 -2.24 -3.77
C MET D 613 26.61 -0.81 -3.87
N ALA D 614 25.55 -0.45 -3.17
CA ALA D 614 25.01 0.90 -3.37
C ALA D 614 25.36 1.68 -2.14
N VAL D 615 25.79 1.00 -1.10
CA VAL D 615 26.28 1.63 0.12
C VAL D 615 27.79 1.80 0.07
N ALA D 616 28.48 1.04 -0.78
CA ALA D 616 29.89 1.26 -1.06
C ALA D 616 30.13 2.45 -1.97
N VAL D 617 29.11 2.88 -2.70
CA VAL D 617 29.21 4.09 -3.52
C VAL D 617 28.79 5.31 -2.72
N HIS D 618 27.73 5.20 -1.92
CA HIS D 618 27.33 6.30 -1.05
C HIS D 618 28.38 6.59 0.00
N ASN D 619 29.19 5.61 0.35
CA ASN D 619 30.28 5.83 1.29
C ASN D 619 31.27 6.85 0.75
N GLU D 620 31.74 6.65 -0.47
CA GLU D 620 32.87 7.40 -0.99
C GLU D 620 32.52 8.81 -1.42
N LEU D 621 31.31 9.04 -1.92
CA LEU D 621 30.90 10.40 -2.24
C LEU D 621 30.88 11.27 -1.00
N ILE D 622 30.79 10.65 0.17
CA ILE D 622 30.72 11.36 1.45
C ILE D 622 32.05 11.33 2.17
N ILE D 623 32.66 10.14 2.28
CA ILE D 623 33.84 9.96 3.13
C ILE D 623 35.14 10.32 2.43
N SER D 624 35.14 10.50 1.12
CA SER D 624 36.34 10.87 0.39
C SER D 624 36.34 12.32 -0.07
N ALA D 625 35.20 13.01 0.00
CA ALA D 625 35.19 14.45 -0.18
C ALA D 625 35.74 15.19 1.02
N ILE D 626 35.95 14.48 2.13
CA ILE D 626 36.56 15.06 3.33
C ILE D 626 38.07 14.92 3.30
N PHE D 627 38.56 13.73 2.94
CA PHE D 627 40.00 13.49 2.91
C PHE D 627 40.71 14.38 1.91
N HIS D 628 40.03 14.75 0.82
CA HIS D 628 40.64 15.62 -0.17
C HIS D 628 40.68 17.07 0.32
N THR D 629 39.60 17.52 0.97
CA THR D 629 39.57 18.90 1.47
C THR D 629 40.61 19.12 2.56
N ILE D 630 40.75 18.17 3.48
CA ILE D 630 41.76 18.28 4.53
C ILE D 630 43.15 18.26 3.93
N ARG D 631 43.39 17.36 2.98
CA ARG D 631 44.71 17.23 2.37
C ARG D 631 45.10 18.42 1.50
N PHE D 632 44.15 19.29 1.16
CA PHE D 632 44.44 20.44 0.31
C PHE D 632 44.56 21.73 1.10
N VAL D 633 43.93 21.82 2.26
CA VAL D 633 44.00 23.01 3.10
C VAL D 633 45.09 22.83 4.13
N LEU D 634 44.94 21.80 4.97
CA LEU D 634 45.90 21.51 6.05
C LEU D 634 47.06 20.68 5.50
N ALA D 635 47.74 21.24 4.50
CA ALA D 635 48.77 20.51 3.77
C ALA D 635 50.14 21.12 3.92
N SER D 636 50.27 22.43 3.76
CA SER D 636 51.57 23.08 3.86
C SER D 636 52.19 22.89 5.24
N ARG D 637 51.37 23.00 6.29
CA ARG D 637 51.92 22.83 7.64
C ARG D 637 52.06 21.35 8.00
N LEU D 638 50.93 20.66 8.13
CA LEU D 638 50.82 19.22 8.42
C LEU D 638 52.02 18.67 9.18
N GLN D 639 52.56 17.54 8.72
CA GLN D 639 53.70 16.87 9.34
C GLN D 639 54.19 15.80 8.36
N SER D 640 55.08 14.92 8.85
CA SER D 640 55.48 13.75 8.08
C SER D 640 54.85 12.46 8.59
N ASP D 641 54.62 12.36 9.90
CA ASP D 641 53.93 11.20 10.47
C ASP D 641 52.44 11.41 10.65
N TRP D 642 51.94 12.63 10.45
CA TRP D 642 50.50 12.83 10.46
C TRP D 642 49.87 12.60 9.09
N MET D 643 50.60 12.92 8.02
CA MET D 643 50.11 12.58 6.68
C MET D 643 50.03 11.08 6.48
N LEU D 644 51.01 10.34 6.98
CA LEU D 644 50.94 8.88 6.89
C LEU D 644 49.73 8.31 7.58
N MET D 645 49.25 8.94 8.65
CA MET D 645 48.06 8.48 9.34
C MET D 645 46.78 8.87 8.61
N LEU D 646 46.75 10.06 8.01
CA LEU D 646 45.58 10.46 7.25
C LEU D 646 45.36 9.56 6.05
N TYR D 647 46.43 9.16 5.37
CA TYR D 647 46.30 8.18 4.30
C TYR D 647 45.87 6.82 4.84
N PHE D 648 46.46 6.39 5.96
CA PHE D 648 46.10 5.10 6.52
C PHE D 648 44.68 5.10 7.06
N ALA D 649 44.17 6.25 7.50
CA ALA D 649 42.81 6.36 7.98
C ALA D 649 41.81 6.57 6.85
N HIS D 650 42.28 6.62 5.62
CA HIS D 650 41.41 6.68 4.45
C HIS D 650 41.47 5.43 3.59
N THR D 651 42.62 4.76 3.50
CA THR D 651 42.74 3.53 2.73
C THR D 651 42.38 2.30 3.53
N HIS D 652 41.81 2.47 4.73
CA HIS D 652 41.26 1.37 5.50
C HIS D 652 39.82 1.61 5.89
N LEU D 653 39.31 2.83 5.69
CA LEU D 653 37.95 3.18 6.04
C LEU D 653 37.09 3.41 4.81
N THR D 654 37.67 3.29 3.62
CA THR D 654 37.01 3.48 2.34
C THR D 654 37.14 2.30 1.40
N VAL D 655 38.31 1.69 1.30
CA VAL D 655 38.54 0.62 0.33
C VAL D 655 38.49 -0.74 1.00
N THR D 656 38.84 -0.79 2.29
CA THR D 656 38.68 -2.03 3.03
C THR D 656 37.23 -2.35 3.33
N VAL D 657 36.41 -1.33 3.63
CA VAL D 657 34.98 -1.52 3.81
C VAL D 657 34.28 -1.94 2.52
N THR D 658 34.92 -1.75 1.36
CA THR D 658 34.33 -2.09 0.08
C THR D 658 34.60 -3.52 -0.35
N ILE D 659 35.80 -4.04 -0.13
CA ILE D 659 36.08 -5.44 -0.47
C ILE D 659 35.57 -6.33 0.66
N GLY D 660 34.89 -5.73 1.63
CA GLY D 660 34.21 -6.49 2.65
C GLY D 660 32.71 -6.45 2.44
N LEU D 661 32.24 -5.41 1.76
CA LEU D 661 30.82 -5.30 1.43
C LEU D 661 30.43 -6.08 0.20
N LEU D 662 31.41 -6.56 -0.58
CA LEU D 662 31.13 -7.32 -1.79
C LEU D 662 31.78 -8.69 -1.78
N LEU D 663 32.36 -9.14 -0.67
CA LEU D 663 32.99 -10.44 -0.64
C LEU D 663 32.37 -11.39 0.37
N ILE D 664 32.24 -10.99 1.63
CA ILE D 664 31.70 -11.90 2.65
C ILE D 664 30.19 -12.12 2.52
N PRO D 665 29.36 -11.16 2.08
CA PRO D 665 27.92 -11.48 1.93
C PRO D 665 27.66 -12.52 0.86
N LYS D 666 28.64 -12.86 0.04
CA LYS D 666 28.51 -13.90 -0.96
C LYS D 666 29.06 -15.24 -0.47
N PHE D 667 29.34 -15.36 0.83
CA PHE D 667 29.78 -16.62 1.41
C PHE D 667 28.90 -17.02 2.58
N SER D 668 28.31 -16.04 3.26
CA SER D 668 27.57 -16.29 4.49
C SER D 668 26.07 -16.06 4.33
N HIS D 669 25.66 -14.87 3.90
CA HIS D 669 24.24 -14.53 3.84
C HIS D 669 23.59 -15.24 2.67
N SER D 670 22.96 -16.39 2.95
CA SER D 670 22.26 -17.19 1.95
C SER D 670 23.10 -17.46 0.72
N SER D 708 2.99 -14.57 -39.90
CA SER D 708 3.41 -13.20 -40.24
C SER D 708 2.27 -12.22 -40.03
N LEU D 709 1.23 -12.34 -40.85
CA LEU D 709 0.06 -11.48 -40.74
C LEU D 709 -0.77 -11.76 -39.49
N ASP D 710 -0.65 -12.96 -38.91
CA ASP D 710 -1.39 -13.26 -37.69
C ASP D 710 -0.95 -12.37 -36.53
N PRO D 711 0.37 -12.16 -36.28
CA PRO D 711 0.74 -11.09 -35.36
C PRO D 711 0.76 -9.72 -36.04
N GLU D 712 -0.22 -9.46 -36.89
CA GLU D 712 -0.38 -8.13 -37.48
C GLU D 712 -1.78 -7.60 -37.19
N ASP D 713 -2.80 -8.42 -37.45
CA ASP D 713 -4.16 -7.97 -37.21
C ASP D 713 -4.45 -7.83 -35.73
N ILE D 714 -3.89 -8.73 -34.91
CA ILE D 714 -4.08 -8.63 -33.47
C ILE D 714 -3.46 -7.34 -32.95
N ARG D 715 -2.38 -6.87 -33.58
CA ARG D 715 -1.81 -5.58 -33.24
C ARG D 715 -2.77 -4.43 -33.49
N ASP D 716 -3.72 -4.57 -34.41
CA ASP D 716 -4.71 -3.55 -34.68
C ASP D 716 -5.92 -3.65 -33.77
N GLU D 717 -6.44 -4.86 -33.56
CA GLU D 717 -7.62 -5.02 -32.74
C GLU D 717 -7.35 -4.66 -31.28
N LEU D 718 -6.14 -4.94 -30.80
CA LEU D 718 -5.78 -4.57 -29.44
C LEU D 718 -5.70 -3.06 -29.25
N LYS D 719 -5.61 -2.28 -30.32
CA LYS D 719 -5.82 -0.85 -30.25
C LYS D 719 -7.29 -0.47 -30.36
N LYS D 720 -8.13 -1.35 -30.90
CA LYS D 720 -9.57 -1.09 -30.88
C LYS D 720 -10.12 -1.20 -29.46
N LEU D 721 -9.68 -2.22 -28.72
CA LEU D 721 -10.11 -2.38 -27.34
C LEU D 721 -9.69 -1.18 -26.50
N TYR D 722 -8.45 -0.73 -26.67
CA TYR D 722 -8.00 0.46 -25.95
C TYR D 722 -8.55 1.74 -26.54
N ALA D 723 -9.32 1.66 -27.63
CA ALA D 723 -10.04 2.81 -28.13
C ALA D 723 -11.48 2.84 -27.61
N GLN D 724 -12.18 1.70 -27.65
CA GLN D 724 -13.52 1.64 -27.10
C GLN D 724 -13.51 1.84 -25.59
N LEU D 725 -12.54 1.22 -24.91
CA LEU D 725 -12.46 1.37 -23.46
C LEU D 725 -12.11 2.80 -23.06
N GLU D 726 -11.37 3.50 -23.92
CA GLU D 726 -10.90 4.83 -23.61
C GLU D 726 -12.01 5.87 -23.66
N ILE D 727 -13.06 5.66 -24.44
CA ILE D 727 -14.08 6.70 -24.63
C ILE D 727 -15.05 6.67 -23.46
N TYR D 728 -15.10 5.54 -22.74
CA TYR D 728 -15.95 5.46 -21.56
C TYR D 728 -15.47 6.42 -20.47
N LYS D 729 -14.16 6.52 -20.29
CA LYS D 729 -13.63 7.34 -19.21
C LYS D 729 -13.24 8.72 -19.72
N ARG D 730 -13.00 8.85 -21.02
CA ARG D 730 -12.37 10.05 -21.60
C ARG D 730 -13.12 11.33 -21.28
N LYS D 731 -14.40 11.38 -21.62
CA LYS D 731 -15.19 12.57 -21.27
C LYS D 731 -16.59 12.21 -20.82
N LYS D 732 -16.93 10.92 -20.72
CA LYS D 732 -18.30 10.52 -20.42
C LYS D 732 -18.56 10.75 -18.93
N MET D 733 -18.98 11.97 -18.60
CA MET D 733 -19.42 12.33 -17.26
C MET D 733 -18.30 12.18 -16.23
N ILE D 734 -17.07 12.48 -16.63
CA ILE D 734 -15.92 12.35 -15.73
C ILE D 734 -15.78 13.52 -14.77
N THR D 735 -16.32 14.69 -15.11
CA THR D 735 -16.37 15.87 -14.24
C THR D 735 -15.00 16.40 -13.85
N ASN D 736 -13.94 15.86 -14.46
CA ASN D 736 -12.61 16.43 -14.30
C ASN D 736 -12.13 17.04 -15.60
N ASN D 737 -12.28 16.33 -16.70
CA ASN D 737 -11.91 16.80 -18.04
C ASN D 737 -12.74 18.03 -18.43
N PRO D 738 -14.08 18.02 -18.28
CA PRO D 738 -14.76 19.28 -18.61
C PRO D 738 -14.49 20.37 -17.58
C1 CLR E . 17.84 15.13 -19.98
C2 CLR E . 16.67 14.27 -19.52
C3 CLR E . 17.06 12.83 -19.28
C4 CLR E . 18.21 12.79 -18.29
C5 CLR E . 19.38 13.64 -18.77
C6 CLR E . 20.56 13.09 -18.98
C7 CLR E . 21.51 13.58 -20.01
C8 CLR E . 21.54 15.11 -20.12
C9 CLR E . 20.25 15.87 -19.74
C10 CLR E . 19.07 15.10 -19.03
C11 CLR E . 20.50 17.27 -19.15
C12 CLR E . 21.74 17.53 -18.27
C13 CLR E . 22.72 16.36 -18.13
C14 CLR E . 22.80 15.72 -19.54
C15 CLR E . 24.11 14.95 -19.56
C16 CLR E . 25.07 15.98 -18.95
C17 CLR E . 24.23 16.66 -17.83
C18 CLR E . 22.25 15.41 -17.01
C19 CLR E . 18.67 15.76 -17.70
C20 CLR E . 24.82 18.00 -17.33
C21 CLR E . 24.11 18.60 -16.12
C22 CLR E . 24.99 19.02 -18.45
C23 CLR E . 26.24 19.87 -18.35
C24 CLR E . 27.38 19.34 -19.17
C25 CLR E . 28.11 20.38 -20.03
C26 CLR E . 29.32 20.95 -19.32
C27 CLR E . 28.51 19.81 -21.38
O1 CLR E . 15.95 12.10 -18.75
C1 CLR F . 19.07 18.26 -22.51
C2 CLR F . 17.74 18.23 -23.26
C3 CLR F . 17.66 17.07 -24.22
C4 CLR F . 18.82 17.08 -25.18
C5 CLR F . 19.84 18.17 -24.87
C6 CLR F . 20.29 18.96 -25.83
C7 CLR F . 21.37 19.98 -25.68
C8 CLR F . 22.09 19.88 -24.34
C9 CLR F . 21.08 19.61 -23.22
C10 CLR F . 20.31 18.28 -23.43
C11 CLR F . 21.74 19.69 -21.83
C12 CLR F . 22.53 20.99 -21.61
C13 CLR F . 23.58 21.22 -22.69
C14 CLR F . 22.83 21.18 -24.04
C15 CLR F . 23.86 21.69 -25.05
C16 CLR F . 24.58 22.81 -24.27
C17 CLR F . 24.19 22.66 -22.77
C18 CLR F . 24.71 20.19 -22.61
C19 CLR F . 21.21 17.06 -23.13
C20 CLR F . 25.36 23.04 -21.86
C21 CLR F . 24.93 23.56 -20.49
C22 CLR F . 26.27 24.07 -22.57
C23 CLR F . 26.22 25.48 -22.00
C24 CLR F . 25.46 26.46 -22.88
C25 CLR F . 25.93 26.57 -24.32
C26 CLR F . 24.75 26.58 -25.29
C27 CLR F . 26.79 27.81 -24.53
O1 CLR F . 17.63 15.83 -23.49
C1 CLR G . 15.89 23.93 -31.89
C2 CLR G . 14.68 23.69 -32.80
C3 CLR G . 14.13 24.97 -33.36
C4 CLR G . 15.22 25.77 -34.05
C5 CLR G . 16.47 25.94 -33.21
C6 CLR G . 17.03 27.13 -33.02
C7 CLR G . 18.41 27.34 -32.48
C8 CLR G . 19.14 26.03 -32.22
C9 CLR G . 18.16 25.01 -31.61
C10 CLR G . 17.03 24.66 -32.62
C11 CLR G . 18.86 23.75 -31.09
C12 CLR G . 20.05 24.04 -30.18
C13 CLR G . 21.07 24.94 -30.88
C14 CLR G . 20.34 26.23 -31.30
C15 CLR G . 21.49 27.14 -31.76
C16 CLR G . 22.71 26.68 -30.92
C17 CLR G . 22.18 25.55 -30.00
C18 CLR G . 21.69 24.23 -32.10
C19 CLR G . 17.55 23.79 -33.77
C20 CLR G . 23.29 24.64 -29.42
C21 CLR G . 22.96 24.19 -28.00
C22 CLR G . 24.66 25.33 -29.45
C23 CLR G . 25.82 24.44 -29.83
C24 CLR G . 26.52 23.79 -28.65
C25 CLR G . 27.60 24.62 -27.95
C26 CLR G . 28.02 24.00 -26.63
C27 CLR G . 28.81 24.83 -28.84
O1 CLR G . 13.10 24.65 -34.30
C1 CLR H . 41.86 32.81 -10.19
C2 CLR H . 42.96 33.61 -9.52
C3 CLR H . 44.29 32.90 -9.55
C4 CLR H . 44.67 32.60 -10.98
C5 CLR H . 43.59 31.82 -11.71
C6 CLR H . 43.88 30.69 -12.33
C7 CLR H . 42.98 29.99 -13.31
C8 CLR H . 41.61 30.65 -13.44
C9 CLR H . 41.19 31.27 -12.10
C10 CLR H . 42.18 32.39 -11.65
C11 CLR H . 39.73 31.75 -12.11
C12 CLR H . 38.75 30.67 -12.58
C13 CLR H . 39.12 30.12 -13.96
C14 CLR H . 40.58 29.62 -13.88
C15 CLR H . 40.78 28.90 -15.21
C16 CLR H . 39.42 28.20 -15.45
C17 CLR H . 38.43 28.79 -14.40
C18 CLR H . 38.94 31.20 -15.05
C19 CLR H . 42.11 33.62 -12.58
C20 CLR H . 36.98 28.80 -14.90
C21 CLR H . 36.06 27.94 -14.03
C22 CLR H . 36.91 28.33 -16.36
C23 CLR H . 36.03 29.16 -17.25
C24 CLR H . 35.33 28.34 -18.31
C25 CLR H . 33.97 27.78 -17.92
C26 CLR H . 33.02 28.88 -17.47
C27 CLR H . 33.35 26.99 -19.06
O1 CLR H . 45.29 33.72 -8.95
C1 CLR I . 40.82 35.19 -16.82
C2 CLR I . 42.01 35.88 -16.14
C3 CLR I . 43.27 35.06 -16.26
C4 CLR I . 43.57 34.84 -17.73
C5 CLR I . 42.42 34.15 -18.44
C6 CLR I . 42.63 33.06 -19.17
C7 CLR I . 41.60 32.34 -19.97
C8 CLR I . 40.26 33.07 -20.04
C9 CLR I . 39.96 33.75 -18.68
C10 CLR I . 41.04 34.79 -18.29
C11 CLR I . 38.54 34.32 -18.63
C12 CLR I . 37.46 33.29 -19.03
C13 CLR I . 37.73 32.70 -20.42
C14 CLR I . 39.14 32.09 -20.38
C15 CLR I . 39.24 31.26 -21.65
C16 CLR I . 37.80 30.76 -21.87
C17 CLR I . 36.90 31.44 -20.81
C18 CLR I . 37.57 33.77 -21.51
C19 CLR I . 40.98 36.05 -19.18
C20 CLR I . 35.45 31.58 -21.30
C21 CLR I . 34.41 31.46 -20.18
C22 CLR I . 35.16 30.56 -22.41
C23 CLR I . 33.87 29.80 -22.24
C24 CLR I . 33.45 29.07 -23.49
C25 CLR I . 32.23 28.16 -23.34
C26 CLR I . 31.27 28.68 -22.28
C27 CLR I . 31.52 27.96 -24.66
O1 CLR I . 44.36 35.74 -15.64
C1 CLR J . 36.09 1.09 -31.27
C2 CLR J . 34.63 0.62 -31.15
C3 CLR J . 34.43 -0.72 -31.83
C4 CLR J . 35.37 -1.74 -31.22
C5 CLR J . 36.82 -1.30 -31.30
C6 CLR J . 37.73 -2.09 -31.85
C7 CLR J . 39.19 -1.78 -31.95
C8 CLR J . 39.58 -0.59 -31.08
C9 CLR J . 38.54 0.53 -31.24
C10 CLR J . 37.14 0.08 -30.75
C11 CLR J . 39.01 1.86 -30.61
C12 CLR J . 40.44 2.27 -31.00
C13 CLR J . 41.45 1.16 -30.69
C14 CLR J . 40.97 -0.10 -31.46
C15 CLR J . 42.14 -1.07 -31.40
C16 CLR J . 43.39 -0.16 -31.32
C17 CLR J . 42.87 1.29 -31.31
C18 CLR J . 41.54 0.91 -29.18
C19 CLR J . 37.08 0.03 -29.20
C20 CLR J . 43.90 2.28 -30.73
C21 CLR J . 44.55 3.14 -31.81
C22 CLR J . 44.98 1.53 -29.95
C23 CLR J . 45.59 2.30 -28.79
C24 CLR J . 44.98 1.94 -27.46
C25 CLR J . 45.96 1.46 -26.40
C26 CLR J . 47.21 2.34 -26.35
C27 CLR J . 46.36 0.00 -26.62
O1 CLR J . 33.08 -1.14 -31.68
C1 CLR K . 60.14 17.01 -31.59
C2 CLR K . 61.23 18.07 -31.79
C3 CLR K . 62.25 17.64 -32.82
C4 CLR K . 61.59 17.25 -34.13
C5 CLR K . 60.45 16.27 -33.92
C6 CLR K . 60.40 15.12 -34.58
C7 CLR K . 59.21 14.21 -34.62
C8 CLR K . 57.99 14.88 -34.00
C9 CLR K . 58.37 15.55 -32.67
C10 CLR K . 59.40 16.70 -32.90
C11 CLR K . 57.15 16.07 -31.91
C12 CLR K . 56.00 15.05 -31.80
C13 CLR K . 55.58 14.55 -33.18
C14 CLR K . 56.83 13.90 -33.81
C15 CLR K . 56.29 13.15 -35.02
C16 CLR K . 54.81 12.83 -34.66
C17 CLR K . 54.60 13.36 -33.22
C18 CLR K . 55.05 15.71 -34.04
C19 CLR K . 58.70 17.97 -33.40
C20 CLR K . 53.12 13.56 -32.84
C21 CLR K . 52.62 12.51 -31.86
C22 CLR K . 52.21 13.57 -34.09
C23 CLR K . 50.78 13.20 -33.84
C24 CLR K . 49.96 13.15 -35.09
C25 CLR K . 49.08 11.92 -35.26
C26 CLR K . 49.11 11.42 -36.69
C27 CLR K . 49.49 10.80 -34.31
O1 CLR K . 63.16 18.73 -33.06
C1 CLR L . 33.13 5.69 -50.12
C2 CLR L . 31.88 4.87 -49.77
C3 CLR L . 32.23 3.60 -49.05
C4 CLR L . 33.04 3.92 -47.80
C5 CLR L . 34.27 4.76 -48.11
C6 CLR L . 35.46 4.37 -47.69
C7 CLR L . 36.74 5.08 -47.99
C8 CLR L . 36.51 6.53 -48.42
C9 CLR L . 35.37 6.59 -49.45
C10 CLR L . 34.03 6.04 -48.91
C11 CLR L . 35.22 8.01 -50.04
C12 CLR L . 36.54 8.66 -50.51
C13 CLR L . 37.64 8.59 -49.45
C14 CLR L . 37.76 7.09 -49.06
C15 CLR L . 39.11 6.96 -48.35
C16 CLR L . 39.96 8.13 -48.88
C17 CLR L . 39.09 8.86 -49.95
C18 CLR L . 37.32 9.48 -48.24
C19 CLR L . 33.31 7.06 -48.01
C20 CLR L . 39.56 10.30 -50.21
C21 CLR L . 40.06 10.51 -51.63
C22 CLR L . 40.65 10.71 -49.20
C23 CLR L . 40.57 12.13 -48.71
C24 CLR L . 41.75 12.55 -47.89
C25 CLR L . 42.50 13.78 -48.39
C26 CLR L . 42.98 14.65 -47.24
C27 CLR L . 43.67 13.40 -49.28
O1 CLR L . 31.03 2.90 -48.69
C1 CLR M . 31.49 13.54 -54.42
C2 CLR M . 30.27 12.69 -54.81
C3 CLR M . 30.64 11.26 -55.09
C4 CLR M . 31.35 10.67 -53.89
C5 CLR M . 32.56 11.49 -53.50
C6 CLR M . 33.75 10.92 -53.41
C7 CLR M . 35.02 11.66 -53.12
C8 CLR M . 34.76 12.98 -52.42
C9 CLR M . 33.65 13.75 -53.17
C10 CLR M . 32.30 12.97 -53.24
C11 CLR M . 33.46 15.17 -52.57
C12 CLR M . 34.77 15.96 -52.45
C13 CLR M . 35.85 15.19 -51.67
C14 CLR M . 36.02 13.83 -52.37
C15 CLR M . 37.29 13.24 -51.75
C16 CLR M . 38.17 14.48 -51.46
C17 CLR M . 37.30 15.72 -51.79
C18 CLR M . 35.46 15.04 -50.19
C19 CLR M . 31.49 13.11 -51.94
C20 CLR M . 37.73 16.96 -50.98
C21 CLR M . 37.86 18.22 -51.84
C22 CLR M . 39.03 16.69 -50.23
C23 CLR M . 39.94 17.87 -50.05
C24 CLR M . 41.39 17.48 -49.82
C25 CLR M . 42.25 17.33 -51.07
C26 CLR M . 41.94 18.40 -52.10
C27 CLR M . 43.72 17.32 -50.72
O1 CLR M . 29.44 10.50 -55.37
C1 CLR N . 26.80 17.31 -53.94
C2 CLR N . 25.98 16.05 -54.24
C3 CLR N . 26.32 15.45 -55.58
C4 CLR N . 27.82 15.25 -55.74
C5 CLR N . 28.64 16.45 -55.33
C6 CLR N . 29.58 16.93 -56.13
C7 CLR N . 30.55 18.00 -55.78
C8 CLR N . 30.54 18.35 -54.29
C9 CLR N . 29.08 18.40 -53.77
C10 CLR N . 28.32 17.05 -53.98
C11 CLR N . 29.03 18.90 -52.33
C12 CLR N . 29.82 20.19 -52.06
C13 CLR N . 31.27 20.12 -52.57
C14 CLR N . 31.20 19.69 -54.05
C15 CLR N . 32.61 19.93 -54.56
C16 CLR N . 33.05 21.21 -53.83
C17 CLR N . 32.02 21.48 -52.69
C18 CLR N . 32.10 19.16 -51.72
C19 CLR N . 28.67 16.04 -52.88
C20 CLR N . 32.70 22.06 -51.45
C21 CLR N . 32.02 23.34 -50.95
C22 CLR N . 34.19 22.31 -51.71
C23 CLR N . 34.75 23.58 -51.13
C24 CLR N . 36.09 23.38 -50.45
C25 CLR N . 37.29 24.05 -51.13
C26 CLR N . 37.52 25.44 -50.58
C27 CLR N . 38.54 23.20 -51.01
O1 CLR N . 25.72 14.15 -55.67
C1 CLR O . 59.21 12.36 -26.16
C2 CLR O . 60.32 13.41 -26.06
C3 CLR O . 60.37 14.30 -27.27
C4 CLR O . 59.02 14.98 -27.46
C5 CLR O . 57.89 13.98 -27.53
C6 CLR O . 57.02 14.00 -28.53
C7 CLR O . 55.72 13.28 -28.55
C8 CLR O . 55.49 12.38 -27.34
C9 CLR O . 56.84 11.83 -26.83
C10 CLR O . 57.80 12.96 -26.41
C11 CLR O . 56.62 10.78 -25.73
C12 CLR O . 55.64 9.67 -26.14
C13 CLR O . 54.29 10.23 -26.57
C14 CLR O . 54.59 11.23 -27.71
C15 CLR O . 53.21 11.53 -28.30
C16 CLR O . 52.52 10.16 -28.28
C17 CLR O . 53.31 9.26 -27.30
C18 CLR O . 53.58 10.90 -25.39
C19 CLR O . 57.32 13.69 -25.14
C20 CLR O . 52.39 8.32 -26.51
C21 CLR O . 53.10 7.10 -25.93
C22 CLR O . 51.23 7.85 -27.41
C23 CLR O . 49.85 8.18 -26.90
C24 CLR O . 49.25 7.10 -26.05
C25 CLR O . 47.82 6.73 -26.38
C26 CLR O . 47.78 5.79 -27.57
C27 CLR O . 47.11 6.11 -25.18
O1 CLR O . 61.39 15.30 -27.11
C1 CLR P . 20.58 10.39 -16.45
C2 CLR P . 19.68 9.41 -17.22
C3 CLR P . 20.00 9.41 -18.69
C4 CLR P . 21.45 9.04 -18.90
C5 CLR P . 22.38 9.97 -18.16
C6 CLR P . 23.40 10.54 -18.80
C7 CLR P . 24.38 11.49 -18.19
C8 CLR P . 24.29 11.56 -16.67
C9 CLR P . 22.83 11.50 -16.22
C10 CLR P . 22.10 10.20 -16.68
C11 CLR P . 22.69 11.75 -14.70
C12 CLR P . 23.38 13.04 -14.23
C13 CLR P . 24.85 13.11 -14.65
C14 CLR P . 24.89 12.88 -16.18
C15 CLR P . 26.33 13.22 -16.57
C16 CLR P . 26.67 14.41 -15.64
C17 CLR P . 25.53 14.51 -14.58
C18 CLR P . 25.69 12.08 -13.87
C19 CLR P . 22.59 8.98 -15.89
C20 CLR P . 26.04 15.05 -13.24
C21 CLR P . 25.08 16.04 -12.60
C22 CLR P . 27.43 15.68 -13.41
C23 CLR P . 27.48 17.18 -13.24
C24 CLR P . 28.37 17.85 -14.26
C25 CLR P . 27.90 19.22 -14.74
C26 CLR P . 29.06 20.21 -14.81
C27 CLR P . 26.79 19.77 -13.86
O1 CLR P . 19.15 8.47 -19.37
C1 CLR Q . 23.54 4.03 1.57
C2 CLR Q . 22.21 3.55 1.03
C3 CLR Q . 21.38 2.79 2.04
C4 CLR Q . 22.12 2.62 3.35
C5 CLR Q . 22.72 3.89 3.90
C6 CLR Q . 22.74 4.15 5.19
C7 CLR Q . 23.96 4.71 5.84
C8 CLR Q . 25.16 4.57 4.90
C9 CLR Q . 24.89 5.06 3.46
C10 CLR Q . 23.46 4.79 2.92
C11 CLR Q . 25.36 6.50 3.22
C12 CLR Q . 26.80 6.74 3.70
C13 CLR Q . 26.89 6.54 5.21
C14 CLR Q . 26.47 5.08 5.50
C15 CLR Q . 26.74 4.94 6.99
C16 CLR Q . 28.08 5.70 7.16
C17 CLR Q . 28.31 6.50 5.85
C18 CLR Q . 26.03 7.59 5.96
C19 CLR Q . 22.68 6.11 2.73
C20 CLR Q . 29.07 7.81 6.12
C21 CLR Q . 30.21 8.05 5.14
C22 CLR Q . 29.60 7.84 7.56
C23 CLR Q . 29.75 9.21 8.16
C24 CLR Q . 28.43 9.84 8.51
C25 CLR Q . 28.25 11.30 8.06
C26 CLR Q . 29.58 11.90 7.64
C27 CLR Q . 27.23 11.40 6.94
O1 CLR Q . 20.14 3.48 2.26
C1 CLR R . 21.85 -0.03 5.69
C2 CLR R . 20.46 -0.47 5.24
C3 CLR R . 20.53 -1.27 3.96
C4 CLR R . 21.40 -2.49 4.19
C5 CLR R . 22.78 -2.13 4.68
C6 CLR R . 23.85 -2.64 4.08
C7 CLR R . 25.26 -2.55 4.61
C8 CLR R . 25.39 -1.66 5.85
C9 CLR R . 24.31 -0.56 5.82
C10 CLR R . 22.89 -1.17 5.85
C11 CLR R . 24.55 0.51 6.90
C12 CLR R . 25.97 1.07 6.90
C13 CLR R . 27.02 -0.02 7.04
C14 CLR R . 26.77 -1.03 5.89
C15 CLR R . 28.00 -1.93 5.95
C16 CLR R . 29.14 -0.90 6.12
C17 CLR R . 28.50 0.37 6.76
C18 CLR R . 26.92 -0.70 8.43
C19 CLR R . 22.61 -1.95 7.15
C20 CLR R . 28.84 1.66 5.99
C21 CLR R . 29.24 1.41 4.55
C22 CLR R . 29.96 2.43 6.72
C23 CLR R . 30.05 2.17 8.20
C24 CLR R . 31.28 2.80 8.82
C25 CLR R . 31.38 4.31 8.69
C26 CLR R . 31.15 5.01 10.02
C27 CLR R . 32.72 4.74 8.10
O1 CLR R . 19.22 -1.66 3.56
C1 CLR S . 27.21 -7.76 6.80
C2 CLR S . 26.10 -8.04 7.82
C3 CLR S . 24.83 -7.28 7.51
C4 CLR S . 25.13 -5.80 7.35
C5 CLR S . 26.59 -5.48 7.55
C6 CLR S . 26.96 -4.62 8.47
C7 CLR S . 28.39 -4.38 8.86
C8 CLR S . 29.30 -4.65 7.68
C9 CLR S . 29.03 -6.05 7.10
C10 CLR S . 27.56 -6.25 6.66
C11 CLR S . 30.04 -6.37 5.99
C12 CLR S . 31.51 -6.16 6.40
C13 CLR S . 31.76 -4.75 6.92
C14 CLR S . 30.77 -4.53 8.08
C15 CLR S . 31.25 -3.25 8.76
C16 CLR S . 32.78 -3.42 8.73
C17 CLR S . 33.12 -4.49 7.65
C18 CLR S . 31.58 -3.73 5.78
C19 CLR S . 27.35 -5.82 5.20
C20 CLR S . 34.36 -4.08 6.83
C21 CLR S . 35.41 -5.19 6.74
C22 CLR S . 34.97 -2.81 7.41
C23 CLR S . 36.41 -2.90 7.84
C24 CLR S . 37.03 -1.54 8.09
C25 CLR S . 37.94 -1.46 9.31
C26 CLR S . 37.88 -0.06 9.94
C27 CLR S . 39.38 -1.84 8.98
O1 CLR S . 24.26 -7.79 6.30
C1 CLR T . 44.87 25.85 -0.12
C2 CLR T . 46.12 25.66 -0.97
C3 CLR T . 46.71 26.98 -1.42
C4 CLR T . 45.62 28.00 -1.69
C5 CLR T . 44.27 27.38 -1.97
C6 CLR T . 43.65 27.58 -3.13
C7 CLR T . 42.51 26.75 -3.63
C8 CLR T . 41.80 25.96 -2.54
C9 CLR T . 42.86 25.38 -1.57
C10 CLR T . 43.69 26.48 -0.88
C11 CLR T . 42.21 24.41 -0.58
C12 CLR T . 41.44 23.29 -1.27
C13 CLR T . 40.34 23.81 -2.19
C14 CLR T . 40.98 24.83 -3.15
C15 CLR T . 39.79 25.20 -4.03
C16 CLR T . 39.16 23.82 -4.30
C17 CLR T . 39.76 22.84 -3.26
C18 CLR T . 39.19 24.43 -1.36
C19 CLR T . 42.83 27.34 0.07
C20 CLR T . 38.73 21.75 -2.93
C21 CLR T . 39.11 20.83 -1.79
C22 CLR T . 38.46 20.91 -4.20
C23 CLR T . 37.94 19.53 -3.94
C24 CLR T . 36.48 19.40 -4.26
C25 CLR T . 35.73 18.35 -3.48
C26 CLR T . 34.31 18.16 -4.02
C27 CLR T . 36.47 17.02 -3.51
O1 CLR T . 47.60 27.47 -0.42
C1 CLR U . 41.13 28.93 -8.71
C2 CLR U . 42.48 29.57 -8.35
C3 CLR U . 43.09 28.94 -7.12
C4 CLR U . 43.25 27.45 -7.33
C5 CLR U . 41.96 26.78 -7.73
C6 CLR U . 41.50 25.72 -7.07
C7 CLR U . 40.35 24.87 -7.50
C8 CLR U . 39.82 25.28 -8.87
C9 CLR U . 39.77 26.82 -8.97
C10 CLR U . 41.21 27.39 -8.91
C11 CLR U . 39.00 27.31 -10.19
C12 CLR U . 37.66 26.60 -10.44
C13 CLR U . 37.84 25.08 -10.49
C14 CLR U . 38.44 24.69 -9.14
C15 CLR U . 38.28 23.17 -9.05
C16 CLR U . 36.94 22.91 -9.78
C17 CLR U . 36.55 24.22 -10.52
C18 CLR U . 38.76 24.70 -11.67
C19 CLR U . 41.97 27.08 -10.21
C20 CLR U . 35.87 23.93 -11.87
C21 CLR U . 34.50 24.60 -12.00
C22 CLR U . 35.74 22.42 -12.08
C23 CLR U . 35.36 22.00 -13.48
C24 CLR U . 35.09 20.53 -13.61
C25 CLR U . 33.74 20.16 -14.22
C26 CLR U . 32.59 20.73 -13.40
C27 CLR U . 33.63 20.61 -15.66
O1 CLR U . 44.38 29.54 -6.88
C1 CLR V . 34.51 -5.81 -29.39
C2 CLR V . 33.61 -6.35 -30.50
C3 CLR V . 33.78 -7.84 -30.69
C4 CLR V . 35.22 -8.12 -31.12
C5 CLR V . 36.23 -7.07 -30.67
C6 CLR V . 37.32 -6.81 -31.38
C7 CLR V . 38.45 -5.92 -30.94
C8 CLR V . 38.34 -5.51 -29.48
C9 CLR V . 36.89 -5.14 -29.17
C10 CLR V . 35.95 -6.36 -29.35
C11 CLR V . 36.70 -4.53 -27.77
C12 CLR V . 37.70 -3.41 -27.45
C13 CLR V . 39.14 -3.84 -27.68
C14 CLR V . 39.24 -4.31 -29.14
C15 CLR V . 40.75 -4.39 -29.42
C16 CLR V . 41.38 -3.37 -28.45
C17 CLR V . 40.21 -2.72 -27.67
C18 CLR V . 39.54 -4.94 -26.68
C19 CLR V . 36.15 -7.36 -28.19
C20 CLR V . 40.64 -2.11 -26.32
C21 CLR V . 39.96 -0.77 -26.03
C22 CLR V . 42.17 -1.97 -26.24
C23 CLR V . 42.66 -0.74 -25.50
C24 CLR V . 43.20 -1.04 -24.12
C25 CLR V . 42.69 -0.13 -23.00
C26 CLR V . 42.24 -0.94 -21.80
C27 CLR V . 43.74 0.89 -22.59
O1 CLR V . 33.47 -8.64 -29.55
C1 CLR W . 37.57 -8.68 -24.62
C2 CLR W . 36.40 -9.53 -25.14
C3 CLR W . 36.34 -10.87 -24.46
C4 CLR W . 36.23 -10.67 -22.96
C5 CLR W . 37.33 -9.79 -22.40
C6 CLR W . 38.04 -10.21 -21.36
C7 CLR W . 39.25 -9.51 -20.82
C8 CLR W . 39.26 -8.04 -21.19
C9 CLR W . 38.93 -7.85 -22.68
C10 CLR W . 37.56 -8.46 -23.10
C11 CLR W . 39.07 -6.38 -23.09
C12 CLR W . 40.43 -5.76 -22.72
C13 CLR W . 40.79 -5.95 -21.25
C14 CLR W . 40.64 -7.45 -20.94
C15 CLR W . 41.29 -7.61 -19.58
C16 CLR W . 42.56 -6.74 -19.72
C17 CLR W . 42.28 -5.73 -20.87
C18 CLR W . 39.89 -5.07 -20.35
C19 CLR W . 36.40 -7.50 -22.72
C20 CLR W . 43.36 -5.78 -21.97
C21 CLR W . 44.35 -6.94 -21.81
C22 CLR W . 44.13 -4.45 -22.04
C23 CLR W . 44.47 -3.80 -20.71
C24 CLR W . 45.96 -3.62 -20.51
C25 CLR W . 46.47 -3.87 -19.10
C26 CLR W . 47.92 -3.43 -18.95
C27 CLR W . 46.31 -5.33 -18.70
O1 CLR W . 35.20 -11.60 -24.93
C1 CLR X . 41.11 -14.25 -15.85
C2 CLR X . 40.61 -15.68 -15.60
C3 CLR X . 41.54 -16.47 -14.69
C4 CLR X . 41.77 -15.71 -13.40
C5 CLR X . 42.27 -14.30 -13.65
C6 CLR X . 43.43 -13.91 -13.18
C7 CLR X . 44.12 -12.65 -13.61
C8 CLR X . 43.09 -11.58 -13.93
C9 CLR X . 42.06 -12.10 -14.95
C10 CLR X . 41.38 -13.45 -14.55
C11 CLR X . 41.03 -10.99 -15.26
C12 CLR X . 41.65 -9.64 -15.64
C13 CLR X . 42.75 -9.16 -14.68
C14 CLR X . 43.73 -10.34 -14.54
C15 CLR X . 44.95 -9.71 -13.85
C16 CLR X . 45.06 -8.35 -14.57
C17 CLR X . 43.68 -8.04 -15.21
C18 CLR X . 42.17 -8.76 -13.31
C19 CLR X . 40.04 -13.17 -13.84
C20 CLR X . 43.28 -6.56 -15.03
C21 CLR X . 42.17 -6.10 -15.96
C22 CLR X . 44.51 -5.67 -15.21
C23 CLR X . 44.21 -4.26 -15.63
C24 CLR X . 45.07 -3.23 -14.94
C25 CLR X . 44.52 -1.81 -14.96
C26 CLR X . 44.90 -1.08 -13.68
C27 CLR X . 45.00 -1.05 -16.17
O1 CLR X . 40.98 -17.75 -14.41
C1 CLR Y . 59.05 8.73 -14.33
C2 CLR Y . 60.22 9.72 -14.35
C3 CLR Y . 61.55 9.00 -14.39
C4 CLR Y . 61.58 8.13 -15.63
C5 CLR Y . 60.45 7.13 -15.65
C6 CLR Y . 60.70 5.85 -15.83
C7 CLR Y . 59.66 4.77 -15.94
C8 CLR Y . 58.23 5.30 -15.95
C9 CLR Y . 58.12 6.52 -15.02
C10 CLR Y . 59.04 7.69 -15.46
C11 CLR Y . 56.67 6.96 -14.83
C12 CLR Y . 55.79 5.82 -14.31
C13 CLR Y . 55.81 4.62 -15.25
C14 CLR Y . 57.29 4.21 -15.46
C15 CLR Y . 57.18 2.91 -16.25
C16 CLR Y . 55.87 2.27 -15.73
C17 CLR Y . 55.31 3.26 -14.69
C18 CLR Y . 55.11 4.94 -16.57
C19 CLR Y . 58.58 8.31 -16.77
C20 CLR Y . 53.80 3.05 -14.43
C21 CLR Y . 53.41 3.50 -13.04
C22 CLR Y . 53.41 1.58 -14.62
C23 CLR Y . 52.04 1.22 -14.08
C24 CLR Y . 52.06 0.26 -12.91
C25 CLR Y . 51.05 0.54 -11.79
C26 CLR Y . 51.74 0.93 -10.49
C27 CLR Y . 50.07 1.62 -12.19
O1 CLR Y . 62.61 9.96 -14.41
C1 CLR Z . 59.93 11.08 -19.62
C2 CLR Z . 60.99 12.16 -19.87
C3 CLR Z . 61.79 11.86 -21.10
C4 CLR Z . 60.87 11.76 -22.30
C5 CLR Z . 59.79 10.71 -22.09
C6 CLR Z . 59.59 9.77 -23.00
C7 CLR Z . 58.59 8.67 -22.90
C8 CLR Z . 57.55 8.93 -21.81
C9 CLR Z . 58.22 9.49 -20.55
C10 CLR Z . 58.97 10.82 -20.80
C11 CLR Z . 57.25 9.58 -19.36
C12 CLR Z . 56.48 8.28 -19.10
C13 CLR Z . 55.75 7.76 -20.35
C14 CLR Z . 56.82 7.63 -21.45
C15 CLR Z . 56.13 6.85 -22.56
C16 CLR Z . 55.19 5.89 -21.80
C17 CLR Z . 55.24 6.30 -20.30
C18 CLR Z . 54.61 8.71 -20.74
C19 CLR Z . 57.99 12.00 -20.95
C20 CLR Z . 53.93 5.96 -19.56
C21 CLR Z . 54.17 5.30 -18.21
C22 CLR Z . 53.03 5.10 -20.44
C23 CLR Z . 52.51 3.83 -19.79
C24 CLR Z . 52.56 2.64 -20.71
C25 CLR Z . 53.94 2.14 -21.08
C26 CLR Z . 53.96 1.48 -22.45
C27 CLR Z . 54.51 1.20 -20.03
O1 CLR Z . 62.74 12.92 -21.32
C21 EIJ AA . 27.28 8.34 -21.27
C25 EIJ AA . 28.79 8.57 -18.34
C02 EIJ AA . 39.48 16.78 -29.48
C03 EIJ AA . 39.15 15.42 -28.85
C04 EIJ AA . 37.65 15.23 -28.65
C05 EIJ AA . 37.30 13.76 -28.42
C06 EIJ AA . 36.94 13.34 -27.21
C07 EIJ AA . 36.61 11.85 -27.03
C08 EIJ AA . 35.93 11.54 -25.67
C09 EIJ AA . 35.61 11.81 -24.40
C10 EIJ AA . 34.75 10.69 -23.79
C11 EIJ AA . 34.68 9.45 -24.70
C12 EIJ AA . 33.49 8.53 -24.34
C13 EIJ AA . 32.13 9.19 -24.62
C14 EIJ AA . 31.42 8.58 -25.85
C15 EIJ AA . 30.25 7.65 -25.43
C16 EIJ AA . 29.37 8.29 -24.32
C17 EIJ AA . 27.99 7.56 -24.24
C20 EIJ AA . 26.48 7.67 -22.40
C23 EIJ AA . 27.39 8.30 -18.92
C26 EIJ AA . 28.79 9.75 -17.34
C27 EIJ AA . 30.13 9.89 -16.58
C28 EIJ AA . 30.35 11.31 -15.98
C29 EIJ AA . 31.47 12.09 -16.70
C30 EIJ AA . 32.82 12.05 -15.94
C31 EIJ AA . 33.13 13.36 -15.20
C32 EIJ AA . 34.30 14.15 -15.85
C33 EIJ AA . 35.35 13.20 -16.49
C34 EIJ AA . 36.73 13.88 -16.66
C35 EIJ AA . 37.74 12.99 -17.41
C36 EIJ AA . 38.58 12.11 -16.44
C37 EIJ AA . 40.04 11.98 -16.89
C38 EIJ AA . 40.87 11.06 -15.94
C39 EIJ AA . 41.03 11.69 -14.54
C40 EIJ AA . 24.98 7.95 -22.20
C46 EIJ AA . 23.76 3.75 -22.16
C47 EIJ AA . 22.49 3.30 -22.90
C49 EIJ AA . 22.44 1.77 -23.03
C51 EIJ AA . 23.68 1.23 -23.73
C53 EIJ AA . 24.98 1.71 -23.05
C55 EIJ AA . 25.01 3.24 -22.87
O18 EIJ AA . 27.87 6.47 -24.69
O19 EIJ AA . 26.87 8.21 -23.63
O22 EIJ AA . 27.22 7.54 -20.10
O24 EIJ AA . 26.43 8.74 -18.37
O41 EIJ AA . 24.59 7.49 -20.92
O43 EIJ AA . 23.46 5.58 -19.55
O44 EIJ AA . 25.76 5.22 -20.39
O45 EIJ AA . 23.79 5.15 -22.08
O48 EIJ AA . 21.37 3.76 -22.20
O50 EIJ AA . 21.30 1.41 -23.77
O52 EIJ AA . 23.64 -0.17 -23.70
O54 EIJ AA . 26.07 1.32 -23.85
O56 EIJ AA . 26.14 3.58 -22.10
P42 EIJ AA . 24.41 5.84 -20.70
C27 PEE BA . 38.96 9.58 -12.14
C26 PEE BA . 38.75 8.17 -12.69
C25 PEE BA . 37.77 8.15 -13.85
C24 PEE BA . 36.81 9.06 -13.92
C23 PEE BA . 35.82 9.05 -15.09
C22 PEE BA . 36.44 8.37 -16.34
C21 PEE BA . 36.63 8.25 -17.67
C20 PEE BA . 35.86 9.36 -18.46
C19 PEE BA . 34.30 9.11 -18.44
C18 PEE BA . 33.17 8.55 -18.93
C17 PEE BA . 33.46 7.62 -20.15
C16 PEE BA . 32.14 7.07 -20.77
C15 PEE BA . 31.48 5.95 -19.89
C14 PEE BA . 31.67 4.53 -20.49
C13 PEE BA . 30.32 3.92 -20.96
C12 PEE BA . 30.09 4.13 -22.48
C11 PEE BA . 30.76 3.04 -23.35
C10 PEE BA . 29.83 2.59 -24.53
O4 PEE BA . 28.67 2.88 -24.51
O2 PEE BA . 30.35 1.87 -25.67
C2 PEE BA . 30.05 2.47 -26.89
C1 PEE BA . 29.02 1.63 -27.63
O3P PEE BA . 28.80 0.42 -26.90
P PEE BA . 27.21 -0.12 -26.72
O2P PEE BA . 27.17 -1.27 -25.74
O1P PEE BA . 26.67 -0.58 -28.06
O4P PEE BA . 26.25 1.13 -26.13
C4 PEE BA . 25.43 1.85 -27.05
C5 PEE BA . 25.23 3.30 -26.48
N PEE BA . 26.42 4.12 -26.77
C3 PEE BA . 31.35 2.60 -27.78
O3 PEE BA . 32.00 3.87 -27.45
C30 PEE BA . 33.41 3.91 -27.81
O5 PEE BA . 33.94 2.93 -28.21
C31 PEE BA . 34.24 5.24 -27.67
C32 PEE BA . 35.29 5.40 -28.86
C33 PEE BA . 36.79 5.43 -28.36
C34 PEE BA . 37.17 6.81 -27.69
C35 PEE BA . 38.66 7.21 -27.98
C36 PEE BA . 39.22 8.24 -26.94
C37 PEE BA . 40.77 8.35 -27.02
C38 PEE BA . 41.36 9.43 -26.07
C39 PEE BA . 40.29 10.37 -25.53
C40 PEE BA . 40.82 11.18 -24.37
C41 PEE BA . 39.81 12.19 -23.84
C42 PEE BA . 40.04 13.60 -24.44
C43 PEE BA . 39.51 14.74 -23.49
C44 PEE BA . 39.76 16.18 -24.09
C45 PEE BA . 40.59 16.16 -25.42
#